data_9BTZ
#
_entry.id   9BTZ
#
_cell.length_a   214.567
_cell.length_b   69.621
_cell.length_c   143.344
_cell.angle_alpha   90.00
_cell.angle_beta   104.17
_cell.angle_gamma   90.00
#
_symmetry.space_group_name_H-M   'C 1 2 1'
#
loop_
_entity.id
_entity.type
_entity.pdbx_description
1 polymer 'Major histocompatibility complex class I-related gene protein'
2 polymer Beta-2-microglobulin
3 polymer 'Human TCR TRAV1-2_ALPHA'
4 polymer 'Human TCR TRBV6-1_BETA'
5 non-polymer Nicotinaldehyde
6 non-polymer 'ACETATE ION'
7 non-polymer GLYCEROL
8 non-polymer 'SODIUM ION'
9 water water
#
loop_
_entity_poly.entity_id
_entity_poly.type
_entity_poly.pdbx_seq_one_letter_code
_entity_poly.pdbx_strand_id
1 'polypeptide(L)'
;MRTHSLRYFRLGVSDPIHGVPEFISVGYVDSHPITTYDSVTRQKEPRAPWMAENLAPDHWERYTQLLRGWQQMFKVELKR
LQRHYNHSGSHTYQRMIGCELLEDGSTTGFLQYAYDGQDFLIFNKDTLSWLAVDNVAHTIKQAWEANQHELLYQKNWLEE
ECIAWLKRFLEYGKDTLQRTEPPLVRVNRKETFPGVTALFCKAHGFYPPEIYMTWMKNGEEIVQEIDYGDILPSGDGTYQ
AWASIELDPQSSNLYSCHVEHSGVHMVLQVP
;
A,C
2 'polypeptide(L)'
;MIQRTPKIQVYSRHPAENGKSNFLNCYVSGFHPSDIEVDLLKNGERIEKVEHSDLSFSKDWSFYLLYYTEFTPTEKDEYA
CRVNHVTLSQPKIVKWDRDM
;
B,F
3 'polypeptide(L)'
;MGQNIDQPTEMTATEGAIVQINCTYQTSGFNGLFWYQQHAGEAPTFLSYNVLDGLEEKGRFSSFLSRSKGYSYLLLKELQ
MKDSASYLCAVKDSNYQLIWGAGTKLIIKPDIQNPDPAVYQLRDSKSSDKSVCLFTDFDSQTNVSQSKDSDVYITDKCVL
DMRSMDFKSNSAVAWSNKSDFACANAFNNSIIPEDTFFPSPESS
;
D,G
4 'polypeptide(L)'
;MNAGVTQTPKFQVLKTGQSMTLQCAQDMNHNSMYWYRQDPGMGLRLIYYSASEGTTDKGEVPNGYNVSRLNKREFSLRLE
SAAPSQTSVYFCASSVWTGEGSGELFFGEGSRLTVLEDLKNVFPPEVAVFEPSEAEISHTQKATLVCLATGFYPDHVELS
WWVNGKEVHSGVCTDPQPLKEQPALNDSRYALSSRLRVSATFWQNPRNHFRCQVQFYGLSENDEWTQDRAKPVTQIVSAE
AWGRAD
;
E,H
#
loop_
_chem_comp.id
_chem_comp.type
_chem_comp.name
_chem_comp.formula
ACT non-polymer 'ACETATE ION' 'C2 H3 O2 -1'
GOL non-polymer GLYCEROL 'C3 H8 O3'
NA non-polymer 'SODIUM ION' 'Na 1'
XIE non-polymer Nicotinaldehyde 'C6 H5 N O'
#
# COMPACT_ATOMS: atom_id res chain seq x y z
N MET A 1 -49.80 42.17 8.87
CA MET A 1 -48.88 43.10 8.21
C MET A 1 -49.46 43.63 6.89
N ARG A 2 -48.74 44.55 6.25
CA ARG A 2 -49.06 44.93 4.88
C ARG A 2 -48.47 43.87 3.93
N THR A 3 -48.47 44.18 2.64
CA THR A 3 -47.93 43.27 1.63
C THR A 3 -46.41 43.43 1.54
N HIS A 4 -45.68 42.38 1.91
CA HIS A 4 -44.24 42.40 1.88
C HIS A 4 -43.70 41.47 0.80
N SER A 5 -42.44 41.70 0.42
CA SER A 5 -41.85 40.96 -0.68
C SER A 5 -40.37 40.76 -0.41
N LEU A 6 -39.85 39.64 -0.91
CA LEU A 6 -38.43 39.33 -0.84
C LEU A 6 -37.93 39.08 -2.26
N ARG A 7 -36.77 39.65 -2.60
CA ARG A 7 -36.24 39.56 -3.95
C ARG A 7 -34.73 39.36 -3.92
N TYR A 8 -34.24 38.55 -4.85
CA TYR A 8 -32.82 38.53 -5.17
C TYR A 8 -32.64 38.87 -6.64
N PHE A 9 -31.73 39.82 -6.90
CA PHE A 9 -31.33 40.21 -8.26
C PHE A 9 -29.88 39.78 -8.52
N ARG A 10 -29.64 39.22 -9.72
CA ARG A 10 -28.30 38.90 -10.18
C ARG A 10 -28.06 39.56 -11.53
N LEU A 11 -26.89 40.18 -11.67
CA LEU A 11 -26.52 40.91 -12.87
C LEU A 11 -25.17 40.42 -13.36
N GLY A 12 -25.10 40.11 -14.65
CA GLY A 12 -23.86 39.71 -15.29
C GLY A 12 -23.61 40.58 -16.50
N VAL A 13 -22.34 40.98 -16.67
CA VAL A 13 -21.92 41.80 -17.79
C VAL A 13 -20.83 41.05 -18.56
N SER A 14 -20.98 41.01 -19.90
CA SER A 14 -20.13 40.18 -20.75
C SER A 14 -18.67 40.63 -20.75
N ASP A 15 -18.39 41.87 -21.19
CA ASP A 15 -17.04 42.41 -21.25
C ASP A 15 -17.01 43.77 -20.58
N PRO A 16 -17.03 43.80 -19.25
CA PRO A 16 -17.15 45.07 -18.52
C PRO A 16 -15.94 45.97 -18.71
N ILE A 17 -16.06 47.19 -18.18
CA ILE A 17 -14.99 48.17 -18.27
C ILE A 17 -14.03 47.95 -17.10
N HIS A 18 -13.15 48.92 -16.85
CA HIS A 18 -12.08 48.74 -15.87
C HIS A 18 -12.65 48.50 -14.47
N GLY A 19 -13.46 49.42 -13.98
CA GLY A 19 -13.95 49.33 -12.61
C GLY A 19 -15.19 48.50 -12.42
N VAL A 20 -16.02 48.43 -13.46
CA VAL A 20 -17.29 47.69 -13.40
C VAL A 20 -17.03 46.24 -12.99
N PRO A 21 -17.84 45.65 -12.11
CA PRO A 21 -17.76 44.21 -11.89
C PRO A 21 -18.28 43.46 -13.09
N GLU A 22 -18.10 42.13 -13.05
CA GLU A 22 -18.67 41.22 -14.03
C GLU A 22 -19.90 40.53 -13.47
N PHE A 23 -20.12 40.62 -12.16
CA PHE A 23 -21.22 39.94 -11.48
C PHE A 23 -21.61 40.69 -10.22
N ILE A 24 -22.90 40.98 -10.07
CA ILE A 24 -23.45 41.66 -8.89
C ILE A 24 -24.70 40.92 -8.42
N SER A 25 -24.89 40.87 -7.10
CA SER A 25 -26.04 40.20 -6.54
C SER A 25 -26.47 40.98 -5.31
N VAL A 26 -27.77 41.32 -5.25
CA VAL A 26 -28.34 42.13 -4.18
C VAL A 26 -29.71 41.59 -3.81
N GLY A 27 -30.03 41.65 -2.52
CA GLY A 27 -31.27 41.11 -2.01
C GLY A 27 -32.08 42.20 -1.32
N TYR A 28 -33.39 42.08 -1.43
CA TYR A 28 -34.27 43.17 -1.03
C TYR A 28 -35.41 42.60 -0.23
N VAL A 29 -35.64 43.17 0.94
CA VAL A 29 -36.89 43.01 1.64
C VAL A 29 -37.69 44.27 1.39
N ASP A 30 -38.86 44.10 0.81
CA ASP A 30 -39.62 45.23 0.33
C ASP A 30 -38.69 46.07 -0.52
N SER A 31 -38.31 47.23 -0.02
CA SER A 31 -37.55 48.20 -0.79
C SER A 31 -36.16 48.44 -0.20
N HIS A 32 -35.71 47.54 0.69
CA HIS A 32 -34.46 47.68 1.43
C HIS A 32 -33.40 46.75 0.87
N PRO A 33 -32.24 47.22 0.42
CA PRO A 33 -31.14 46.28 0.17
C PRO A 33 -30.75 45.63 1.49
N ILE A 34 -30.65 44.30 1.48
CA ILE A 34 -30.33 43.56 2.69
C ILE A 34 -29.00 42.83 2.56
N THR A 35 -28.70 42.29 1.37
CA THR A 35 -27.47 41.54 1.10
C THR A 35 -26.85 42.02 -0.21
N THR A 36 -25.51 41.98 -0.28
CA THR A 36 -24.77 42.32 -1.48
C THR A 36 -23.58 41.40 -1.68
N TYR A 37 -23.24 41.18 -2.95
CA TYR A 37 -22.09 40.38 -3.39
C TYR A 37 -21.72 40.84 -4.80
N ASP A 38 -20.43 40.80 -5.09
CA ASP A 38 -19.96 41.15 -6.42
C ASP A 38 -18.68 40.37 -6.69
N SER A 39 -18.32 40.33 -7.98
CA SER A 39 -17.13 39.61 -8.42
C SER A 39 -15.84 40.29 -8.00
N VAL A 40 -15.90 41.47 -7.38
CA VAL A 40 -14.71 42.12 -6.86
C VAL A 40 -14.49 41.71 -5.42
N THR A 41 -15.39 42.13 -4.52
CA THR A 41 -15.25 41.75 -3.11
C THR A 41 -15.24 40.24 -2.92
N ARG A 42 -15.98 39.49 -3.76
CA ARG A 42 -16.12 38.04 -3.67
C ARG A 42 -16.59 37.60 -2.28
N GLN A 43 -17.53 38.35 -1.71
CA GLN A 43 -18.05 38.17 -0.36
C GLN A 43 -19.51 38.61 -0.29
N LYS A 44 -20.37 37.79 0.30
CA LYS A 44 -21.75 38.22 0.55
C LYS A 44 -21.80 38.94 1.89
N GLU A 45 -22.16 40.22 1.86
CA GLU A 45 -22.15 41.01 3.07
C GLU A 45 -23.52 41.62 3.30
N PRO A 46 -23.88 41.84 4.56
CA PRO A 46 -25.16 42.49 4.88
C PRO A 46 -25.23 43.93 4.40
N ARG A 47 -26.45 44.40 4.20
CA ARG A 47 -26.65 45.76 3.80
C ARG A 47 -27.67 46.47 4.69
N ALA A 48 -28.29 45.75 5.60
CA ALA A 48 -29.09 46.31 6.66
C ALA A 48 -28.47 45.93 7.99
N PRO A 49 -28.31 46.86 8.92
CA PRO A 49 -27.73 46.51 10.22
C PRO A 49 -28.47 45.38 10.91
N TRP A 50 -29.81 45.43 10.92
CA TRP A 50 -30.60 44.36 11.51
C TRP A 50 -30.40 43.02 10.81
N MET A 51 -29.82 43.02 9.60
CA MET A 51 -29.39 41.78 8.97
C MET A 51 -28.13 41.26 9.64
N ALA A 52 -27.13 42.12 9.80
CA ALA A 52 -25.89 41.74 10.46
C ALA A 52 -26.15 41.22 11.86
N GLU A 53 -27.08 41.84 12.58
CA GLU A 53 -27.23 41.55 14.00
C GLU A 53 -27.86 40.19 14.30
N ASN A 54 -28.57 39.59 13.33
CA ASN A 54 -29.32 38.36 13.58
C ASN A 54 -28.90 37.21 12.71
N LEU A 55 -28.05 37.45 11.73
CA LEU A 55 -27.46 36.36 10.97
C LEU A 55 -25.99 36.28 11.35
N ALA A 56 -25.60 35.08 11.81
CA ALA A 56 -24.26 34.79 12.31
C ALA A 56 -23.25 34.61 11.17
N PRO A 57 -21.95 34.71 11.47
CA PRO A 57 -20.93 34.55 10.41
C PRO A 57 -21.04 33.23 9.64
N ASP A 58 -21.46 32.14 10.28
CA ASP A 58 -21.73 30.89 9.56
C ASP A 58 -22.60 31.17 8.34
N HIS A 59 -23.70 31.88 8.55
CA HIS A 59 -24.59 32.22 7.44
C HIS A 59 -23.85 32.94 6.32
N TRP A 60 -23.03 33.94 6.66
CA TRP A 60 -22.38 34.71 5.61
C TRP A 60 -21.24 33.93 4.97
N GLU A 61 -20.61 33.02 5.75
CA GLU A 61 -19.58 32.14 5.19
C GLU A 61 -20.18 31.18 4.17
N ARG A 62 -21.28 30.50 4.53
CA ARG A 62 -21.92 29.55 3.62
C ARG A 62 -22.33 30.21 2.31
N TYR A 63 -22.91 31.41 2.39
CA TYR A 63 -23.47 32.05 1.21
C TYR A 63 -22.40 32.76 0.39
N THR A 64 -21.31 33.18 1.03
CA THR A 64 -20.15 33.63 0.27
C THR A 64 -19.70 32.56 -0.73
N GLN A 65 -19.55 31.31 -0.25
CA GLN A 65 -19.16 30.22 -1.12
C GLN A 65 -20.18 30.01 -2.23
N LEU A 66 -21.47 30.02 -1.89
CA LEU A 66 -22.50 29.72 -2.88
C LEU A 66 -22.55 30.76 -4.00
N LEU A 67 -22.28 32.03 -3.68
CA LEU A 67 -22.40 33.00 -4.77
C LEU A 67 -21.21 32.91 -5.71
N ARG A 68 -20.03 32.64 -5.15
CA ARG A 68 -18.85 32.37 -5.97
C ARG A 68 -19.18 31.32 -7.01
N GLY A 69 -19.79 30.20 -6.59
CA GLY A 69 -20.24 29.21 -7.54
C GLY A 69 -21.27 29.76 -8.50
N TRP A 70 -22.23 30.54 -7.99
CA TRP A 70 -23.25 31.10 -8.85
C TRP A 70 -22.67 32.12 -9.81
N GLN A 71 -21.75 32.95 -9.33
CA GLN A 71 -21.06 33.88 -10.20
C GLN A 71 -20.53 33.17 -11.44
N GLN A 72 -19.87 32.03 -11.25
CA GLN A 72 -19.32 31.27 -12.38
C GLN A 72 -20.43 30.60 -13.20
N MET A 73 -21.47 30.09 -12.54
CA MET A 73 -22.62 29.61 -13.28
C MET A 73 -23.22 30.72 -14.12
N PHE A 74 -23.28 31.93 -13.57
CA PHE A 74 -23.87 33.03 -14.33
C PHE A 74 -23.00 33.42 -15.50
N LYS A 75 -21.66 33.36 -15.37
CA LYS A 75 -20.81 33.61 -16.53
C LYS A 75 -21.01 32.55 -17.61
N VAL A 76 -21.10 31.28 -17.22
CA VAL A 76 -21.27 30.19 -18.19
C VAL A 76 -22.55 30.38 -18.98
N GLU A 77 -23.66 30.67 -18.29
CA GLU A 77 -24.93 30.89 -18.99
C GLU A 77 -24.84 32.08 -19.93
N LEU A 78 -24.18 33.16 -19.51
CA LEU A 78 -24.08 34.34 -20.35
C LEU A 78 -23.33 34.02 -21.64
N LYS A 79 -22.09 33.49 -21.52
CA LYS A 79 -21.33 33.07 -22.69
C LYS A 79 -22.21 32.26 -23.66
N ARG A 80 -22.97 31.31 -23.13
CA ARG A 80 -23.86 30.49 -23.95
C ARG A 80 -24.89 31.35 -24.69
N LEU A 81 -25.63 32.19 -23.96
CA LEU A 81 -26.65 33.05 -24.57
C LEU A 81 -26.05 33.91 -25.68
N GLN A 82 -24.94 34.57 -25.39
CA GLN A 82 -24.36 35.49 -26.35
C GLN A 82 -23.83 34.78 -27.60
N ARG A 83 -23.41 33.52 -27.47
CA ARG A 83 -22.99 32.77 -28.65
C ARG A 83 -24.19 32.40 -29.53
N HIS A 84 -25.32 32.04 -28.91
CA HIS A 84 -26.50 31.67 -29.68
C HIS A 84 -27.14 32.90 -30.34
N TYR A 85 -26.97 34.09 -29.75
CA TYR A 85 -27.48 35.31 -30.36
C TYR A 85 -26.55 35.84 -31.44
N ASN A 86 -25.33 35.28 -31.53
CA ASN A 86 -24.29 35.78 -32.42
C ASN A 86 -24.08 37.28 -32.20
N HIS A 87 -23.84 37.63 -30.93
CA HIS A 87 -23.65 39.02 -30.49
C HIS A 87 -22.21 39.26 -30.06
N SER A 88 -21.59 40.27 -30.64
CA SER A 88 -20.27 40.70 -30.18
C SER A 88 -20.43 41.81 -29.14
N GLY A 89 -19.34 42.11 -28.46
CA GLY A 89 -19.33 43.21 -27.52
C GLY A 89 -19.84 42.83 -26.14
N SER A 90 -20.17 43.84 -25.34
CA SER A 90 -20.59 43.62 -23.96
C SER A 90 -22.11 43.54 -23.88
N HIS A 91 -22.60 42.51 -23.20
CA HIS A 91 -24.04 42.29 -23.07
C HIS A 91 -24.40 41.90 -21.64
N THR A 92 -25.70 42.01 -21.33
CA THR A 92 -26.18 41.97 -19.97
C THR A 92 -27.13 40.80 -19.73
N TYR A 93 -26.85 40.03 -18.68
CA TYR A 93 -27.68 38.92 -18.25
C TYR A 93 -28.20 39.23 -16.86
N GLN A 94 -29.53 39.13 -16.66
CA GLN A 94 -30.16 39.47 -15.39
C GLN A 94 -31.10 38.37 -14.92
N ARG A 95 -31.08 38.15 -13.60
CA ARG A 95 -31.96 37.20 -12.93
C ARG A 95 -32.63 37.87 -11.74
N MET A 96 -33.95 37.65 -11.60
CA MET A 96 -34.72 38.06 -10.42
C MET A 96 -35.57 36.91 -9.93
N ILE A 97 -35.58 36.72 -8.62
CA ILE A 97 -36.39 35.69 -8.00
C ILE A 97 -36.92 36.21 -6.67
N GLY A 98 -38.13 35.78 -6.30
CA GLY A 98 -38.65 36.17 -5.02
C GLY A 98 -40.12 35.83 -4.87
N CYS A 99 -40.71 36.39 -3.81
CA CYS A 99 -42.07 36.06 -3.43
C CYS A 99 -42.72 37.25 -2.74
N GLU A 100 -44.06 37.23 -2.68
CA GLU A 100 -44.79 38.20 -1.88
C GLU A 100 -45.73 37.46 -0.94
N LEU A 101 -45.86 38.00 0.27
CA LEU A 101 -46.78 37.55 1.31
C LEU A 101 -47.81 38.64 1.50
N LEU A 102 -49.00 38.42 0.92
CA LEU A 102 -50.03 39.45 0.91
C LEU A 102 -50.65 39.61 2.29
N GLU A 103 -51.43 40.69 2.44
CA GLU A 103 -51.98 41.04 3.75
C GLU A 103 -52.89 39.95 4.30
N ASP A 104 -53.77 39.39 3.45
CA ASP A 104 -54.69 38.31 3.77
C ASP A 104 -54.04 36.92 3.72
N GLY A 105 -52.72 36.84 3.77
CA GLY A 105 -52.05 35.57 3.94
C GLY A 105 -51.72 34.83 2.66
N SER A 106 -52.42 35.11 1.57
CA SER A 106 -52.09 34.48 0.30
C SER A 106 -50.69 34.90 -0.12
N THR A 107 -50.10 34.13 -1.01
CA THR A 107 -48.71 34.35 -1.37
C THR A 107 -48.57 34.29 -2.88
N THR A 108 -47.48 34.85 -3.38
CA THR A 108 -47.12 34.75 -4.78
C THR A 108 -45.65 34.39 -4.91
N GLY A 109 -45.29 33.85 -6.06
CA GLY A 109 -43.90 33.58 -6.35
C GLY A 109 -43.56 33.75 -7.81
N PHE A 110 -42.34 34.21 -8.08
CA PHE A 110 -41.92 34.55 -9.43
C PHE A 110 -40.43 34.26 -9.60
N LEU A 111 -40.04 33.93 -10.83
CA LEU A 111 -38.65 33.71 -11.21
C LEU A 111 -38.52 33.99 -12.70
N GLN A 112 -37.64 34.93 -13.06
CA GLN A 112 -37.48 35.25 -14.48
C GLN A 112 -36.09 35.81 -14.76
N TYR A 113 -35.64 35.62 -16.02
CA TYR A 113 -34.34 36.04 -16.51
C TYR A 113 -34.48 37.04 -17.66
N ALA A 114 -33.45 37.89 -17.80
CA ALA A 114 -33.43 39.00 -18.73
C ALA A 114 -32.15 38.98 -19.55
N TYR A 115 -32.22 39.50 -20.77
CA TYR A 115 -31.04 39.64 -21.61
C TYR A 115 -31.05 41.01 -22.27
N ASP A 116 -30.05 41.84 -21.91
CA ASP A 116 -29.97 43.23 -22.36
C ASP A 116 -31.16 44.03 -21.88
N GLY A 117 -31.63 43.69 -20.68
CA GLY A 117 -32.70 44.40 -20.04
C GLY A 117 -34.08 44.10 -20.56
N GLN A 118 -34.26 43.07 -21.37
CA GLN A 118 -35.58 42.68 -21.83
C GLN A 118 -35.94 41.36 -21.18
N ASP A 119 -37.23 41.01 -21.23
CA ASP A 119 -37.60 39.68 -20.76
C ASP A 119 -36.96 38.63 -21.66
N PHE A 120 -36.63 37.49 -21.03
CA PHE A 120 -36.02 36.33 -21.69
C PHE A 120 -36.79 35.06 -21.36
N LEU A 121 -36.98 34.77 -20.07
CA LEU A 121 -37.59 33.53 -19.65
C LEU A 121 -38.36 33.79 -18.37
N ILE A 122 -39.65 33.47 -18.37
CA ILE A 122 -40.50 33.74 -17.21
C ILE A 122 -41.09 32.42 -16.72
N PHE A 123 -40.74 32.03 -15.49
CA PHE A 123 -41.21 30.78 -14.93
C PHE A 123 -42.66 30.88 -14.46
N ASN A 124 -43.37 29.76 -14.59
CA ASN A 124 -44.76 29.62 -14.16
C ASN A 124 -44.82 28.50 -13.12
N LYS A 125 -44.87 28.86 -11.84
CA LYS A 125 -44.83 27.84 -10.81
C LYS A 125 -46.13 27.02 -10.75
N ASP A 126 -47.11 27.30 -11.57
CA ASP A 126 -48.38 26.59 -11.52
C ASP A 126 -48.53 25.62 -12.67
N THR A 127 -48.17 25.99 -13.88
CA THR A 127 -48.08 25.02 -14.95
C THR A 127 -46.71 24.35 -15.03
N LEU A 128 -45.74 24.80 -14.22
CA LEU A 128 -44.39 24.22 -14.14
C LEU A 128 -43.69 24.21 -15.49
N SER A 129 -43.69 25.37 -16.16
CA SER A 129 -43.12 25.49 -17.49
C SER A 129 -42.62 26.91 -17.69
N TRP A 130 -41.66 27.05 -18.59
CA TRP A 130 -41.02 28.32 -18.88
C TRP A 130 -41.66 28.96 -20.12
N LEU A 131 -41.63 30.29 -20.15
CA LEU A 131 -42.13 31.04 -21.29
C LEU A 131 -40.93 31.69 -22.00
N ALA A 132 -40.84 31.42 -23.29
CA ALA A 132 -39.69 31.86 -24.08
C ALA A 132 -40.13 33.02 -24.95
N VAL A 133 -39.32 34.08 -24.95
CA VAL A 133 -39.64 35.27 -25.71
C VAL A 133 -39.09 35.22 -27.13
N ASP A 134 -38.19 34.28 -27.41
CA ASP A 134 -37.63 34.03 -28.75
C ASP A 134 -36.99 32.64 -28.77
N ASN A 135 -36.24 32.36 -29.84
CA ASN A 135 -35.76 31.01 -30.08
C ASN A 135 -34.44 30.70 -29.40
N VAL A 136 -33.61 31.71 -29.13
CA VAL A 136 -32.51 31.49 -28.19
C VAL A 136 -33.08 31.10 -26.83
N ALA A 137 -34.14 31.79 -26.39
CA ALA A 137 -34.79 31.42 -25.14
C ALA A 137 -35.58 30.12 -25.25
N HIS A 138 -36.04 29.76 -26.46
CA HIS A 138 -36.72 28.47 -26.65
C HIS A 138 -35.76 27.32 -26.38
N THR A 139 -34.52 27.42 -26.84
CA THR A 139 -33.53 26.38 -26.58
C THR A 139 -33.33 26.16 -25.08
N ILE A 140 -33.20 27.25 -24.31
CA ILE A 140 -33.00 27.11 -22.87
C ILE A 140 -34.26 26.58 -22.20
N LYS A 141 -35.42 26.85 -22.79
CA LYS A 141 -36.65 26.35 -22.18
C LYS A 141 -36.70 24.83 -22.24
N GLN A 142 -36.35 24.24 -23.39
CA GLN A 142 -36.46 22.80 -23.50
C GLN A 142 -35.39 22.10 -22.66
N ALA A 143 -34.20 22.68 -22.55
CA ALA A 143 -33.18 22.09 -21.70
C ALA A 143 -33.64 22.08 -20.25
N TRP A 144 -34.17 23.21 -19.78
CA TRP A 144 -34.59 23.32 -18.39
C TRP A 144 -35.84 22.49 -18.11
N GLU A 145 -36.73 22.35 -19.09
CA GLU A 145 -37.97 21.62 -18.86
C GLU A 145 -37.77 20.11 -18.89
N ALA A 146 -36.68 19.64 -19.51
CA ALA A 146 -36.38 18.22 -19.56
C ALA A 146 -36.08 17.67 -18.17
N ASN A 147 -35.50 18.50 -17.30
CA ASN A 147 -35.16 18.12 -15.93
C ASN A 147 -36.33 18.50 -15.03
N GLN A 148 -37.40 17.72 -15.14
CA GLN A 148 -38.63 17.97 -14.41
C GLN A 148 -38.37 18.19 -12.91
N HIS A 149 -37.37 17.51 -12.36
CA HIS A 149 -37.12 17.61 -10.92
C HIS A 149 -36.71 19.03 -10.53
N GLU A 150 -35.91 19.69 -11.37
CA GLU A 150 -35.45 21.03 -11.04
C GLU A 150 -36.56 22.06 -11.15
N LEU A 151 -37.63 21.75 -11.88
CA LEU A 151 -38.82 22.61 -11.87
C LEU A 151 -39.63 22.43 -10.58
N LEU A 152 -39.90 21.19 -10.20
CA LEU A 152 -40.52 20.94 -8.90
C LEU A 152 -39.69 21.53 -7.77
N TYR A 153 -38.38 21.58 -7.96
CA TYR A 153 -37.52 22.20 -6.97
C TYR A 153 -37.88 23.66 -6.78
N GLN A 154 -37.86 24.43 -7.88
CA GLN A 154 -38.08 25.87 -7.81
C GLN A 154 -39.48 26.21 -7.29
N LYS A 155 -40.49 25.42 -7.66
CA LYS A 155 -41.82 25.58 -7.07
C LYS A 155 -41.76 25.52 -5.54
N ASN A 156 -41.26 24.40 -4.98
CA ASN A 156 -41.20 24.27 -3.53
C ASN A 156 -40.46 25.43 -2.88
N TRP A 157 -39.36 25.87 -3.48
CA TRP A 157 -38.61 26.96 -2.85
C TRP A 157 -39.40 28.25 -2.90
N LEU A 158 -40.04 28.55 -4.04
CA LEU A 158 -40.80 29.80 -4.16
C LEU A 158 -41.98 29.83 -3.18
N GLU A 159 -42.69 28.72 -3.03
CA GLU A 159 -43.92 28.70 -2.26
C GLU A 159 -43.73 28.45 -0.76
N GLU A 160 -42.62 27.83 -0.34
CA GLU A 160 -42.37 27.47 1.06
C GLU A 160 -41.11 28.11 1.62
N GLU A 161 -39.99 28.00 0.88
CA GLU A 161 -38.70 28.43 1.41
C GLU A 161 -38.48 29.92 1.24
N CYS A 162 -38.88 30.49 0.09
CA CYS A 162 -38.84 31.94 -0.02
C CYS A 162 -39.69 32.58 1.07
N ILE A 163 -40.93 32.11 1.22
CA ILE A 163 -41.83 32.72 2.19
C ILE A 163 -41.31 32.54 3.60
N ALA A 164 -40.76 31.34 3.89
CA ALA A 164 -40.23 31.09 5.22
C ALA A 164 -39.12 32.09 5.55
N TRP A 165 -38.27 32.39 4.57
CA TRP A 165 -37.23 33.39 4.80
C TRP A 165 -37.86 34.74 5.10
N LEU A 166 -38.79 35.16 4.23
CA LEU A 166 -39.40 36.47 4.35
C LEU A 166 -39.95 36.70 5.75
N LYS A 167 -40.67 35.72 6.30
CA LYS A 167 -41.18 35.88 7.66
C LYS A 167 -40.06 36.13 8.64
N ARG A 168 -38.96 35.36 8.52
CA ARG A 168 -37.82 35.51 9.41
C ARG A 168 -37.22 36.91 9.28
N PHE A 169 -37.03 37.37 8.04
CA PHE A 169 -36.45 38.68 7.81
C PHE A 169 -37.33 39.80 8.35
N LEU A 170 -38.65 39.59 8.35
CA LEU A 170 -39.56 40.60 8.86
C LEU A 170 -39.34 40.82 10.34
N GLU A 171 -39.15 39.73 11.11
CA GLU A 171 -38.90 39.89 12.54
C GLU A 171 -37.53 40.50 12.79
N TYR A 172 -36.58 40.29 11.86
CA TYR A 172 -35.23 40.84 12.03
C TYR A 172 -35.22 42.35 11.89
N GLY A 173 -36.03 42.90 10.98
CA GLY A 173 -36.17 44.33 10.84
C GLY A 173 -37.59 44.80 11.07
N LYS A 174 -38.23 44.21 12.10
CA LYS A 174 -39.59 44.57 12.48
C LYS A 174 -39.72 46.08 12.63
N ASP A 175 -38.88 46.66 13.48
CA ASP A 175 -38.88 48.11 13.70
C ASP A 175 -38.75 48.91 12.40
N THR A 176 -37.86 48.50 11.50
CA THR A 176 -37.77 49.17 10.21
C THR A 176 -39.01 48.92 9.37
N LEU A 177 -39.40 47.66 9.19
CA LEU A 177 -40.27 47.32 8.07
C LEU A 177 -41.75 47.43 8.39
N GLN A 178 -42.15 47.32 9.65
CA GLN A 178 -43.56 47.30 10.03
C GLN A 178 -44.02 48.63 10.64
N ARG A 179 -43.14 49.62 10.73
CA ARG A 179 -43.47 50.97 11.17
C ARG A 179 -44.32 51.68 10.12
N THR A 180 -45.04 52.71 10.59
CA THR A 180 -45.89 53.54 9.73
C THR A 180 -45.63 55.00 10.07
N GLU A 181 -45.05 55.73 9.12
CA GLU A 181 -44.96 57.19 9.23
C GLU A 181 -45.91 57.80 8.22
N PRO A 182 -47.03 58.39 8.65
CA PRO A 182 -47.99 58.95 7.68
C PRO A 182 -47.45 60.23 7.05
N PRO A 183 -47.99 60.60 5.89
CA PRO A 183 -47.42 61.71 5.11
C PRO A 183 -47.95 63.09 5.47
N LEU A 184 -47.09 64.07 5.22
CA LEU A 184 -47.47 65.47 5.27
C LEU A 184 -47.86 65.92 3.87
N VAL A 185 -49.12 66.32 3.70
CA VAL A 185 -49.66 66.70 2.40
C VAL A 185 -50.09 68.16 2.44
N ARG A 186 -49.71 68.91 1.40
CA ARG A 186 -50.11 70.30 1.17
C ARG A 186 -50.59 70.42 -0.26
N VAL A 187 -51.04 71.62 -0.64
CA VAL A 187 -51.38 71.95 -2.02
C VAL A 187 -50.72 73.29 -2.38
N ASN A 188 -50.16 73.36 -3.59
CA ASN A 188 -49.46 74.54 -4.07
C ASN A 188 -49.92 74.88 -5.48
N ARG A 189 -49.68 76.12 -5.89
CA ARG A 189 -50.05 76.61 -7.21
C ARG A 189 -48.80 76.88 -8.05
N LYS A 190 -48.86 76.46 -9.32
CA LYS A 190 -47.73 76.63 -10.25
C LYS A 190 -48.19 76.67 -11.70
N THR A 197 -51.46 77.55 -15.26
CA THR A 197 -51.82 77.49 -13.85
C THR A 197 -52.31 76.11 -13.40
N ALA A 198 -51.55 75.46 -12.52
CA ALA A 198 -51.82 74.09 -12.12
C ALA A 198 -51.93 73.98 -10.60
N LEU A 199 -52.55 72.88 -10.17
CA LEU A 199 -52.66 72.51 -8.77
C LEU A 199 -51.71 71.34 -8.50
N PHE A 200 -50.82 71.51 -7.52
CA PHE A 200 -49.86 70.46 -7.17
C PHE A 200 -50.17 69.95 -5.77
N CYS A 201 -50.38 68.64 -5.65
CA CYS A 201 -50.67 67.98 -4.39
C CYS A 201 -49.41 67.24 -3.91
N LYS A 202 -48.67 67.85 -2.99
CA LYS A 202 -47.36 67.33 -2.64
C LYS A 202 -47.40 66.56 -1.32
N ALA A 203 -46.65 65.48 -1.26
CA ALA A 203 -46.70 64.57 -0.13
C ALA A 203 -45.28 64.19 0.23
N HIS A 204 -44.96 64.22 1.52
CA HIS A 204 -43.60 63.86 1.87
C HIS A 204 -43.55 63.39 3.33
N GLY A 205 -42.47 62.67 3.64
CA GLY A 205 -42.19 62.25 5.00
C GLY A 205 -42.79 60.92 5.37
N PHE A 206 -43.11 60.08 4.39
CA PHE A 206 -43.87 58.85 4.64
C PHE A 206 -43.09 57.57 4.34
N TYR A 207 -43.44 56.52 5.09
CA TYR A 207 -43.00 55.14 4.95
C TYR A 207 -44.18 54.31 5.42
N PRO A 208 -44.47 53.15 4.78
CA PRO A 208 -43.84 52.55 3.60
C PRO A 208 -44.12 53.37 2.35
N PRO A 209 -43.42 53.08 1.25
CA PRO A 209 -43.53 53.93 0.05
C PRO A 209 -44.79 53.76 -0.80
N GLU A 210 -45.74 52.92 -0.41
CA GLU A 210 -46.94 52.69 -1.22
C GLU A 210 -48.01 53.72 -0.87
N ILE A 211 -48.32 54.58 -1.84
CA ILE A 211 -49.24 55.70 -1.65
C ILE A 211 -49.95 55.96 -2.96
N TYR A 212 -51.26 56.14 -2.89
CA TYR A 212 -52.03 56.54 -4.06
C TYR A 212 -52.49 57.99 -3.87
N MET A 213 -52.22 58.82 -4.88
CA MET A 213 -52.57 60.24 -4.86
C MET A 213 -53.33 60.57 -6.13
N THR A 214 -54.60 60.94 -6.03
CA THR A 214 -55.33 61.36 -7.22
C THR A 214 -56.00 62.72 -7.00
N TRP A 215 -56.51 63.27 -8.11
CA TRP A 215 -57.32 64.49 -8.14
C TRP A 215 -58.73 64.14 -8.60
N MET A 216 -59.73 64.78 -7.98
CA MET A 216 -61.13 64.58 -8.34
C MET A 216 -61.83 65.91 -8.61
N LYS A 217 -62.68 65.94 -9.64
CA LYS A 217 -63.50 67.10 -9.97
C LYS A 217 -64.92 66.87 -9.46
N ASN A 218 -65.30 67.57 -8.40
CA ASN A 218 -66.68 67.61 -7.95
C ASN A 218 -67.22 66.21 -7.66
N GLY A 219 -66.35 65.27 -7.32
CA GLY A 219 -66.77 63.93 -7.01
C GLY A 219 -66.48 62.90 -8.09
N GLU A 220 -66.07 63.33 -9.28
CA GLU A 220 -65.67 62.43 -10.35
C GLU A 220 -64.18 62.57 -10.62
N GLU A 221 -63.52 61.45 -10.85
CA GLU A 221 -62.08 61.44 -11.07
C GLU A 221 -61.77 61.77 -12.53
N ILE A 222 -60.57 62.32 -12.75
CA ILE A 222 -60.13 62.61 -14.11
C ILE A 222 -58.76 61.98 -14.34
N VAL A 223 -58.72 60.67 -14.62
CA VAL A 223 -57.47 59.91 -14.64
C VAL A 223 -56.59 60.23 -15.85
N GLN A 224 -57.20 60.69 -16.95
CA GLN A 224 -56.44 61.09 -18.13
C GLN A 224 -55.93 62.53 -18.04
N GLU A 225 -56.52 63.37 -17.19
CA GLU A 225 -56.06 64.72 -16.99
C GLU A 225 -55.02 64.85 -15.89
N ILE A 226 -54.92 63.89 -14.98
CA ILE A 226 -53.94 63.94 -13.90
C ILE A 226 -52.55 63.67 -14.46
N ASP A 227 -51.59 64.52 -14.08
CA ASP A 227 -50.19 64.29 -14.36
C ASP A 227 -49.53 63.78 -13.08
N TYR A 228 -49.10 62.51 -13.09
CA TYR A 228 -48.61 61.84 -11.89
C TYR A 228 -47.09 61.99 -11.73
N GLY A 229 -46.66 62.35 -10.54
CA GLY A 229 -45.25 62.30 -10.20
C GLY A 229 -44.80 60.91 -9.73
N ASP A 230 -43.48 60.74 -9.67
CA ASP A 230 -42.92 59.48 -9.21
C ASP A 230 -42.64 59.54 -7.73
N ILE A 231 -42.61 58.35 -7.12
CA ILE A 231 -42.35 58.23 -5.69
C ILE A 231 -40.84 58.21 -5.52
N LEU A 232 -40.29 59.26 -4.86
CA LEU A 232 -38.86 59.46 -4.77
C LEU A 232 -38.35 59.24 -3.35
N PRO A 233 -37.16 58.67 -3.18
CA PRO A 233 -36.54 58.60 -1.85
C PRO A 233 -36.06 59.96 -1.39
N SER A 234 -36.33 60.28 -0.12
CA SER A 234 -35.84 61.53 0.47
C SER A 234 -34.40 61.39 0.96
N GLY A 235 -34.05 60.24 1.52
CA GLY A 235 -32.72 60.01 2.06
C GLY A 235 -32.68 59.86 3.55
N ASP A 236 -33.79 59.92 4.25
CA ASP A 236 -33.78 59.72 5.69
C ASP A 236 -34.59 58.49 6.09
N GLY A 237 -35.06 57.72 5.10
CA GLY A 237 -35.90 56.57 5.33
C GLY A 237 -37.30 56.75 4.82
N THR A 238 -37.64 57.93 4.32
CA THR A 238 -39.00 58.22 3.87
C THR A 238 -38.97 58.64 2.41
N TYR A 239 -40.17 58.67 1.84
CA TYR A 239 -40.33 59.00 0.42
C TYR A 239 -41.26 60.20 0.27
N GLN A 240 -41.28 60.75 -0.95
CA GLN A 240 -42.08 61.92 -1.27
C GLN A 240 -42.58 61.82 -2.70
N ALA A 241 -43.85 62.13 -2.91
CA ALA A 241 -44.40 62.16 -4.26
C ALA A 241 -45.42 63.31 -4.39
N TRP A 242 -45.87 63.52 -5.63
CA TRP A 242 -46.74 64.63 -5.99
C TRP A 242 -47.64 64.19 -7.16
N ALA A 243 -48.68 64.97 -7.42
CA ALA A 243 -49.61 64.69 -8.52
C ALA A 243 -50.34 65.98 -8.87
N SER A 244 -50.22 66.44 -10.11
CA SER A 244 -50.75 67.74 -10.51
C SER A 244 -51.95 67.59 -11.44
N ILE A 245 -52.69 68.70 -11.60
CA ILE A 245 -53.74 68.81 -12.62
C ILE A 245 -53.71 70.24 -13.17
N GLU A 246 -54.20 70.40 -14.39
CA GLU A 246 -54.29 71.70 -15.05
C GLU A 246 -55.64 72.34 -14.73
N LEU A 247 -55.62 73.61 -14.33
CA LEU A 247 -56.80 74.33 -13.86
C LEU A 247 -57.49 75.05 -15.02
N ASP A 248 -58.82 74.88 -15.12
CA ASP A 248 -59.61 75.46 -16.22
C ASP A 248 -59.78 76.96 -16.03
N PRO A 249 -59.42 77.80 -17.03
CA PRO A 249 -59.55 79.25 -16.86
C PRO A 249 -60.95 79.78 -17.13
N GLN A 250 -61.79 79.02 -17.84
CA GLN A 250 -63.11 79.48 -18.26
C GLN A 250 -64.22 79.19 -17.25
N SER A 251 -64.05 78.20 -16.37
CA SER A 251 -65.09 77.79 -15.43
C SER A 251 -64.47 77.29 -14.14
N SER A 252 -65.08 77.65 -13.01
CA SER A 252 -64.62 77.18 -11.71
C SER A 252 -64.99 75.71 -11.54
N ASN A 253 -64.43 75.12 -10.48
CA ASN A 253 -64.56 73.68 -10.27
C ASN A 253 -64.06 73.36 -8.88
N LEU A 254 -64.77 72.46 -8.20
CA LEU A 254 -64.39 72.02 -6.85
C LEU A 254 -63.39 70.88 -7.00
N TYR A 255 -62.10 71.21 -6.92
CA TYR A 255 -61.04 70.21 -6.96
C TYR A 255 -60.76 69.68 -5.56
N SER A 256 -60.30 68.44 -5.49
CA SER A 256 -60.02 67.82 -4.19
C SER A 256 -58.98 66.73 -4.37
N CYS A 257 -57.79 66.92 -3.77
CA CYS A 257 -56.76 65.89 -3.76
C CYS A 257 -57.11 64.78 -2.78
N HIS A 258 -56.92 63.53 -3.23
CA HIS A 258 -57.13 62.35 -2.38
C HIS A 258 -55.82 61.58 -2.23
N VAL A 259 -55.55 61.13 -1.00
CA VAL A 259 -54.31 60.42 -0.67
C VAL A 259 -54.66 59.20 0.17
N GLU A 260 -54.35 58.02 -0.36
CA GLU A 260 -54.49 56.76 0.38
C GLU A 260 -53.11 56.26 0.81
N HIS A 261 -53.02 55.78 2.04
CA HIS A 261 -51.73 55.33 2.54
C HIS A 261 -51.84 54.60 3.87
N SER A 262 -51.49 53.31 3.84
CA SER A 262 -51.35 52.47 5.04
C SER A 262 -52.64 52.40 5.86
N GLY A 263 -53.77 52.37 5.16
CA GLY A 263 -55.07 52.18 5.78
C GLY A 263 -55.87 53.45 6.00
N VAL A 264 -55.28 54.63 5.78
CA VAL A 264 -55.98 55.89 6.02
C VAL A 264 -56.01 56.71 4.75
N HIS A 265 -57.18 57.29 4.49
CA HIS A 265 -57.45 58.04 3.27
C HIS A 265 -57.77 59.47 3.69
N MET A 266 -57.11 60.45 3.07
CA MET A 266 -57.39 61.84 3.40
C MET A 266 -57.76 62.64 2.15
N VAL A 267 -58.56 63.69 2.33
CA VAL A 267 -59.04 64.51 1.23
C VAL A 267 -58.68 65.96 1.50
N LEU A 268 -58.05 66.63 0.52
CA LEU A 268 -57.76 68.06 0.62
C LEU A 268 -58.65 68.78 -0.37
N GLN A 269 -59.62 69.55 0.13
CA GLN A 269 -60.43 70.36 -0.75
C GLN A 269 -59.77 71.72 -0.94
N VAL A 270 -59.69 72.15 -2.19
CA VAL A 270 -59.14 73.49 -2.44
C VAL A 270 -60.31 74.45 -2.56
N PRO A 271 -60.18 75.66 -2.03
CA PRO A 271 -61.25 76.66 -2.08
C PRO A 271 -61.14 77.59 -3.30
N ILE B 2 -31.91 46.90 -26.47
CA ILE B 2 -32.52 48.18 -26.14
C ILE B 2 -31.68 48.87 -25.09
N GLN B 3 -31.47 50.17 -25.29
CA GLN B 3 -30.81 50.99 -24.29
C GLN B 3 -31.82 52.03 -23.84
N ARG B 4 -32.13 52.01 -22.55
CA ARG B 4 -33.05 52.99 -21.97
C ARG B 4 -32.26 54.14 -21.36
N THR B 5 -32.64 55.36 -21.72
CA THR B 5 -31.90 56.56 -21.30
C THR B 5 -32.35 57.02 -19.91
N PRO B 6 -31.42 57.56 -19.10
CA PRO B 6 -31.74 57.84 -17.70
C PRO B 6 -32.81 58.91 -17.54
N LYS B 7 -33.60 58.75 -16.49
CA LYS B 7 -34.53 59.79 -16.02
C LYS B 7 -33.96 60.41 -14.73
N ILE B 8 -33.66 61.72 -14.79
CA ILE B 8 -33.03 62.47 -13.70
C ILE B 8 -34.08 63.34 -12.99
N GLN B 9 -33.96 63.46 -11.68
CA GLN B 9 -34.87 64.33 -10.93
C GLN B 9 -34.12 64.94 -9.75
N VAL B 10 -34.13 66.27 -9.69
CA VAL B 10 -33.37 67.01 -8.69
C VAL B 10 -34.35 67.65 -7.71
N TYR B 11 -34.27 67.26 -6.45
CA TYR B 11 -35.23 67.67 -5.44
C TYR B 11 -34.54 67.72 -4.09
N SER B 12 -35.24 68.27 -3.11
CA SER B 12 -34.68 68.45 -1.78
C SER B 12 -35.36 67.52 -0.78
N ARG B 13 -34.58 67.10 0.22
CA ARG B 13 -35.05 66.14 1.21
C ARG B 13 -36.22 66.70 2.00
N HIS B 14 -36.15 67.97 2.36
CA HIS B 14 -37.25 68.65 2.99
C HIS B 14 -37.66 69.82 2.11
N PRO B 15 -38.85 70.37 2.31
CA PRO B 15 -39.17 71.66 1.69
C PRO B 15 -38.13 72.69 2.12
N ALA B 16 -37.48 73.29 1.13
CA ALA B 16 -36.30 74.10 1.37
C ALA B 16 -36.70 75.51 1.73
N GLU B 17 -36.31 75.96 2.92
CA GLU B 17 -36.40 77.35 3.31
C GLU B 17 -34.99 77.91 3.34
N ASN B 18 -34.79 79.05 2.67
CA ASN B 18 -33.45 79.62 2.57
C ASN B 18 -32.87 79.84 3.96
N GLY B 19 -31.62 79.45 4.14
CA GLY B 19 -30.98 79.59 5.42
C GLY B 19 -30.91 78.28 6.18
N LYS B 20 -31.98 77.49 6.11
CA LYS B 20 -32.06 76.22 6.84
C LYS B 20 -31.29 75.14 6.10
N SER B 21 -30.53 74.35 6.84
CA SER B 21 -29.81 73.24 6.23
C SER B 21 -30.78 72.27 5.59
N ASN B 22 -30.37 71.68 4.47
CA ASN B 22 -31.16 70.68 3.79
C ASN B 22 -30.25 69.69 3.08
N PHE B 23 -30.86 68.88 2.21
CA PHE B 23 -30.17 67.88 1.42
C PHE B 23 -30.66 68.00 -0.01
N LEU B 24 -29.74 68.01 -0.97
CA LEU B 24 -30.09 68.02 -2.38
C LEU B 24 -29.95 66.62 -2.95
N ASN B 25 -31.01 66.14 -3.58
CA ASN B 25 -31.09 64.78 -4.09
C ASN B 25 -31.17 64.76 -5.61
N CYS B 26 -30.37 63.90 -6.22
CA CYS B 26 -30.45 63.63 -7.65
C CYS B 26 -30.68 62.12 -7.80
N TYR B 27 -31.90 61.73 -8.19
CA TYR B 27 -32.29 60.31 -8.25
C TYR B 27 -32.39 59.90 -9.71
N VAL B 28 -31.42 59.13 -10.19
CA VAL B 28 -31.38 58.62 -11.55
C VAL B 28 -32.00 57.22 -11.57
N SER B 29 -32.94 56.96 -12.47
CA SER B 29 -33.59 55.67 -12.48
C SER B 29 -34.07 55.33 -13.89
N GLY B 30 -34.41 54.05 -14.07
CA GLY B 30 -34.93 53.56 -15.34
C GLY B 30 -33.93 53.40 -16.45
N PHE B 31 -32.63 53.44 -16.15
CA PHE B 31 -31.64 53.35 -17.21
C PHE B 31 -31.05 51.95 -17.31
N HIS B 32 -30.47 51.65 -18.50
CA HIS B 32 -29.81 50.39 -18.83
C HIS B 32 -28.87 50.64 -20.00
N PRO B 33 -27.60 50.14 -19.98
CA PRO B 33 -26.79 49.45 -18.97
C PRO B 33 -26.39 50.29 -17.75
N SER B 34 -25.75 49.64 -16.76
CA SER B 34 -25.53 50.23 -15.45
C SER B 34 -24.37 51.21 -15.38
N ASP B 35 -23.58 51.32 -16.44
CA ASP B 35 -22.48 52.28 -16.45
C ASP B 35 -23.04 53.69 -16.46
N ILE B 36 -22.61 54.50 -15.49
CA ILE B 36 -23.16 55.83 -15.34
C ILE B 36 -22.26 56.63 -14.41
N GLU B 37 -22.14 57.94 -14.70
CA GLU B 37 -21.37 58.87 -13.90
C GLU B 37 -22.28 60.04 -13.53
N VAL B 38 -22.48 60.27 -12.23
CA VAL B 38 -23.34 61.32 -11.70
C VAL B 38 -22.51 62.33 -10.92
N ASP B 39 -22.78 63.63 -11.12
CA ASP B 39 -22.15 64.70 -10.37
C ASP B 39 -23.18 65.73 -9.97
N LEU B 40 -23.04 66.25 -8.74
CA LEU B 40 -23.83 67.38 -8.27
C LEU B 40 -23.05 68.66 -8.48
N LEU B 41 -23.70 69.65 -9.08
CA LEU B 41 -23.07 70.92 -9.40
C LEU B 41 -23.48 71.99 -8.39
N LYS B 42 -22.54 72.88 -8.06
CA LYS B 42 -22.82 74.09 -7.27
C LYS B 42 -22.47 75.30 -8.14
N ASN B 43 -23.49 75.94 -8.71
CA ASN B 43 -23.32 77.08 -9.60
C ASN B 43 -22.44 76.76 -10.81
N GLY B 44 -22.49 75.52 -11.31
CA GLY B 44 -21.73 75.17 -12.48
C GLY B 44 -20.47 74.39 -12.22
N GLU B 45 -20.04 74.27 -10.97
CA GLU B 45 -18.87 73.49 -10.61
C GLU B 45 -19.28 72.27 -9.79
N ARG B 46 -18.54 71.17 -9.97
CA ARG B 46 -18.86 69.90 -9.32
C ARG B 46 -18.58 69.96 -7.83
N ILE B 47 -19.57 69.59 -7.02
CA ILE B 47 -19.43 69.60 -5.56
C ILE B 47 -18.42 68.52 -5.15
N GLU B 48 -17.68 68.77 -4.06
CA GLU B 48 -16.64 67.84 -3.65
C GLU B 48 -17.22 66.59 -2.97
N LYS B 49 -17.67 66.72 -1.73
CA LYS B 49 -18.14 65.58 -0.93
C LYS B 49 -19.58 65.26 -1.29
N VAL B 50 -19.77 64.31 -2.20
CA VAL B 50 -21.09 63.87 -2.64
C VAL B 50 -21.25 62.43 -2.22
N GLU B 51 -22.31 62.13 -1.49
CA GLU B 51 -22.57 60.74 -1.16
C GLU B 51 -23.59 60.13 -2.12
N HIS B 52 -23.58 58.80 -2.20
CA HIS B 52 -24.56 58.14 -3.05
C HIS B 52 -24.73 56.71 -2.61
N SER B 53 -25.91 56.17 -2.94
CA SER B 53 -26.29 54.80 -2.65
C SER B 53 -25.62 53.84 -3.62
N ASP B 54 -25.73 52.55 -3.34
CA ASP B 54 -25.22 51.61 -4.30
C ASP B 54 -26.29 51.30 -5.35
N LEU B 55 -25.81 50.80 -6.49
CA LEU B 55 -26.67 50.48 -7.61
C LEU B 55 -27.82 49.56 -7.19
N SER B 56 -29.04 49.97 -7.50
CA SER B 56 -30.24 49.24 -7.15
C SER B 56 -30.91 48.72 -8.41
N PHE B 57 -31.74 47.68 -8.25
CA PHE B 57 -32.38 47.01 -9.38
C PHE B 57 -33.89 47.18 -9.35
N SER B 58 -34.49 47.10 -10.53
CA SER B 58 -35.93 47.26 -10.68
C SER B 58 -36.53 46.01 -11.30
N LYS B 59 -37.79 45.75 -10.97
CA LYS B 59 -38.52 44.64 -11.56
C LYS B 59 -38.48 44.65 -13.08
N ASP B 60 -38.41 45.82 -13.71
CA ASP B 60 -38.39 45.92 -15.17
C ASP B 60 -36.98 45.92 -15.73
N TRP B 61 -36.00 45.59 -14.89
CA TRP B 61 -34.62 45.31 -15.27
C TRP B 61 -33.83 46.56 -15.46
N SER B 62 -34.36 47.70 -15.03
CA SER B 62 -33.58 48.92 -15.03
C SER B 62 -32.95 49.12 -13.67
N PHE B 63 -32.05 50.09 -13.60
CA PHE B 63 -31.29 50.36 -12.39
C PHE B 63 -31.78 51.68 -11.79
N TYR B 64 -31.37 51.96 -10.55
CA TYR B 64 -31.58 53.30 -10.04
C TYR B 64 -30.53 53.62 -8.98
N LEU B 65 -30.22 54.93 -8.86
CA LEU B 65 -29.21 55.49 -7.99
C LEU B 65 -29.74 56.75 -7.33
N LEU B 66 -29.35 56.96 -6.07
CA LEU B 66 -29.62 58.23 -5.38
C LEU B 66 -28.29 58.87 -5.04
N TYR B 67 -28.01 60.01 -5.67
CA TYR B 67 -26.87 60.86 -5.31
C TYR B 67 -27.40 62.02 -4.49
N TYR B 68 -26.78 62.28 -3.35
CA TYR B 68 -27.22 63.41 -2.52
C TYR B 68 -26.02 64.20 -2.00
N THR B 69 -26.32 65.31 -1.34
CA THR B 69 -25.30 66.17 -0.71
C THR B 69 -26.00 67.07 0.31
N GLU B 70 -25.31 67.33 1.42
CA GLU B 70 -25.83 68.23 2.44
C GLU B 70 -25.45 69.66 2.11
N PHE B 71 -26.43 70.56 2.16
CA PHE B 71 -26.21 71.94 1.77
C PHE B 71 -27.14 72.85 2.57
N THR B 72 -27.00 74.14 2.32
CA THR B 72 -27.93 75.15 2.83
C THR B 72 -28.38 75.98 1.64
N PRO B 73 -29.65 75.93 1.26
CA PRO B 73 -30.08 76.64 0.04
C PRO B 73 -30.12 78.15 0.27
N THR B 74 -29.57 78.90 -0.67
CA THR B 74 -29.62 80.35 -0.63
C THR B 74 -30.29 80.88 -1.89
N GLU B 75 -30.64 82.17 -1.87
CA GLU B 75 -31.25 82.78 -3.04
C GLU B 75 -30.25 82.97 -4.17
N LYS B 76 -28.96 83.15 -3.84
CA LYS B 76 -27.98 83.40 -4.88
C LYS B 76 -27.60 82.13 -5.64
N ASP B 77 -27.66 80.95 -5.00
CA ASP B 77 -27.03 79.74 -5.52
C ASP B 77 -27.95 78.94 -6.46
N GLU B 78 -27.38 78.46 -7.57
CA GLU B 78 -28.07 77.65 -8.57
C GLU B 78 -27.49 76.24 -8.60
N TYR B 79 -28.33 75.25 -8.31
CA TYR B 79 -27.92 73.86 -8.19
C TYR B 79 -28.46 73.04 -9.36
N ALA B 80 -27.73 71.98 -9.71
CA ALA B 80 -28.13 71.13 -10.83
C ALA B 80 -27.51 69.75 -10.65
N CYS B 81 -27.85 68.85 -11.57
CA CYS B 81 -27.32 67.50 -11.62
C CYS B 81 -26.84 67.18 -13.03
N ARG B 82 -25.65 66.59 -13.15
CA ARG B 82 -25.04 66.30 -14.45
C ARG B 82 -24.78 64.82 -14.61
N VAL B 83 -25.51 64.18 -15.52
CA VAL B 83 -25.51 62.73 -15.75
C VAL B 83 -24.93 62.45 -17.13
N ASN B 84 -23.98 61.53 -17.20
CA ASN B 84 -23.48 61.05 -18.48
C ASN B 84 -23.87 59.58 -18.68
N HIS B 85 -24.09 59.20 -19.94
CA HIS B 85 -24.58 57.87 -20.25
C HIS B 85 -24.29 57.55 -21.72
N VAL B 86 -24.29 56.25 -22.03
CA VAL B 86 -24.09 55.78 -23.40
C VAL B 86 -25.23 56.17 -24.30
N THR B 87 -26.37 56.56 -23.74
CA THR B 87 -27.55 56.96 -24.51
C THR B 87 -27.62 58.47 -24.72
N LEU B 88 -26.55 59.20 -24.42
CA LEU B 88 -26.54 60.65 -24.46
C LEU B 88 -25.28 61.13 -25.16
N SER B 89 -25.45 62.09 -26.07
CA SER B 89 -24.32 62.56 -26.87
C SER B 89 -23.31 63.31 -26.02
N GLN B 90 -23.79 64.07 -25.04
CA GLN B 90 -22.96 64.79 -24.09
C GLN B 90 -23.69 64.80 -22.77
N PRO B 91 -22.97 65.05 -21.65
CA PRO B 91 -23.62 65.17 -20.35
C PRO B 91 -24.93 65.94 -20.38
N LYS B 92 -25.93 65.47 -19.63
CA LYS B 92 -27.22 66.14 -19.54
C LYS B 92 -27.31 66.88 -18.21
N ILE B 93 -27.82 68.12 -18.25
CA ILE B 93 -27.93 68.95 -17.07
C ILE B 93 -29.40 69.19 -16.76
N VAL B 94 -29.76 69.04 -15.50
CA VAL B 94 -31.12 69.22 -14.99
C VAL B 94 -30.97 70.09 -13.76
N LYS B 95 -31.42 71.33 -13.83
CA LYS B 95 -31.25 72.26 -12.72
C LYS B 95 -32.32 72.03 -11.66
N TRP B 96 -31.97 72.32 -10.41
CA TRP B 96 -32.91 72.20 -9.31
C TRP B 96 -33.88 73.39 -9.36
N ASP B 97 -35.13 73.12 -9.73
CA ASP B 97 -36.14 74.17 -9.85
C ASP B 97 -36.93 74.27 -8.55
N ARG B 98 -36.66 75.31 -7.76
CA ARG B 98 -37.41 75.52 -6.50
C ARG B 98 -38.72 76.29 -6.73
N MET C 1 1.80 -15.71 -20.86
CA MET C 1 2.69 -16.82 -20.55
C MET C 1 2.01 -17.79 -19.58
N ARG C 2 2.05 -19.08 -19.90
CA ARG C 2 1.32 -20.14 -19.19
C ARG C 2 1.80 -20.27 -17.76
N THR C 3 1.19 -21.19 -17.02
CA THR C 3 1.68 -21.54 -15.68
C THR C 3 2.96 -22.36 -15.80
N HIS C 4 4.07 -21.83 -15.29
CA HIS C 4 5.34 -22.56 -15.29
C HIS C 4 5.79 -22.86 -13.86
N SER C 5 6.61 -23.91 -13.70
CA SER C 5 6.98 -24.37 -12.37
C SER C 5 8.42 -24.86 -12.33
N LEU C 6 9.01 -24.78 -11.13
CA LEU C 6 10.36 -25.25 -10.87
C LEU C 6 10.31 -26.05 -9.57
N ARG C 7 10.87 -27.28 -9.59
CA ARG C 7 10.83 -28.19 -8.45
C ARG C 7 12.17 -28.94 -8.33
N TYR C 8 12.59 -29.18 -7.10
CA TYR C 8 13.77 -29.99 -6.82
C TYR C 8 13.38 -31.06 -5.83
N PHE C 9 13.35 -32.32 -6.27
CA PHE C 9 13.08 -33.41 -5.36
C PHE C 9 14.39 -33.96 -4.80
N ARG C 10 14.23 -34.84 -3.83
CA ARG C 10 15.35 -35.69 -3.46
C ARG C 10 14.83 -36.88 -2.66
N LEU C 11 15.50 -38.01 -2.85
CA LEU C 11 15.07 -39.28 -2.32
C LEU C 11 16.21 -39.87 -1.53
N GLY C 12 15.90 -40.48 -0.40
CA GLY C 12 16.93 -41.11 0.38
C GLY C 12 16.46 -42.47 0.81
N VAL C 13 17.24 -43.50 0.53
CA VAL C 13 16.86 -44.87 0.86
C VAL C 13 17.89 -45.39 1.85
N SER C 14 17.43 -45.80 3.04
CA SER C 14 18.28 -46.52 3.97
C SER C 14 18.32 -47.98 3.59
N ASP C 15 19.44 -48.63 3.88
CA ASP C 15 19.72 -50.01 3.44
C ASP C 15 19.39 -50.20 1.96
N PRO C 16 19.97 -49.39 1.07
CA PRO C 16 19.68 -49.56 -0.35
C PRO C 16 20.12 -50.94 -0.81
N ILE C 17 19.22 -51.63 -1.51
CA ILE C 17 19.53 -52.87 -2.20
C ILE C 17 20.66 -52.60 -3.18
N HIS C 18 21.25 -53.65 -3.75
CA HIS C 18 22.41 -53.44 -4.60
C HIS C 18 22.13 -52.49 -5.76
N GLY C 19 20.91 -52.50 -6.30
CA GLY C 19 20.61 -51.74 -7.51
C GLY C 19 20.27 -50.27 -7.35
N VAL C 20 19.51 -49.93 -6.30
CA VAL C 20 19.01 -48.59 -6.11
C VAL C 20 20.03 -47.80 -5.29
N PRO C 21 20.22 -46.50 -5.56
CA PRO C 21 21.21 -45.69 -4.84
C PRO C 21 20.74 -45.28 -3.44
N GLU C 22 21.60 -44.52 -2.76
CA GLU C 22 21.32 -44.04 -1.42
C GLU C 22 20.73 -42.64 -1.41
N PHE C 23 20.89 -41.91 -2.51
CA PHE C 23 20.52 -40.49 -2.60
C PHE C 23 20.33 -40.12 -4.06
N ILE C 24 19.13 -39.66 -4.45
CA ILE C 24 18.94 -39.08 -5.79
C ILE C 24 18.42 -37.66 -5.63
N SER C 25 18.81 -36.78 -6.55
CA SER C 25 18.30 -35.41 -6.58
C SER C 25 18.03 -34.98 -8.01
N VAL C 26 16.76 -34.75 -8.32
CA VAL C 26 16.32 -34.47 -9.68
C VAL C 26 15.60 -33.14 -9.68
N GLY C 27 15.92 -32.28 -10.64
CA GLY C 27 15.22 -31.02 -10.83
C GLY C 27 14.42 -31.00 -12.12
N TYR C 28 13.21 -30.45 -12.05
CA TYR C 28 12.36 -30.25 -13.23
C TYR C 28 11.99 -28.79 -13.39
N VAL C 29 11.84 -28.38 -14.65
CA VAL C 29 11.10 -27.18 -15.02
C VAL C 29 9.90 -27.66 -15.81
N ASP C 30 8.70 -27.27 -15.37
CA ASP C 30 7.46 -27.86 -15.90
C ASP C 30 7.60 -29.36 -15.73
N SER C 31 7.37 -30.17 -16.76
CA SER C 31 7.63 -31.60 -16.69
C SER C 31 8.81 -31.99 -17.56
N HIS C 32 9.88 -31.19 -17.53
CA HIS C 32 11.09 -31.48 -18.28
C HIS C 32 12.23 -31.60 -17.29
N PRO C 33 12.79 -32.79 -17.08
CA PRO C 33 13.94 -32.88 -16.18
C PRO C 33 15.05 -31.99 -16.69
N ILE C 34 15.70 -31.31 -15.76
CA ILE C 34 16.75 -30.36 -16.09
C ILE C 34 18.09 -30.71 -15.43
N THR C 35 18.06 -31.21 -14.19
CA THR C 35 19.30 -31.57 -13.53
C THR C 35 19.13 -32.92 -12.83
N THR C 36 20.27 -33.46 -12.39
CA THR C 36 20.30 -34.79 -11.77
C THR C 36 21.60 -34.90 -11.00
N TYR C 37 21.58 -35.76 -9.99
CA TYR C 37 22.71 -36.08 -9.13
C TYR C 37 22.30 -37.29 -8.30
N ASP C 38 23.23 -38.22 -8.09
CA ASP C 38 22.95 -39.30 -7.15
C ASP C 38 24.25 -39.75 -6.49
N SER C 39 24.10 -40.53 -5.42
CA SER C 39 25.20 -40.93 -4.58
C SER C 39 26.11 -41.97 -5.24
N VAL C 40 25.77 -42.45 -6.43
CA VAL C 40 26.71 -43.31 -7.14
C VAL C 40 27.73 -42.47 -7.92
N THR C 41 27.24 -41.62 -8.82
CA THR C 41 28.07 -40.78 -9.69
C THR C 41 28.75 -39.65 -8.93
N ARG C 42 28.10 -39.15 -7.87
CA ARG C 42 28.57 -38.03 -7.06
C ARG C 42 28.86 -36.79 -7.89
N GLN C 43 28.21 -36.70 -9.06
CA GLN C 43 28.34 -35.59 -10.00
C GLN C 43 26.96 -35.06 -10.36
N LYS C 44 26.85 -33.73 -10.44
CA LYS C 44 25.65 -33.12 -10.97
C LYS C 44 25.89 -32.83 -12.44
N GLU C 45 24.96 -33.28 -13.28
CA GLU C 45 24.96 -33.13 -14.73
C GLU C 45 23.63 -32.56 -15.19
N PRO C 46 23.58 -31.96 -16.37
CA PRO C 46 22.30 -31.52 -16.92
C PRO C 46 21.57 -32.66 -17.59
N ARG C 47 20.24 -32.52 -17.64
CA ARG C 47 19.35 -33.48 -18.26
C ARG C 47 18.54 -32.85 -19.39
N ALA C 48 18.88 -31.64 -19.80
CA ALA C 48 18.27 -30.95 -20.91
C ALA C 48 19.37 -30.26 -21.72
N PRO C 49 19.31 -30.34 -23.04
CA PRO C 49 20.38 -29.71 -23.84
C PRO C 49 20.51 -28.22 -23.58
N TRP C 50 19.38 -27.54 -23.33
CA TRP C 50 19.45 -26.12 -23.08
C TRP C 50 20.00 -25.78 -21.71
N MET C 51 19.96 -26.73 -20.77
CA MET C 51 20.66 -26.52 -19.50
C MET C 51 22.18 -26.63 -19.69
N ALA C 52 22.62 -27.49 -20.61
CA ALA C 52 24.04 -27.70 -20.82
C ALA C 52 24.67 -26.51 -21.54
N GLU C 53 24.00 -25.99 -22.57
CA GLU C 53 24.60 -24.94 -23.40
C GLU C 53 24.75 -23.64 -22.64
N ASN C 54 23.83 -23.36 -21.70
CA ASN C 54 23.71 -22.04 -21.08
C ASN C 54 24.34 -21.95 -19.69
N LEU C 55 24.78 -23.06 -19.12
CA LEU C 55 25.36 -23.09 -17.79
C LEU C 55 26.80 -23.58 -17.89
N ALA C 56 27.75 -22.68 -17.61
CA ALA C 56 29.17 -23.00 -17.69
C ALA C 56 29.52 -24.10 -16.68
N PRO C 57 30.67 -24.75 -16.85
CA PRO C 57 30.99 -25.87 -15.94
C PRO C 57 31.14 -25.46 -14.49
N ASP C 58 31.55 -24.20 -14.23
CA ASP C 58 31.67 -23.73 -12.87
C ASP C 58 30.38 -23.97 -12.09
N HIS C 59 29.23 -23.66 -12.69
CA HIS C 59 27.96 -23.91 -12.02
C HIS C 59 27.88 -25.35 -11.52
N TRP C 60 28.16 -26.30 -12.41
CA TRP C 60 28.03 -27.72 -12.09
C TRP C 60 29.06 -28.13 -11.04
N GLU C 61 30.28 -27.61 -11.15
CA GLU C 61 31.29 -27.82 -10.12
C GLU C 61 30.81 -27.35 -8.74
N ARG C 62 30.24 -26.13 -8.66
CA ARG C 62 29.80 -25.60 -7.36
C ARG C 62 28.63 -26.39 -6.81
N TYR C 63 27.66 -26.74 -7.66
CA TYR C 63 26.51 -27.45 -7.11
C TYR C 63 26.81 -28.92 -6.84
N THR C 64 27.82 -29.49 -7.51
CA THR C 64 28.30 -30.82 -7.13
C THR C 64 28.82 -30.83 -5.69
N GLN C 65 29.45 -29.73 -5.26
CA GLN C 65 29.90 -29.66 -3.87
C GLN C 65 28.74 -29.49 -2.91
N LEU C 66 27.68 -28.81 -3.32
CA LEU C 66 26.55 -28.60 -2.41
C LEU C 66 25.76 -29.89 -2.23
N LEU C 67 25.33 -30.50 -3.34
CA LEU C 67 24.64 -31.77 -3.31
C LEU C 67 25.39 -32.84 -2.54
N ARG C 68 26.74 -32.84 -2.55
CA ARG C 68 27.44 -33.89 -1.83
C ARG C 68 27.18 -33.78 -0.35
N GLY C 69 27.30 -32.57 0.22
CA GLY C 69 26.97 -32.39 1.61
C GLY C 69 25.47 -32.52 1.87
N TRP C 70 24.64 -32.23 0.88
CA TRP C 70 23.21 -32.47 1.01
C TRP C 70 22.91 -33.96 1.10
N GLN C 71 23.64 -34.74 0.34
CA GLN C 71 23.55 -36.19 0.43
C GLN C 71 23.84 -36.64 1.86
N GLN C 72 24.81 -36.01 2.50
CA GLN C 72 25.17 -36.39 3.85
C GLN C 72 24.19 -35.84 4.87
N MET C 73 23.66 -34.64 4.61
CA MET C 73 22.60 -34.10 5.43
C MET C 73 21.43 -35.07 5.49
N PHE C 74 20.98 -35.54 4.32
CA PHE C 74 19.82 -36.44 4.23
C PHE C 74 20.05 -37.75 4.96
N LYS C 75 21.20 -38.40 4.71
CA LYS C 75 21.49 -39.70 5.32
C LYS C 75 21.30 -39.64 6.82
N VAL C 76 21.77 -38.56 7.43
CA VAL C 76 21.71 -38.39 8.88
C VAL C 76 20.29 -38.12 9.34
N GLU C 77 19.55 -37.29 8.61
CA GLU C 77 18.17 -37.06 8.98
C GLU C 77 17.39 -38.37 9.03
N LEU C 78 17.53 -39.21 7.99
CA LEU C 78 16.74 -40.43 7.93
C LEU C 78 17.03 -41.33 9.11
N LYS C 79 18.31 -41.44 9.52
CA LYS C 79 18.65 -42.19 10.72
C LYS C 79 17.82 -41.72 11.91
N ARG C 80 17.71 -40.40 12.08
CA ARG C 80 17.06 -39.85 13.28
C ARG C 80 15.55 -40.04 13.24
N LEU C 81 14.95 -40.07 12.05
CA LEU C 81 13.53 -40.41 11.95
C LEU C 81 13.28 -41.86 12.36
N GLN C 82 14.12 -42.78 11.86
CA GLN C 82 13.98 -44.18 12.24
C GLN C 82 14.16 -44.38 13.72
N ARG C 83 15.08 -43.61 14.33
CA ARG C 83 15.22 -43.67 15.78
C ARG C 83 13.95 -43.19 16.48
N HIS C 84 13.35 -42.10 15.98
CA HIS C 84 12.10 -41.64 16.58
C HIS C 84 10.99 -42.67 16.40
N TYR C 85 10.86 -43.23 15.19
CA TYR C 85 9.80 -44.20 14.92
C TYR C 85 10.13 -45.62 15.35
N ASN C 86 11.30 -45.84 15.94
CA ASN C 86 11.83 -47.18 16.24
C ASN C 86 11.66 -48.11 15.04
N HIS C 87 12.30 -47.73 13.93
CA HIS C 87 12.17 -48.41 12.65
C HIS C 87 13.52 -48.99 12.24
N SER C 88 13.46 -50.20 11.69
CA SER C 88 14.67 -50.86 11.19
C SER C 88 14.36 -51.45 9.82
N GLY C 89 15.35 -51.39 8.94
CA GLY C 89 15.19 -51.87 7.59
C GLY C 89 15.37 -50.74 6.60
N SER C 90 14.93 -50.97 5.37
CA SER C 90 14.96 -49.93 4.36
C SER C 90 13.75 -49.03 4.51
N HIS C 91 13.99 -47.76 4.78
CA HIS C 91 12.93 -46.76 4.75
C HIS C 91 13.33 -45.68 3.75
N THR C 92 12.39 -44.78 3.47
CA THR C 92 12.61 -43.74 2.47
C THR C 92 12.39 -42.37 3.10
N TYR C 93 13.01 -41.37 2.50
CA TYR C 93 12.92 -39.99 2.97
C TYR C 93 12.93 -39.10 1.75
N GLN C 94 11.93 -38.25 1.60
CA GLN C 94 11.82 -37.44 0.41
C GLN C 94 11.65 -35.98 0.76
N ARG C 95 12.10 -35.13 -0.15
CA ARG C 95 11.92 -33.70 0.01
C ARG C 95 11.58 -33.08 -1.34
N MET C 96 10.60 -32.16 -1.34
CA MET C 96 10.16 -31.48 -2.55
C MET C 96 10.13 -29.98 -2.29
N ILE C 97 10.88 -29.23 -3.08
CA ILE C 97 10.87 -27.78 -2.97
C ILE C 97 10.66 -27.18 -4.35
N GLY C 98 10.00 -26.03 -4.40
CA GLY C 98 9.82 -25.37 -5.67
C GLY C 98 8.82 -24.25 -5.61
N CYS C 99 8.53 -23.70 -6.79
CA CYS C 99 7.76 -22.48 -6.88
C CYS C 99 7.08 -22.41 -8.24
N GLU C 100 5.93 -21.75 -8.29
CA GLU C 100 5.19 -21.55 -9.53
C GLU C 100 5.09 -20.07 -9.87
N LEU C 101 5.14 -19.76 -11.16
CA LEU C 101 4.88 -18.43 -11.70
C LEU C 101 3.62 -18.55 -12.55
N LEU C 102 2.53 -17.94 -12.07
CA LEU C 102 1.21 -18.10 -12.65
C LEU C 102 1.05 -17.19 -13.86
N GLU C 103 0.01 -17.49 -14.65
CA GLU C 103 -0.24 -16.73 -15.87
C GLU C 103 -0.57 -15.29 -15.53
N ASP C 104 -1.29 -15.06 -14.43
CA ASP C 104 -1.73 -13.71 -14.05
C ASP C 104 -0.62 -12.89 -13.40
N GLY C 105 0.53 -13.50 -13.12
CA GLY C 105 1.67 -12.84 -12.52
C GLY C 105 1.92 -13.21 -11.08
N SER C 106 0.97 -13.85 -10.40
CA SER C 106 1.14 -14.22 -9.00
C SER C 106 1.96 -15.50 -8.86
N THR C 107 2.62 -15.63 -7.73
CA THR C 107 3.59 -16.69 -7.53
C THR C 107 3.20 -17.54 -6.33
N THR C 108 3.56 -18.81 -6.40
CA THR C 108 3.39 -19.74 -5.28
C THR C 108 4.73 -20.35 -4.88
N GLY C 109 4.75 -20.92 -3.69
CA GLY C 109 5.94 -21.60 -3.19
C GLY C 109 5.57 -22.73 -2.26
N PHE C 110 6.43 -23.75 -2.23
CA PHE C 110 6.20 -24.91 -1.36
C PHE C 110 7.54 -25.52 -0.99
N LEU C 111 7.54 -26.16 0.17
CA LEU C 111 8.67 -26.94 0.62
C LEU C 111 8.07 -28.04 1.48
N GLN C 112 8.11 -29.28 1.03
CA GLN C 112 7.51 -30.39 1.76
C GLN C 112 8.50 -31.54 1.92
N TYR C 113 8.28 -32.35 2.96
CA TYR C 113 9.05 -33.55 3.27
C TYR C 113 8.10 -34.75 3.33
N ALA C 114 8.65 -35.96 3.29
CA ALA C 114 7.84 -37.17 3.40
C ALA C 114 8.68 -38.32 3.95
N TYR C 115 8.02 -39.24 4.67
CA TYR C 115 8.66 -40.42 5.27
C TYR C 115 7.87 -41.65 4.90
N ASP C 116 8.53 -42.61 4.27
CA ASP C 116 7.87 -43.76 3.66
C ASP C 116 6.78 -43.32 2.68
N GLY C 117 7.15 -42.37 1.82
CA GLY C 117 6.21 -41.90 0.81
C GLY C 117 4.93 -41.33 1.36
N GLN C 118 4.99 -40.74 2.58
CA GLN C 118 3.85 -40.22 3.32
C GLN C 118 4.16 -38.82 3.83
N ASP C 119 3.16 -37.91 3.78
CA ASP C 119 3.41 -36.53 4.20
C ASP C 119 3.98 -36.50 5.61
N PHE C 120 4.99 -35.65 5.81
CA PHE C 120 5.66 -35.58 7.10
C PHE C 120 5.71 -34.16 7.63
N LEU C 121 6.22 -33.24 6.83
CA LEU C 121 6.37 -31.84 7.21
C LEU C 121 5.91 -30.99 6.05
N ILE C 122 5.13 -29.96 6.33
CA ILE C 122 4.71 -29.00 5.31
C ILE C 122 5.06 -27.63 5.82
N PHE C 123 5.94 -26.95 5.10
CA PHE C 123 6.26 -25.55 5.33
C PHE C 123 5.15 -24.66 4.82
N ASN C 124 4.86 -23.61 5.59
CA ASN C 124 3.95 -22.53 5.20
C ASN C 124 4.74 -21.22 5.25
N LYS C 125 5.13 -20.72 4.07
CA LYS C 125 5.96 -19.53 3.96
C LYS C 125 5.21 -18.25 4.27
N ASP C 126 3.89 -18.31 4.41
CA ASP C 126 3.15 -17.11 4.79
C ASP C 126 3.05 -16.95 6.30
N THR C 127 3.17 -18.04 7.06
CA THR C 127 3.21 -17.97 8.51
C THR C 127 4.54 -18.41 9.11
N LEU C 128 5.54 -18.79 8.31
CA LEU C 128 6.80 -19.36 8.79
C LEU C 128 6.57 -20.41 9.90
N SER C 129 5.77 -21.41 9.53
CA SER C 129 5.39 -22.46 10.46
C SER C 129 5.40 -23.78 9.72
N TRP C 130 5.76 -24.84 10.44
CA TRP C 130 5.85 -26.19 9.89
C TRP C 130 4.67 -27.00 10.40
N LEU C 131 3.80 -27.44 9.51
CA LEU C 131 2.66 -28.26 9.91
C LEU C 131 3.07 -29.73 9.95
N ALA C 132 3.21 -30.30 11.15
CA ALA C 132 3.54 -31.71 11.34
C ALA C 132 2.29 -32.56 11.14
N VAL C 133 2.47 -33.88 11.21
CA VAL C 133 1.38 -34.81 10.91
C VAL C 133 1.29 -35.92 11.96
N ASP C 134 2.30 -36.03 12.81
CA ASP C 134 2.24 -36.96 13.93
C ASP C 134 3.21 -36.47 14.99
N ASN C 135 3.21 -37.16 16.13
CA ASN C 135 4.00 -36.66 17.26
C ASN C 135 5.49 -36.65 16.95
N VAL C 136 5.93 -37.39 15.93
CA VAL C 136 7.36 -37.42 15.59
C VAL C 136 7.76 -36.20 14.76
N ALA C 137 6.98 -35.93 13.71
CA ALA C 137 7.18 -34.71 12.93
C ALA C 137 7.09 -33.47 13.82
N HIS C 138 6.17 -33.47 14.79
CA HIS C 138 6.06 -32.34 15.72
C HIS C 138 7.41 -32.07 16.40
N THR C 139 8.13 -33.13 16.79
CA THR C 139 9.44 -32.93 17.40
C THR C 139 10.39 -32.25 16.43
N ILE C 140 10.43 -32.73 15.20
CA ILE C 140 11.27 -32.10 14.18
C ILE C 140 10.84 -30.65 13.95
N LYS C 141 9.53 -30.37 14.07
CA LYS C 141 8.99 -29.04 13.81
C LYS C 141 9.48 -28.03 14.86
N GLN C 142 9.40 -28.39 16.13
CA GLN C 142 9.82 -27.49 17.19
C GLN C 142 11.26 -27.03 17.01
N ALA C 143 12.13 -27.95 16.60
CA ALA C 143 13.53 -27.59 16.37
C ALA C 143 13.66 -26.61 15.21
N TRP C 144 12.94 -26.85 14.12
CA TRP C 144 13.16 -26.09 12.90
C TRP C 144 12.67 -24.65 13.03
N GLU C 145 11.62 -24.43 13.85
CA GLU C 145 11.04 -23.13 14.13
C GLU C 145 11.72 -22.40 15.28
N ALA C 146 12.64 -23.05 15.98
CA ALA C 146 13.38 -22.38 17.04
C ALA C 146 14.47 -21.49 16.46
N ASN C 147 14.83 -21.68 15.20
CA ASN C 147 15.81 -20.81 14.55
C ASN C 147 15.07 -19.92 13.58
N GLN C 148 14.76 -18.68 14.01
CA GLN C 148 13.96 -17.78 13.20
C GLN C 148 14.63 -17.42 11.88
N HIS C 149 15.95 -17.27 11.88
CA HIS C 149 16.63 -16.85 10.67
C HIS C 149 16.55 -17.89 9.56
N GLU C 150 16.52 -19.19 9.89
CA GLU C 150 16.34 -20.18 8.83
C GLU C 150 14.99 -20.00 8.15
N LEU C 151 13.93 -19.81 8.96
CA LEU C 151 12.57 -19.65 8.44
C LEU C 151 12.46 -18.41 7.53
N LEU C 152 13.12 -17.31 7.89
CA LEU C 152 13.22 -16.16 6.98
C LEU C 152 13.97 -16.54 5.71
N TYR C 153 15.10 -17.27 5.84
CA TYR C 153 15.91 -17.65 4.68
C TYR C 153 15.11 -18.43 3.65
N GLN C 154 14.30 -19.38 4.12
CA GLN C 154 13.52 -20.18 3.18
C GLN C 154 12.47 -19.34 2.49
N LYS C 155 11.77 -18.49 3.25
CA LYS C 155 10.75 -17.63 2.66
C LYS C 155 11.35 -16.79 1.56
N ASN C 156 12.49 -16.15 1.85
CA ASN C 156 13.13 -15.38 0.79
C ASN C 156 13.46 -16.25 -0.41
N TRP C 157 13.85 -17.52 -0.17
CA TRP C 157 14.27 -18.37 -1.29
C TRP C 157 13.07 -18.75 -2.18
N LEU C 158 11.97 -19.17 -1.58
CA LEU C 158 10.80 -19.58 -2.34
C LEU C 158 10.15 -18.44 -3.13
N GLU C 159 10.25 -17.19 -2.67
CA GLU C 159 9.55 -16.12 -3.37
C GLU C 159 10.44 -15.36 -4.33
N GLU C 160 11.72 -15.17 -4.01
CA GLU C 160 12.60 -14.36 -4.85
C GLU C 160 13.66 -15.17 -5.58
N GLU C 161 14.43 -16.00 -4.86
CA GLU C 161 15.49 -16.77 -5.51
C GLU C 161 14.93 -17.86 -6.41
N CYS C 162 13.95 -18.62 -5.93
CA CYS C 162 13.37 -19.67 -6.77
C CYS C 162 12.74 -19.07 -8.02
N ILE C 163 11.86 -18.07 -7.86
CA ILE C 163 11.22 -17.44 -9.02
C ILE C 163 12.27 -16.93 -9.98
N ALA C 164 13.38 -16.41 -9.45
CA ALA C 164 14.43 -15.89 -10.31
C ALA C 164 15.07 -16.99 -11.14
N TRP C 165 15.44 -18.12 -10.50
CA TRP C 165 15.93 -19.26 -11.27
C TRP C 165 14.91 -19.69 -12.32
N LEU C 166 13.62 -19.66 -11.96
CA LEU C 166 12.60 -20.15 -12.89
C LEU C 166 12.55 -19.32 -14.15
N LYS C 167 12.64 -17.99 -14.03
CA LYS C 167 12.60 -17.17 -15.23
C LYS C 167 13.86 -17.37 -16.06
N ARG C 168 15.01 -17.46 -15.38
CA ARG C 168 16.28 -17.76 -16.06
C ARG C 168 16.19 -19.02 -16.91
N PHE C 169 15.67 -20.11 -16.34
CA PHE C 169 15.60 -21.35 -17.11
C PHE C 169 14.56 -21.25 -18.22
N LEU C 170 13.45 -20.56 -17.97
CA LEU C 170 12.46 -20.42 -19.03
C LEU C 170 13.06 -19.78 -20.27
N GLU C 171 13.96 -18.80 -20.08
CA GLU C 171 14.59 -18.17 -21.23
C GLU C 171 15.54 -19.15 -21.94
N TYR C 172 16.27 -19.94 -21.15
CA TYR C 172 17.20 -20.91 -21.70
C TYR C 172 16.50 -21.90 -22.65
N GLY C 173 15.47 -22.59 -22.17
CA GLY C 173 14.80 -23.55 -23.00
C GLY C 173 13.49 -23.05 -23.56
N LYS C 174 13.51 -21.81 -24.08
CA LYS C 174 12.25 -21.14 -24.39
C LYS C 174 11.62 -21.73 -25.66
N ASP C 175 12.44 -22.26 -26.57
CA ASP C 175 11.87 -22.95 -27.73
C ASP C 175 11.13 -24.23 -27.33
N THR C 176 11.51 -24.85 -26.22
CA THR C 176 10.82 -26.05 -25.77
C THR C 176 9.62 -25.74 -24.89
N LEU C 177 9.83 -25.01 -23.78
CA LEU C 177 8.78 -24.84 -22.80
C LEU C 177 7.67 -23.90 -23.25
N GLN C 178 7.96 -22.92 -24.10
CA GLN C 178 6.94 -21.95 -24.49
C GLN C 178 6.27 -22.33 -25.80
N ARG C 179 6.72 -23.37 -26.48
CA ARG C 179 6.06 -23.77 -27.72
C ARG C 179 4.66 -24.31 -27.42
N THR C 180 3.90 -24.49 -28.48
CA THR C 180 2.49 -24.86 -28.35
C THR C 180 2.14 -25.73 -29.54
N GLU C 181 1.73 -26.96 -29.26
CA GLU C 181 1.35 -27.90 -30.30
C GLU C 181 -0.12 -28.29 -30.16
N PRO C 182 -0.98 -27.89 -31.08
CA PRO C 182 -2.40 -28.18 -30.93
C PRO C 182 -2.67 -29.66 -30.92
N PRO C 183 -3.74 -30.10 -30.27
CA PRO C 183 -4.10 -31.52 -30.29
C PRO C 183 -4.90 -31.90 -31.52
N LEU C 184 -4.59 -33.07 -32.08
CA LEU C 184 -5.46 -33.74 -33.04
C LEU C 184 -6.50 -34.54 -32.25
N VAL C 185 -7.78 -34.25 -32.48
CA VAL C 185 -8.86 -34.82 -31.68
C VAL C 185 -9.89 -35.48 -32.61
N ARG C 186 -10.23 -36.73 -32.31
CA ARG C 186 -11.24 -37.48 -33.04
C ARG C 186 -12.23 -38.11 -32.07
N VAL C 187 -13.37 -38.56 -32.61
CA VAL C 187 -14.46 -39.15 -31.84
C VAL C 187 -14.81 -40.49 -32.45
N ASN C 188 -14.79 -41.54 -31.64
CA ASN C 188 -15.12 -42.91 -32.06
C ASN C 188 -16.46 -43.30 -31.50
N ARG C 189 -17.34 -43.79 -32.36
CA ARG C 189 -18.65 -44.32 -31.97
C ARG C 189 -18.66 -45.81 -32.24
N LYS C 190 -19.07 -46.59 -31.25
CA LYS C 190 -19.10 -48.04 -31.43
C LYS C 190 -20.13 -48.64 -30.48
N GLU C 191 -20.91 -49.59 -30.98
CA GLU C 191 -21.85 -50.31 -30.11
C GLU C 191 -21.13 -51.48 -29.45
N THR C 192 -21.09 -51.47 -28.11
CA THR C 192 -20.39 -52.51 -27.37
C THR C 192 -21.36 -53.62 -26.98
N PHE C 193 -21.70 -53.68 -25.70
CA PHE C 193 -22.78 -54.53 -25.22
C PHE C 193 -24.07 -54.20 -25.97
N PRO C 194 -24.90 -55.22 -26.33
CA PRO C 194 -26.10 -54.95 -27.13
C PRO C 194 -27.01 -53.86 -26.56
N GLY C 195 -27.10 -52.72 -27.24
CA GLY C 195 -27.88 -51.59 -26.76
C GLY C 195 -27.06 -50.46 -26.14
N VAL C 196 -25.79 -50.68 -25.85
CA VAL C 196 -24.93 -49.67 -25.26
C VAL C 196 -24.04 -49.10 -26.36
N THR C 197 -23.96 -47.78 -26.44
CA THR C 197 -23.09 -47.12 -27.40
C THR C 197 -22.02 -46.32 -26.65
N ALA C 198 -20.76 -46.67 -26.84
CA ALA C 198 -19.68 -46.00 -26.16
C ALA C 198 -19.06 -44.98 -27.10
N LEU C 199 -19.06 -43.72 -26.71
CA LEU C 199 -18.36 -42.67 -27.43
C LEU C 199 -17.05 -42.41 -26.71
N PHE C 200 -15.95 -42.40 -27.48
CA PHE C 200 -14.63 -42.10 -26.95
C PHE C 200 -14.11 -40.87 -27.66
N CYS C 201 -13.72 -39.84 -26.87
CA CYS C 201 -13.06 -38.64 -27.40
C CYS C 201 -11.57 -38.71 -27.07
N LYS C 202 -10.74 -38.91 -28.10
CA LYS C 202 -9.31 -39.15 -27.96
C LYS C 202 -8.53 -37.99 -28.55
N ALA C 203 -7.63 -37.42 -27.77
CA ALA C 203 -6.73 -36.35 -28.22
C ALA C 203 -5.28 -36.80 -28.11
N HIS C 204 -4.47 -36.43 -29.10
CA HIS C 204 -3.05 -36.67 -29.03
C HIS C 204 -2.32 -35.58 -29.82
N GLY C 205 -1.00 -35.62 -29.78
CA GLY C 205 -0.20 -34.71 -30.57
C GLY C 205 0.13 -33.37 -29.93
N PHE C 206 -0.40 -33.09 -28.75
CA PHE C 206 -0.39 -31.74 -28.21
C PHE C 206 0.77 -31.50 -27.23
N TYR C 207 1.09 -30.22 -27.05
CA TYR C 207 1.99 -29.63 -26.06
C TYR C 207 1.57 -28.20 -25.77
N PRO C 208 1.55 -27.76 -24.49
CA PRO C 208 1.90 -28.46 -23.24
C PRO C 208 0.92 -29.58 -22.91
N PRO C 209 1.32 -30.47 -21.98
CA PRO C 209 0.40 -31.56 -21.59
C PRO C 209 -0.95 -31.08 -21.08
N GLU C 210 -1.04 -29.91 -20.48
CA GLU C 210 -2.29 -29.52 -19.84
C GLU C 210 -3.39 -29.33 -20.88
N ILE C 211 -4.50 -30.04 -20.68
CA ILE C 211 -5.60 -30.01 -21.64
C ILE C 211 -6.91 -30.15 -20.88
N TYR C 212 -8.00 -29.79 -21.53
CA TYR C 212 -9.33 -29.88 -20.94
CA TYR C 212 -9.33 -29.91 -20.94
C TYR C 212 -10.24 -30.58 -21.94
N MET C 213 -10.88 -31.69 -21.52
CA MET C 213 -11.84 -32.43 -22.34
C MET C 213 -13.05 -32.75 -21.50
N THR C 214 -14.25 -32.63 -22.07
CA THR C 214 -15.48 -33.03 -21.38
C THR C 214 -16.58 -33.27 -22.41
N TRP C 215 -17.65 -33.91 -21.96
CA TRP C 215 -18.79 -34.30 -22.81
C TRP C 215 -20.06 -33.59 -22.34
N MET C 216 -20.80 -33.00 -23.29
CA MET C 216 -21.96 -32.17 -23.03
C MET C 216 -23.15 -32.62 -23.87
N LYS C 217 -24.35 -32.51 -23.28
CA LYS C 217 -25.61 -32.87 -23.93
C LYS C 217 -26.37 -31.58 -24.19
N ASN C 218 -26.53 -31.22 -25.47
CA ASN C 218 -27.39 -30.12 -25.88
C ASN C 218 -26.94 -28.77 -25.30
N GLY C 219 -25.62 -28.57 -25.15
CA GLY C 219 -25.10 -27.29 -24.67
C GLY C 219 -24.91 -27.17 -23.17
N GLU C 220 -25.53 -28.05 -22.38
CA GLU C 220 -25.32 -28.14 -20.94
C GLU C 220 -24.58 -29.43 -20.59
N GLU C 221 -24.22 -29.53 -19.31
CA GLU C 221 -23.38 -30.63 -18.85
C GLU C 221 -24.17 -31.94 -18.75
N ILE C 222 -23.45 -33.07 -18.83
CA ILE C 222 -24.07 -34.39 -18.67
C ILE C 222 -24.63 -34.54 -17.25
N GLU C 225 -22.02 -39.72 -16.20
CA GLU C 225 -20.79 -40.42 -15.80
C GLU C 225 -19.74 -40.45 -16.93
N ILE C 226 -18.78 -39.54 -16.87
CA ILE C 226 -17.67 -39.52 -17.80
C ILE C 226 -16.52 -40.29 -17.17
N ASP C 227 -15.88 -41.15 -17.97
CA ASP C 227 -14.61 -41.75 -17.58
C ASP C 227 -13.47 -41.00 -18.26
N TYR C 228 -12.39 -40.76 -17.50
CA TYR C 228 -11.26 -39.96 -17.95
C TYR C 228 -9.99 -40.80 -18.07
N GLY C 229 -9.23 -40.54 -19.13
CA GLY C 229 -7.92 -41.14 -19.29
C GLY C 229 -6.84 -40.18 -18.82
N ASP C 230 -5.77 -40.75 -18.26
CA ASP C 230 -4.63 -39.97 -17.83
C ASP C 230 -3.94 -39.32 -19.03
N ILE C 231 -3.29 -38.18 -18.79
CA ILE C 231 -2.45 -37.55 -19.80
C ILE C 231 -1.07 -38.20 -19.71
N LEU C 232 -0.80 -39.13 -20.65
CA LEU C 232 0.34 -39.99 -20.91
C LEU C 232 1.30 -39.34 -21.91
N PRO C 233 2.60 -39.45 -21.65
CA PRO C 233 3.60 -38.94 -22.59
C PRO C 233 3.77 -39.90 -23.75
N SER C 234 3.86 -39.34 -24.97
CA SER C 234 3.90 -40.12 -26.20
C SER C 234 5.31 -40.47 -26.68
N GLY C 235 6.37 -40.00 -26.01
CA GLY C 235 7.73 -40.28 -26.42
C GLY C 235 8.37 -39.21 -27.29
N ASP C 236 7.59 -38.49 -28.10
CA ASP C 236 8.10 -37.44 -28.99
C ASP C 236 7.90 -36.04 -28.43
N GLY C 237 7.75 -35.91 -27.11
CA GLY C 237 7.48 -34.64 -26.48
C GLY C 237 6.01 -34.31 -26.33
N THR C 238 5.18 -34.78 -27.25
CA THR C 238 3.74 -34.55 -27.15
C THR C 238 3.10 -35.55 -26.20
N TYR C 239 1.88 -35.21 -25.75
CA TYR C 239 1.14 -35.97 -24.76
C TYR C 239 -0.21 -36.36 -25.35
N GLN C 240 -0.93 -37.25 -24.66
CA GLN C 240 -2.22 -37.72 -25.17
C GLN C 240 -3.16 -38.06 -24.02
N ALA C 241 -4.48 -37.95 -24.29
CA ALA C 241 -5.52 -38.14 -23.29
C ALA C 241 -6.84 -38.48 -23.99
N TRP C 242 -7.84 -38.87 -23.19
CA TRP C 242 -9.19 -39.09 -23.72
C TRP C 242 -10.23 -38.87 -22.62
N ALA C 243 -11.51 -39.00 -22.99
CA ALA C 243 -12.64 -39.06 -22.08
C ALA C 243 -13.80 -39.72 -22.81
N SER C 244 -14.55 -40.57 -22.11
CA SER C 244 -15.58 -41.39 -22.75
C SER C 244 -16.84 -41.41 -21.90
N ILE C 245 -17.97 -41.68 -22.57
CA ILE C 245 -19.30 -41.69 -21.97
C ILE C 245 -20.11 -42.78 -22.66
N GLU C 246 -21.35 -43.00 -22.19
CA GLU C 246 -22.20 -43.99 -22.82
C GLU C 246 -23.60 -43.44 -23.09
N LEU C 247 -24.35 -44.16 -23.94
CA LEU C 247 -25.66 -43.71 -24.42
C LEU C 247 -26.81 -44.61 -23.93
N ASN C 253 -30.61 -34.29 -26.92
CA ASN C 253 -30.47 -35.69 -27.25
C ASN C 253 -29.13 -35.90 -27.93
N LEU C 254 -28.53 -34.82 -28.46
CA LEU C 254 -27.27 -34.92 -29.19
C LEU C 254 -26.07 -34.63 -28.28
N TYR C 255 -24.95 -35.26 -28.60
CA TYR C 255 -23.75 -35.20 -27.77
C TYR C 255 -22.64 -34.49 -28.52
N SER C 256 -21.69 -33.93 -27.76
CA SER C 256 -20.58 -33.18 -28.37
C SER C 256 -19.34 -33.25 -27.50
N CYS C 257 -18.18 -33.35 -28.14
CA CYS C 257 -16.90 -33.32 -27.43
C CYS C 257 -16.38 -31.88 -27.40
N HIS C 258 -15.93 -31.44 -26.22
CA HIS C 258 -15.38 -30.11 -26.00
C HIS C 258 -13.94 -30.20 -25.49
N VAL C 259 -13.03 -29.49 -26.13
CA VAL C 259 -11.59 -29.60 -25.88
C VAL C 259 -10.99 -28.19 -25.75
N GLU C 260 -10.39 -27.89 -24.60
CA GLU C 260 -9.71 -26.61 -24.41
C GLU C 260 -8.22 -26.88 -24.29
N HIS C 261 -7.42 -26.25 -25.15
CA HIS C 261 -5.98 -26.36 -25.05
C HIS C 261 -5.34 -25.07 -25.55
N SER C 262 -4.54 -24.43 -24.71
CA SER C 262 -3.73 -23.26 -25.08
C SER C 262 -4.51 -22.16 -25.78
N GLY C 263 -5.52 -21.63 -25.10
CA GLY C 263 -6.25 -20.52 -25.65
C GLY C 263 -7.18 -20.86 -26.80
N VAL C 264 -7.26 -22.11 -27.23
CA VAL C 264 -8.16 -22.46 -28.31
C VAL C 264 -9.18 -23.47 -27.79
N HIS C 265 -10.45 -23.25 -28.11
CA HIS C 265 -11.53 -24.16 -27.76
C HIS C 265 -11.95 -24.91 -29.01
N MET C 266 -12.40 -26.16 -28.84
CA MET C 266 -12.74 -27.03 -29.96
C MET C 266 -14.02 -27.79 -29.62
N VAL C 267 -14.74 -28.23 -30.65
CA VAL C 267 -16.00 -28.95 -30.40
C VAL C 267 -16.29 -29.90 -31.56
N LEU C 268 -16.59 -31.14 -31.19
CA LEU C 268 -16.83 -32.24 -32.13
C LEU C 268 -18.21 -32.79 -31.83
N GLN C 269 -19.19 -32.43 -32.67
CA GLN C 269 -20.53 -32.97 -32.51
CA GLN C 269 -20.53 -32.96 -32.53
C GLN C 269 -20.57 -34.40 -33.00
N VAL C 270 -21.32 -35.24 -32.29
CA VAL C 270 -21.54 -36.62 -32.70
C VAL C 270 -22.76 -36.65 -33.61
N PRO C 271 -22.62 -37.02 -34.89
CA PRO C 271 -23.70 -37.05 -35.88
C PRO C 271 -24.97 -37.77 -35.39
N GLY D 2 30.55 -7.30 -12.54
CA GLY D 2 30.73 -8.51 -11.77
C GLY D 2 29.92 -8.57 -10.48
N GLN D 3 30.57 -9.01 -9.40
CA GLN D 3 29.95 -9.15 -8.08
C GLN D 3 30.80 -8.44 -7.04
N ASN D 4 30.37 -7.25 -6.61
CA ASN D 4 31.12 -6.45 -5.66
C ASN D 4 30.27 -6.16 -4.43
N ILE D 5 30.96 -5.94 -3.31
CA ILE D 5 30.35 -5.48 -2.06
C ILE D 5 31.18 -4.31 -1.55
N ASP D 6 30.53 -3.16 -1.41
CA ASP D 6 31.24 -1.94 -1.04
C ASP D 6 30.82 -1.51 0.36
N GLN D 7 31.80 -1.20 1.19
CA GLN D 7 31.54 -0.56 2.46
C GLN D 7 32.65 0.47 2.63
N PRO D 8 32.42 1.54 3.38
CA PRO D 8 33.47 2.55 3.55
C PRO D 8 34.74 1.92 4.07
N THR D 9 35.88 2.49 3.68
CA THR D 9 37.16 2.01 4.21
C THR D 9 37.23 2.22 5.72
N GLU D 10 36.98 3.45 6.16
CA GLU D 10 37.14 3.78 7.56
C GLU D 10 36.19 4.90 7.93
N MET D 11 35.76 4.91 9.19
CA MET D 11 34.83 5.92 9.67
C MET D 11 35.19 6.31 11.09
N THR D 12 35.05 7.60 11.38
CA THR D 12 35.33 8.16 12.69
C THR D 12 34.04 8.76 13.24
N ALA D 13 33.77 8.50 14.50
CA ALA D 13 32.61 9.01 15.21
C ALA D 13 33.04 9.26 16.65
N THR D 14 32.13 9.81 17.45
CA THR D 14 32.48 10.29 18.77
C THR D 14 31.85 9.44 19.86
N GLU D 15 32.65 9.13 20.87
CA GLU D 15 32.23 8.33 22.01
C GLU D 15 30.89 8.82 22.54
N GLY D 16 29.95 7.89 22.68
CA GLY D 16 28.60 8.23 23.08
C GLY D 16 27.62 8.43 21.95
N ALA D 17 28.10 8.79 20.76
CA ALA D 17 27.25 9.12 19.61
C ALA D 17 26.71 7.86 18.93
N ILE D 18 26.27 8.02 17.70
CA ILE D 18 25.88 6.89 16.87
C ILE D 18 26.68 6.95 15.57
N VAL D 19 26.81 5.78 14.94
CA VAL D 19 27.47 5.65 13.64
C VAL D 19 26.73 4.56 12.86
N GLN D 20 26.59 4.77 11.56
CA GLN D 20 25.87 3.84 10.71
C GLN D 20 26.79 3.43 9.57
N ILE D 21 27.24 2.18 9.59
CA ILE D 21 28.22 1.67 8.63
C ILE D 21 27.46 1.12 7.44
N ASN D 22 27.80 1.59 6.26
CA ASN D 22 27.03 1.23 5.09
C ASN D 22 27.71 0.16 4.26
N CYS D 23 26.89 -0.68 3.64
CA CYS D 23 27.40 -1.77 2.80
C CYS D 23 26.38 -2.02 1.69
N THR D 24 26.67 -1.52 0.51
CA THR D 24 25.87 -1.82 -0.66
C THR D 24 26.41 -3.07 -1.35
N TYR D 25 25.52 -3.87 -1.93
CA TYR D 25 25.90 -5.10 -2.62
C TYR D 25 25.26 -5.14 -4.00
N GLN D 26 26.05 -5.60 -4.99
CA GLN D 26 25.63 -5.83 -6.37
C GLN D 26 26.05 -7.25 -6.73
N THR D 27 25.16 -8.23 -6.54
CA THR D 27 25.45 -9.63 -6.80
C THR D 27 24.29 -10.32 -7.51
N SER D 28 24.63 -11.41 -8.19
CA SER D 28 23.68 -12.22 -8.94
C SER D 28 23.05 -13.22 -7.98
N GLY D 29 21.85 -12.92 -7.51
CA GLY D 29 21.24 -13.70 -6.46
C GLY D 29 21.58 -13.15 -5.09
N PHE D 30 20.70 -13.44 -4.14
CA PHE D 30 20.84 -12.97 -2.77
C PHE D 30 20.21 -14.00 -1.86
N ASN D 31 20.93 -14.40 -0.80
CA ASN D 31 20.44 -15.41 0.11
C ASN D 31 20.79 -15.10 1.56
N GLY D 32 21.09 -13.85 1.85
CA GLY D 32 21.40 -13.47 3.21
C GLY D 32 22.53 -12.46 3.17
N LEU D 33 22.62 -11.65 4.23
CA LEU D 33 23.70 -10.70 4.38
C LEU D 33 24.21 -10.76 5.81
N PHE D 34 25.54 -10.94 5.96
CA PHE D 34 26.14 -11.07 7.28
C PHE D 34 27.01 -9.86 7.62
N TRP D 35 26.98 -9.50 8.91
CA TRP D 35 27.87 -8.53 9.52
C TRP D 35 28.76 -9.21 10.55
N TYR D 36 30.09 -9.00 10.45
CA TYR D 36 31.06 -9.53 11.40
C TYR D 36 31.87 -8.40 12.03
N GLN D 37 32.28 -8.62 13.27
CA GLN D 37 33.16 -7.70 13.99
C GLN D 37 34.53 -8.34 14.21
N GLN D 38 35.60 -7.60 13.94
CA GLN D 38 36.96 -8.11 14.11
C GLN D 38 37.82 -7.04 14.76
N HIS D 39 38.19 -7.27 16.02
CA HIS D 39 39.16 -6.38 16.62
C HIS D 39 40.53 -6.58 15.98
N ALA D 40 41.41 -5.60 16.19
CA ALA D 40 42.76 -5.69 15.65
C ALA D 40 43.45 -6.95 16.17
N GLY D 41 44.02 -7.73 15.24
CA GLY D 41 44.76 -8.91 15.64
C GLY D 41 43.87 -10.02 16.16
N GLU D 42 42.57 -9.94 15.88
CA GLU D 42 41.58 -10.82 16.46
C GLU D 42 40.82 -11.57 15.34
N ALA D 43 40.01 -12.57 15.77
CA ALA D 43 39.25 -13.24 14.74
C ALA D 43 37.90 -12.59 14.53
N PRO D 44 37.33 -12.70 13.34
CA PRO D 44 36.00 -12.13 13.10
C PRO D 44 34.91 -12.99 13.76
N THR D 45 33.99 -12.32 14.44
CA THR D 45 32.89 -12.96 15.12
C THR D 45 31.56 -12.43 14.58
N PHE D 46 30.53 -13.23 14.81
CA PHE D 46 29.23 -12.96 14.22
C PHE D 46 28.49 -11.89 15.01
N LEU D 47 27.88 -10.95 14.28
CA LEU D 47 27.00 -9.93 14.85
C LEU D 47 25.58 -10.08 14.32
N SER D 48 25.39 -10.04 13.00
CA SER D 48 24.03 -9.92 12.51
C SER D 48 23.85 -10.68 11.20
N TYR D 49 22.59 -11.02 10.93
CA TYR D 49 22.17 -11.65 9.69
C TYR D 49 20.82 -11.10 9.28
N ASN D 50 20.71 -10.72 8.00
CA ASN D 50 19.49 -10.17 7.41
C ASN D 50 19.24 -10.83 6.06
N VAL D 51 17.97 -11.01 5.72
CA VAL D 51 17.62 -11.61 4.44
C VAL D 51 16.31 -11.02 3.96
N LEU D 52 15.48 -10.59 4.91
CA LEU D 52 14.21 -9.93 4.64
C LEU D 52 14.27 -8.48 5.12
N ASP D 53 13.37 -7.69 4.57
CA ASP D 53 13.34 -6.25 4.80
C ASP D 53 12.87 -5.93 6.21
N GLY D 54 13.56 -5.00 6.82
CA GLY D 54 13.36 -4.68 8.22
C GLY D 54 14.66 -4.24 8.87
N LEU D 55 14.52 -3.88 10.14
CA LEU D 55 15.63 -3.68 11.03
C LEU D 55 15.56 -4.75 12.09
N GLU D 56 16.72 -5.25 12.54
CA GLU D 56 16.77 -6.20 13.65
C GLU D 56 17.89 -5.77 14.59
N GLU D 57 17.58 -5.69 15.88
CA GLU D 57 18.43 -5.02 16.87
C GLU D 57 18.78 -5.96 18.02
N LYS D 58 20.07 -5.99 18.38
CA LYS D 58 20.60 -6.83 19.45
C LYS D 58 21.32 -5.91 20.45
N GLY D 59 20.55 -5.38 21.41
CA GLY D 59 21.14 -4.44 22.35
C GLY D 59 21.57 -3.16 21.66
N ARG D 60 22.78 -2.70 21.98
CA ARG D 60 23.23 -1.47 21.34
C ARG D 60 23.45 -1.63 19.84
N PHE D 61 23.45 -2.85 19.33
CA PHE D 61 23.70 -3.11 17.90
C PHE D 61 22.40 -3.38 17.17
N SER D 62 22.32 -2.88 15.92
CA SER D 62 21.18 -3.12 15.05
C SER D 62 21.67 -3.13 13.62
N SER D 63 20.99 -3.91 12.78
CA SER D 63 21.38 -4.15 11.39
C SER D 63 20.12 -4.11 10.53
N PHE D 64 20.19 -3.35 9.44
CA PHE D 64 19.01 -3.04 8.63
C PHE D 64 19.18 -3.54 7.21
N LEU D 65 18.13 -4.13 6.65
CA LEU D 65 18.21 -4.63 5.30
C LEU D 65 17.13 -4.04 4.40
N SER D 66 17.55 -3.59 3.22
CA SER D 66 16.64 -3.17 2.16
C SER D 66 16.97 -3.99 0.93
N ARG D 67 15.99 -4.76 0.44
CA ARG D 67 16.29 -5.67 -0.66
CA ARG D 67 16.26 -5.68 -0.66
C ARG D 67 16.15 -4.99 -2.02
N SER D 68 15.12 -4.19 -2.24
CA SER D 68 14.96 -3.57 -3.56
C SER D 68 16.05 -2.53 -3.84
N LYS D 69 16.74 -2.05 -2.81
CA LYS D 69 17.81 -1.08 -2.99
C LYS D 69 19.21 -1.69 -2.90
N GLY D 70 19.32 -2.99 -2.63
CA GLY D 70 20.62 -3.64 -2.51
C GLY D 70 21.59 -2.98 -1.56
N TYR D 71 21.13 -2.67 -0.35
CA TYR D 71 22.04 -2.06 0.60
C TYR D 71 21.62 -2.43 2.02
N SER D 72 22.56 -2.27 2.93
CA SER D 72 22.33 -2.57 4.32
C SER D 72 23.26 -1.71 5.16
N TYR D 73 22.82 -1.36 6.37
CA TYR D 73 23.68 -0.67 7.32
C TYR D 73 23.67 -1.40 8.66
N LEU D 74 24.80 -1.27 9.35
CA LEU D 74 24.95 -1.68 10.74
C LEU D 74 24.96 -0.43 11.60
N LEU D 75 24.21 -0.45 12.69
CA LEU D 75 23.99 0.71 13.52
C LEU D 75 24.54 0.48 14.92
N LEU D 76 25.29 1.48 15.44
CA LEU D 76 25.92 1.45 16.75
C LEU D 76 25.39 2.61 17.57
N LYS D 77 24.69 2.32 18.66
CA LYS D 77 24.20 3.36 19.57
C LYS D 77 25.01 3.36 20.86
N GLU D 78 25.24 4.56 21.39
CA GLU D 78 25.94 4.78 22.66
C GLU D 78 27.38 4.26 22.59
N LEU D 79 28.09 4.79 21.59
CA LEU D 79 29.46 4.34 21.30
C LEU D 79 30.35 4.38 22.52
N GLN D 80 31.16 3.34 22.66
CA GLN D 80 32.19 3.28 23.69
C GLN D 80 33.52 3.01 23.00
N MET D 81 34.60 3.30 23.73
CA MET D 81 35.92 3.03 23.21
C MET D 81 36.02 1.60 22.74
N LYS D 82 35.55 0.65 23.56
CA LYS D 82 35.71 -0.78 23.28
C LYS D 82 34.97 -1.22 22.02
N ASP D 83 34.30 -0.29 21.35
CA ASP D 83 33.68 -0.58 20.06
C ASP D 83 34.63 -0.35 18.90
N SER D 84 35.81 0.21 19.15
CA SER D 84 36.81 0.31 18.09
C SER D 84 37.09 -1.09 17.58
N ALA D 85 36.96 -1.27 16.27
CA ALA D 85 37.10 -2.58 15.64
C ALA D 85 36.98 -2.39 14.14
N SER D 86 37.04 -3.49 13.42
CA SER D 86 36.77 -3.50 12.00
C SER D 86 35.45 -4.21 11.79
N TYR D 87 34.60 -3.66 10.94
CA TYR D 87 33.29 -4.26 10.70
C TYR D 87 33.25 -4.77 9.27
N LEU D 88 33.03 -6.09 9.13
CA LEU D 88 33.07 -6.76 7.84
C LEU D 88 31.66 -7.13 7.38
N CYS D 89 31.41 -6.85 6.10
CA CYS D 89 30.13 -7.09 5.46
C CYS D 89 30.21 -8.28 4.51
N ALA D 90 29.18 -9.12 4.49
CA ALA D 90 29.27 -10.35 3.72
C ALA D 90 27.90 -10.84 3.26
N VAL D 91 27.79 -11.08 1.95
CA VAL D 91 26.54 -11.40 1.27
C VAL D 91 26.68 -12.78 0.64
N LYS D 92 25.67 -13.63 0.83
CA LYS D 92 25.57 -14.90 0.12
C LYS D 92 24.89 -14.74 -1.23
N ASP D 93 25.49 -15.30 -2.28
CA ASP D 93 24.98 -15.15 -3.63
C ASP D 93 24.11 -16.36 -4.02
N SER D 94 23.77 -16.45 -5.31
CA SER D 94 22.90 -17.52 -5.81
C SER D 94 23.44 -18.88 -5.42
N ASN D 95 24.72 -19.08 -5.65
CA ASN D 95 25.33 -20.37 -5.39
C ASN D 95 25.76 -20.53 -3.93
N TYR D 96 25.40 -19.59 -3.06
CA TYR D 96 25.69 -19.65 -1.62
C TYR D 96 27.16 -19.35 -1.29
N GLN D 97 27.83 -18.54 -2.13
CA GLN D 97 29.21 -18.13 -1.90
C GLN D 97 29.28 -16.80 -1.16
N LEU D 98 30.03 -16.75 -0.06
CA LEU D 98 30.23 -15.52 0.71
C LEU D 98 31.15 -14.58 -0.04
N ILE D 99 30.61 -13.50 -0.60
CA ILE D 99 31.40 -12.40 -1.11
C ILE D 99 31.63 -11.42 0.04
N TRP D 100 32.90 -11.12 0.32
CA TRP D 100 33.25 -10.29 1.47
C TRP D 100 33.60 -8.86 1.06
N GLY D 101 33.14 -7.90 1.87
CA GLY D 101 33.62 -6.55 1.75
C GLY D 101 34.98 -6.42 2.37
N ALA D 102 35.76 -5.42 1.92
CA ALA D 102 37.11 -5.24 2.44
C ALA D 102 37.12 -4.67 3.85
N GLY D 103 35.94 -4.48 4.45
CA GLY D 103 35.78 -4.13 5.83
C GLY D 103 35.88 -2.63 6.08
N THR D 104 35.22 -2.18 7.15
CA THR D 104 35.30 -0.80 7.60
C THR D 104 35.91 -0.75 9.00
N LYS D 105 36.91 0.13 9.15
CA LYS D 105 37.62 0.37 10.40
C LYS D 105 36.96 1.54 11.14
N LEU D 106 36.58 1.32 12.40
CA LEU D 106 35.85 2.32 13.18
C LEU D 106 36.81 2.93 14.20
N ILE D 107 36.96 4.25 14.18
CA ILE D 107 37.80 4.97 15.12
C ILE D 107 36.92 5.86 15.99
N ILE D 108 36.91 5.57 17.30
CA ILE D 108 36.09 6.29 18.26
C ILE D 108 36.94 7.35 18.93
N LYS D 109 36.57 8.60 18.75
CA LYS D 109 37.31 9.65 19.44
C LYS D 109 36.81 9.78 20.88
N PRO D 110 37.70 9.85 21.87
CA PRO D 110 37.24 10.00 23.25
C PRO D 110 36.69 11.39 23.49
N ASP D 111 35.74 11.48 24.43
CA ASP D 111 35.21 12.77 24.86
C ASP D 111 36.08 13.30 25.98
N ILE D 112 37.09 14.09 25.61
CA ILE D 112 38.05 14.61 26.59
C ILE D 112 37.36 15.68 27.42
N GLN D 113 37.15 15.38 28.71
CA GLN D 113 36.47 16.32 29.58
C GLN D 113 37.21 17.65 29.65
N ASN D 114 38.47 17.63 30.10
CA ASN D 114 39.27 18.84 30.26
C ASN D 114 40.65 18.66 29.62
N PRO D 115 40.87 19.18 28.41
CA PRO D 115 42.20 19.07 27.80
C PRO D 115 43.25 19.91 28.52
N ASP D 116 44.51 19.49 28.35
CA ASP D 116 45.68 20.13 28.97
C ASP D 116 46.93 19.85 28.14
N PRO D 117 47.00 20.25 26.88
CA PRO D 117 48.12 19.86 26.02
C PRO D 117 49.49 20.19 26.62
N ALA D 118 50.39 19.22 26.59
CA ALA D 118 51.74 19.32 27.12
C ALA D 118 52.62 18.26 26.46
N VAL D 119 53.90 18.59 26.24
CA VAL D 119 54.87 17.65 25.67
C VAL D 119 56.00 17.43 26.67
N TYR D 120 55.97 16.30 27.36
CA TYR D 120 57.00 16.02 28.37
C TYR D 120 58.13 15.22 27.77
N GLN D 121 59.17 15.01 28.57
CA GLN D 121 60.34 14.25 28.13
C GLN D 121 60.70 13.22 29.19
N LEU D 122 61.22 12.09 28.73
CA LEU D 122 61.53 10.96 29.59
C LEU D 122 62.89 10.38 29.20
N ARG D 123 63.53 9.70 30.16
CA ARG D 123 64.88 9.20 29.94
C ARG D 123 65.04 7.85 30.61
N ASP D 124 66.22 7.23 30.38
CA ASP D 124 66.69 6.04 31.08
C ASP D 124 68.11 5.64 30.63
N VAL D 132 63.35 10.30 24.36
CA VAL D 132 61.92 10.15 24.09
C VAL D 132 61.05 11.35 24.54
N CYS D 133 60.14 11.82 23.67
CA CYS D 133 59.19 12.89 23.98
C CYS D 133 57.76 12.37 23.90
N LEU D 134 56.96 12.69 24.94
CA LEU D 134 55.55 12.29 25.03
C LEU D 134 54.65 13.51 24.89
N PHE D 135 53.83 13.52 23.84
CA PHE D 135 52.79 14.52 23.62
C PHE D 135 51.48 13.92 24.12
N THR D 136 50.89 14.54 25.14
CA THR D 136 49.84 13.92 25.93
C THR D 136 48.76 14.94 26.29
N ASP D 137 47.58 14.43 26.65
CA ASP D 137 46.47 15.22 27.22
C ASP D 137 45.96 16.30 26.26
N PHE D 138 45.75 15.94 25.00
CA PHE D 138 45.15 16.90 24.09
C PHE D 138 43.76 16.45 23.65
N ASP D 139 43.01 17.42 23.10
CA ASP D 139 41.63 17.23 22.69
C ASP D 139 41.56 16.41 21.41
N SER D 140 40.59 15.47 21.36
CA SER D 140 40.44 14.58 20.22
C SER D 140 40.31 15.32 18.89
N GLN D 141 40.25 16.65 18.91
CA GLN D 141 40.22 17.45 17.69
C GLN D 141 41.57 17.47 16.98
N THR D 142 42.65 17.13 17.66
CA THR D 142 43.99 17.27 17.10
C THR D 142 44.38 16.03 16.33
N ASN D 143 44.74 16.21 15.07
CA ASN D 143 45.25 15.12 14.25
C ASN D 143 46.76 15.26 14.13
N VAL D 144 47.48 14.16 14.39
CA VAL D 144 48.94 14.15 14.45
C VAL D 144 49.52 13.68 13.11
N SER D 145 50.45 14.47 12.57
CA SER D 145 51.03 14.14 11.28
C SER D 145 52.25 13.24 11.48
N GLN D 146 52.64 12.56 10.40
CA GLN D 146 53.79 11.67 10.45
C GLN D 146 55.07 12.49 10.63
N SER D 147 56.22 11.82 10.60
CA SER D 147 57.49 12.50 10.74
C SER D 147 58.11 12.79 9.36
N LYS D 148 59.08 13.71 9.35
CA LYS D 148 59.70 14.19 8.12
C LYS D 148 61.04 13.53 7.85
N ASP D 149 61.96 13.58 8.82
CA ASP D 149 63.30 13.03 8.63
C ASP D 149 63.29 11.50 8.72
N SER D 150 64.36 10.89 8.20
CA SER D 150 64.46 9.43 8.09
C SER D 150 64.92 8.76 9.39
N ASP D 151 65.32 9.54 10.40
CA ASP D 151 65.67 8.99 11.70
C ASP D 151 64.86 9.63 12.83
N VAL D 152 63.71 10.19 12.50
CA VAL D 152 62.74 10.66 13.48
C VAL D 152 61.48 9.82 13.36
N TYR D 153 60.94 9.39 14.49
CA TYR D 153 59.88 8.38 14.55
C TYR D 153 58.72 8.92 15.37
N ILE D 154 57.54 8.97 14.77
CA ILE D 154 56.33 9.51 15.39
C ILE D 154 55.22 8.47 15.28
N THR D 155 54.58 8.16 16.39
CA THR D 155 53.49 7.21 16.43
C THR D 155 52.14 7.92 16.29
N ASP D 156 51.15 7.18 15.81
CA ASP D 156 49.78 7.70 15.77
C ASP D 156 49.22 7.76 17.19
N LYS D 157 48.15 8.53 17.34
CA LYS D 157 47.64 8.84 18.67
C LYS D 157 47.03 7.60 19.33
N CYS D 158 47.19 7.51 20.64
CA CYS D 158 46.70 6.41 21.44
C CYS D 158 45.80 6.93 22.56
N VAL D 159 44.71 6.23 22.84
CA VAL D 159 43.81 6.59 23.92
C VAL D 159 43.90 5.53 25.01
N LEU D 160 44.46 5.91 26.15
CA LEU D 160 44.45 5.08 27.34
C LEU D 160 43.25 5.44 28.21
N ASP D 161 42.94 4.54 29.14
CA ASP D 161 41.76 4.65 29.99
C ASP D 161 42.15 4.20 31.39
N MET D 162 42.17 5.13 32.34
CA MET D 162 42.41 4.81 33.74
C MET D 162 41.06 4.50 34.37
N ARG D 163 40.81 3.21 34.65
CA ARG D 163 39.47 2.80 35.09
C ARG D 163 39.12 3.37 36.44
N SER D 164 40.06 3.31 37.39
CA SER D 164 39.75 3.71 38.76
C SER D 164 39.47 5.22 38.85
N MET D 165 40.19 6.04 38.09
CA MET D 165 39.99 7.48 38.10
C MET D 165 38.91 7.95 37.13
N ASP D 166 38.32 7.05 36.33
CA ASP D 166 37.36 7.42 35.28
C ASP D 166 37.89 8.55 34.40
N PHE D 167 39.09 8.33 33.86
CA PHE D 167 39.81 9.33 33.07
C PHE D 167 40.41 8.69 31.82
N LYS D 168 40.17 9.29 30.67
CA LYS D 168 40.80 8.89 29.42
C LYS D 168 41.75 10.00 28.95
N SER D 169 42.82 9.62 28.25
CA SER D 169 43.69 10.62 27.65
C SER D 169 44.21 10.15 26.31
N ASN D 170 44.60 11.11 25.48
CA ASN D 170 45.29 10.87 24.21
C ASN D 170 46.80 10.94 24.43
N SER D 171 47.55 10.44 23.45
CA SER D 171 49.00 10.39 23.61
C SER D 171 49.63 10.08 22.26
N ALA D 172 50.75 10.73 21.95
CA ALA D 172 51.54 10.35 20.79
C ALA D 172 53.01 10.48 21.15
N VAL D 173 53.79 9.45 20.86
CA VAL D 173 55.20 9.41 21.21
C VAL D 173 56.04 9.70 19.98
N ALA D 174 57.13 10.45 20.18
CA ALA D 174 58.12 10.72 19.15
C ALA D 174 59.50 10.52 19.76
N TRP D 175 60.41 9.92 18.98
CA TRP D 175 61.79 9.74 19.43
C TRP D 175 62.71 9.76 18.23
N SER D 176 64.02 9.82 18.52
CA SER D 176 65.04 9.94 17.48
C SER D 176 66.41 9.67 18.10
N ASN D 177 67.35 9.30 17.22
CA ASN D 177 68.74 9.08 17.61
C ASN D 177 69.63 10.24 17.21
N LYS D 178 69.12 11.23 16.48
CA LYS D 178 69.89 12.43 16.12
C LYS D 178 70.35 13.18 17.37
N PHE D 181 67.83 17.31 17.81
CA PHE D 181 66.65 16.49 18.08
C PHE D 181 66.12 16.65 19.52
N ALA D 182 65.37 17.74 19.77
CA ALA D 182 64.80 18.04 21.08
C ALA D 182 63.27 18.13 21.00
N CYS D 183 62.63 18.02 22.18
CA CYS D 183 61.18 17.92 22.25
C CYS D 183 60.48 19.17 21.74
N ALA D 184 61.12 20.34 21.85
CA ALA D 184 60.51 21.55 21.34
C ALA D 184 60.21 21.44 19.86
N ASN D 185 61.14 20.85 19.11
CA ASN D 185 61.05 20.75 17.66
C ASN D 185 60.55 19.39 17.17
N ALA D 186 59.97 18.59 18.06
CA ALA D 186 59.66 17.20 17.73
C ALA D 186 58.36 17.08 16.93
N PHE D 187 57.29 17.71 17.40
CA PHE D 187 55.98 17.59 16.77
C PHE D 187 55.66 18.78 15.88
N ASN D 188 56.66 19.26 15.14
CA ASN D 188 56.45 20.43 14.29
C ASN D 188 55.50 20.14 13.15
N ASN D 189 55.61 18.96 12.54
CA ASN D 189 54.77 18.64 11.37
C ASN D 189 53.29 18.61 11.73
N SER D 190 52.96 18.34 12.98
CA SER D 190 51.57 18.25 13.41
C SER D 190 51.11 19.62 13.94
N ILE D 191 49.88 20.00 13.59
CA ILE D 191 49.35 21.30 14.01
C ILE D 191 48.84 21.16 15.45
N ILE D 192 49.53 21.80 16.39
CA ILE D 192 49.29 21.52 17.82
C ILE D 192 48.67 22.73 18.52
N PRO D 193 47.88 22.52 19.59
CA PRO D 193 47.23 23.64 20.26
C PRO D 193 48.24 24.71 20.66
N GLU D 194 47.79 25.98 20.61
CA GLU D 194 48.68 27.10 20.88
C GLU D 194 49.11 27.13 22.35
N ASP D 195 48.22 26.76 23.27
CA ASP D 195 48.48 26.67 24.69
C ASP D 195 49.16 25.35 25.10
N THR D 196 49.93 24.73 24.22
CA THR D 196 50.60 23.47 24.57
C THR D 196 51.82 23.78 25.43
N PHE D 197 51.93 23.07 26.55
CA PHE D 197 52.91 23.39 27.58
C PHE D 197 54.25 22.71 27.29
N PHE D 198 55.29 23.51 27.05
CA PHE D 198 56.64 23.00 26.79
C PHE D 198 57.52 23.41 27.96
N PRO D 199 57.70 22.54 28.96
CA PRO D 199 58.54 22.86 30.13
C PRO D 199 60.04 22.96 29.83
N GLY E 4 36.48 -22.99 20.81
CA GLY E 4 35.80 -23.66 19.71
C GLY E 4 36.67 -24.18 18.57
N VAL E 5 36.81 -23.39 17.51
CA VAL E 5 37.54 -23.80 16.31
C VAL E 5 39.04 -23.56 16.55
N THR E 6 39.78 -24.64 16.78
CA THR E 6 41.20 -24.56 17.12
C THR E 6 42.06 -24.66 15.87
N GLN E 7 42.96 -23.70 15.70
CA GLN E 7 43.89 -23.73 14.59
C GLN E 7 45.27 -23.33 15.11
N THR E 8 46.30 -23.77 14.41
CA THR E 8 47.68 -23.67 14.87
C THR E 8 48.59 -23.81 13.65
N PRO E 9 49.75 -23.13 13.63
CA PRO E 9 50.35 -22.35 14.73
C PRO E 9 49.87 -20.89 14.75
N LYS E 10 50.20 -20.14 15.81
CA LYS E 10 49.85 -18.73 15.86
C LYS E 10 50.83 -17.85 15.11
N PHE E 11 52.11 -18.25 15.06
CA PHE E 11 53.19 -17.51 14.40
C PHE E 11 54.15 -18.50 13.77
N GLN E 12 54.61 -18.19 12.55
CA GLN E 12 55.53 -19.05 11.85
C GLN E 12 56.34 -18.22 10.87
N VAL E 13 57.65 -18.40 10.86
CA VAL E 13 58.54 -17.77 9.90
C VAL E 13 59.06 -18.84 8.96
N LEU E 14 59.08 -18.54 7.68
CA LEU E 14 59.40 -19.54 6.68
C LEU E 14 60.39 -18.97 5.68
N LYS E 15 61.32 -19.82 5.22
CA LYS E 15 62.20 -19.44 4.14
C LYS E 15 61.60 -19.85 2.81
N THR E 16 61.85 -19.03 1.78
CA THR E 16 61.28 -19.26 0.45
C THR E 16 61.62 -20.65 -0.05
N GLY E 17 60.59 -21.44 -0.36
CA GLY E 17 60.75 -22.79 -0.86
C GLY E 17 60.40 -23.87 0.14
N GLN E 18 60.38 -23.54 1.44
CA GLN E 18 59.99 -24.51 2.45
C GLN E 18 58.51 -24.86 2.29
N SER E 19 58.09 -25.91 2.99
CA SER E 19 56.70 -26.29 3.04
C SER E 19 56.17 -26.10 4.45
N MET E 20 54.87 -25.82 4.56
CA MET E 20 54.21 -25.57 5.83
C MET E 20 52.91 -26.35 5.86
N THR E 21 52.46 -26.68 7.07
CA THR E 21 51.13 -27.23 7.26
C THR E 21 50.44 -26.49 8.40
N LEU E 22 49.19 -26.10 8.17
CA LEU E 22 48.39 -25.36 9.13
C LEU E 22 47.27 -26.27 9.63
N GLN E 23 47.16 -26.43 10.94
CA GLN E 23 46.22 -27.36 11.54
C GLN E 23 44.95 -26.63 11.97
N CYS E 24 43.80 -27.23 11.68
CA CYS E 24 42.52 -26.70 12.13
C CYS E 24 41.60 -27.83 12.55
N ALA E 25 40.95 -27.68 13.71
CA ALA E 25 40.08 -28.69 14.29
C ALA E 25 38.91 -28.03 14.99
N GLN E 26 37.72 -28.59 14.81
CA GLN E 26 36.51 -28.07 15.41
C GLN E 26 35.73 -29.20 16.08
N ASP E 27 35.29 -28.96 17.32
CA ASP E 27 34.43 -29.89 18.04
C ASP E 27 33.00 -29.34 18.18
N MET E 28 32.51 -28.72 17.11
CA MET E 28 31.14 -28.24 17.04
C MET E 28 30.26 -29.15 16.21
N ASN E 29 30.82 -30.23 15.67
CA ASN E 29 30.10 -31.18 14.83
C ASN E 29 29.56 -30.49 13.57
N HIS E 30 30.33 -29.52 13.08
CA HIS E 30 29.97 -28.84 11.84
C HIS E 30 30.43 -29.63 10.64
N ASN E 31 29.71 -29.45 9.55
CA ASN E 31 30.06 -30.20 8.36
C ASN E 31 31.00 -29.44 7.46
N SER E 32 30.82 -28.13 7.31
CA SER E 32 31.66 -27.33 6.41
C SER E 32 32.86 -26.74 7.15
N MET E 33 33.99 -26.66 6.45
CA MET E 33 35.16 -25.95 6.94
C MET E 33 35.81 -25.21 5.77
N TYR E 34 36.50 -24.12 6.08
CA TYR E 34 37.03 -23.24 5.06
C TYR E 34 38.41 -22.75 5.47
N TRP E 35 39.25 -22.45 4.48
CA TRP E 35 40.47 -21.71 4.75
C TRP E 35 40.44 -20.38 4.02
N TYR E 36 40.69 -19.31 4.77
CA TYR E 36 40.77 -17.95 4.26
C TYR E 36 42.15 -17.38 4.56
N ARG E 37 42.57 -16.42 3.73
CA ARG E 37 43.69 -15.52 4.02
C ARG E 37 43.18 -14.08 4.01
N GLN E 38 43.81 -13.23 4.85
CA GLN E 38 43.38 -11.85 5.05
C GLN E 38 44.53 -10.89 4.78
N ASP E 39 44.46 -10.22 3.67
CA ASP E 39 45.48 -9.28 3.28
C ASP E 39 45.00 -7.85 3.38
N PRO E 40 45.87 -6.95 3.86
CA PRO E 40 45.51 -5.55 3.98
C PRO E 40 44.91 -4.99 2.69
N GLY E 41 43.87 -4.17 2.86
CA GLY E 41 43.28 -3.48 1.76
C GLY E 41 42.21 -4.24 1.03
N MET E 42 42.00 -5.51 1.35
CA MET E 42 41.00 -6.26 0.61
C MET E 42 40.27 -7.18 1.56
N GLY E 43 39.28 -7.86 1.02
CA GLY E 43 38.45 -8.70 1.84
C GLY E 43 39.07 -10.05 2.09
N LEU E 44 38.35 -10.86 2.87
CA LEU E 44 38.67 -12.27 2.95
C LEU E 44 38.61 -12.87 1.55
N ARG E 45 39.59 -13.71 1.23
CA ARG E 45 39.54 -14.49 0.00
C ARG E 45 39.60 -15.97 0.37
N LEU E 46 38.73 -16.77 -0.27
CA LEU E 46 38.62 -18.20 0.04
C LEU E 46 39.70 -18.98 -0.70
N ILE E 47 40.41 -19.83 0.05
CA ILE E 47 41.51 -20.64 -0.49
C ILE E 47 40.99 -22.02 -0.87
N TYR E 48 40.62 -22.81 0.14
CA TYR E 48 39.90 -24.05 -0.06
C TYR E 48 38.79 -24.16 0.99
N TYR E 49 37.78 -24.95 0.66
CA TYR E 49 36.70 -25.26 1.56
C TYR E 49 36.36 -26.74 1.42
N SER E 50 35.51 -27.21 2.33
CA SER E 50 35.07 -28.61 2.37
C SER E 50 33.61 -28.57 2.82
N ALA E 51 32.69 -28.73 1.85
CA ALA E 51 31.26 -28.62 2.15
C ALA E 51 30.82 -29.62 3.21
N SER E 52 31.40 -30.82 3.22
CA SER E 52 31.12 -31.82 4.25
C SER E 52 32.32 -32.76 4.35
N GLU E 53 32.26 -33.67 5.32
CA GLU E 53 33.31 -34.66 5.47
C GLU E 53 33.36 -35.55 4.23
N GLY E 54 34.45 -35.49 3.47
CA GLY E 54 34.60 -36.32 2.30
C GLY E 54 34.52 -35.63 0.93
N THR E 55 34.68 -34.32 0.88
CA THR E 55 34.85 -33.61 -0.37
C THR E 55 35.58 -32.31 -0.06
N THR E 56 36.31 -31.82 -1.06
CA THR E 56 36.94 -30.51 -0.96
C THR E 56 36.88 -29.89 -2.35
N ASP E 57 36.99 -28.57 -2.40
CA ASP E 57 37.02 -27.90 -3.70
C ASP E 57 37.78 -26.60 -3.58
N LYS E 58 38.05 -26.00 -4.73
CA LYS E 58 38.90 -24.82 -4.85
C LYS E 58 38.15 -23.56 -4.46
N GLY E 59 38.90 -22.60 -3.95
CA GLY E 59 38.37 -21.29 -3.62
C GLY E 59 38.66 -20.27 -4.70
N GLU E 60 38.73 -19.01 -4.29
CA GLU E 60 38.96 -17.94 -5.25
C GLU E 60 40.41 -17.93 -5.70
N VAL E 61 41.32 -18.33 -4.80
CA VAL E 61 42.75 -18.21 -5.05
C VAL E 61 43.41 -19.45 -4.43
N PRO E 62 43.53 -20.54 -5.16
CA PRO E 62 44.02 -21.78 -4.53
C PRO E 62 45.47 -22.10 -4.89
N ASN E 63 46.02 -21.45 -5.91
CA ASN E 63 47.36 -21.79 -6.39
C ASN E 63 48.40 -21.59 -5.29
N GLY E 64 49.37 -22.50 -5.25
CA GLY E 64 50.31 -22.55 -4.16
C GLY E 64 49.80 -23.28 -2.93
N TYR E 65 48.53 -23.69 -2.93
CA TYR E 65 47.92 -24.36 -1.78
C TYR E 65 47.22 -25.64 -2.21
N ASN E 66 47.06 -26.52 -1.23
CA ASN E 66 46.15 -27.66 -1.31
C ASN E 66 45.76 -28.01 0.12
N VAL E 67 44.62 -28.68 0.25
CA VAL E 67 44.05 -29.00 1.56
C VAL E 67 43.65 -30.46 1.58
N SER E 68 43.51 -30.97 2.80
CA SER E 68 43.00 -32.32 3.02
C SER E 68 42.00 -32.26 4.15
N ARG E 69 40.76 -32.66 3.86
CA ARG E 69 39.76 -32.90 4.89
C ARG E 69 40.08 -34.27 5.49
N LEU E 70 40.75 -34.27 6.65
CA LEU E 70 41.23 -35.53 7.23
C LEU E 70 40.08 -36.37 7.78
N ASN E 71 39.16 -35.74 8.47
CA ASN E 71 37.99 -36.37 9.05
C ASN E 71 36.93 -35.29 9.15
N LYS E 72 35.88 -35.52 9.94
CA LYS E 72 34.90 -34.46 10.11
C LYS E 72 35.48 -33.30 10.91
N ARG E 73 36.49 -33.56 11.74
CA ARG E 73 37.04 -32.58 12.68
C ARG E 73 38.17 -31.73 12.10
N GLU E 74 39.02 -32.29 11.25
CA GLU E 74 40.26 -31.64 10.89
C GLU E 74 40.29 -31.30 9.42
N PHE E 75 40.79 -30.09 9.11
CA PHE E 75 40.91 -29.57 7.75
C PHE E 75 42.27 -28.88 7.66
N SER E 76 43.20 -29.45 6.92
CA SER E 76 44.60 -29.04 6.97
C SER E 76 44.95 -28.20 5.76
N LEU E 77 45.55 -27.03 5.99
CA LEU E 77 46.07 -26.19 4.93
C LEU E 77 47.57 -26.42 4.82
N ARG E 78 48.06 -26.61 3.60
CA ARG E 78 49.45 -26.99 3.40
C ARG E 78 50.03 -26.18 2.24
N LEU E 79 51.25 -25.66 2.45
CA LEU E 79 51.94 -24.80 1.51
C LEU E 79 52.95 -25.60 0.71
N GLU E 80 52.76 -25.66 -0.61
CA GLU E 80 53.59 -26.48 -1.50
C GLU E 80 55.06 -26.08 -1.42
N SER E 81 55.39 -24.93 -1.99
CA SER E 81 56.66 -24.25 -1.77
C SER E 81 56.33 -22.85 -1.29
N ALA E 82 56.82 -22.49 -0.11
CA ALA E 82 56.49 -21.18 0.45
C ALA E 82 57.06 -20.08 -0.42
N ALA E 83 56.19 -19.16 -0.82
CA ALA E 83 56.59 -18.07 -1.70
C ALA E 83 56.36 -16.74 -1.00
N PRO E 84 57.26 -15.77 -1.20
CA PRO E 84 57.10 -14.47 -0.53
C PRO E 84 55.73 -13.86 -0.66
N SER E 85 55.05 -14.04 -1.79
CA SER E 85 53.71 -13.45 -1.98
C SER E 85 52.67 -14.07 -1.07
N GLN E 86 52.97 -15.20 -0.44
CA GLN E 86 52.04 -15.86 0.46
C GLN E 86 52.21 -15.44 1.92
N THR E 87 52.95 -14.35 2.22
CA THR E 87 52.93 -13.79 3.56
C THR E 87 51.52 -13.26 3.86
N SER E 88 50.92 -13.73 4.95
CA SER E 88 49.55 -13.32 5.23
C SER E 88 49.18 -13.73 6.66
N VAL E 89 47.90 -13.55 6.97
CA VAL E 89 47.28 -14.05 8.18
C VAL E 89 46.17 -15.00 7.73
N TYR E 90 46.22 -16.24 8.19
CA TYR E 90 45.37 -17.30 7.66
C TYR E 90 44.28 -17.59 8.68
N PHE E 91 43.06 -17.83 8.17
CA PHE E 91 41.90 -18.03 9.02
C PHE E 91 41.17 -19.32 8.63
N CYS E 92 40.85 -20.10 9.65
CA CYS E 92 40.07 -21.31 9.51
C CYS E 92 38.68 -21.03 10.07
N ALA E 93 37.66 -21.57 9.42
CA ALA E 93 36.28 -21.37 9.84
C ALA E 93 35.50 -22.67 9.73
N SER E 94 34.36 -22.73 10.42
CA SER E 94 33.46 -23.85 10.26
C SER E 94 32.01 -23.40 10.46
N SER E 95 31.11 -24.02 9.70
CA SER E 95 29.69 -23.79 9.82
C SER E 95 29.01 -25.16 9.75
N VAL E 96 27.75 -25.20 10.17
CA VAL E 96 27.02 -26.47 10.18
C VAL E 96 26.85 -27.02 8.76
N TRP E 97 26.41 -26.19 7.82
CA TRP E 97 26.31 -26.64 6.43
C TRP E 97 26.60 -25.45 5.53
N THR E 98 27.01 -25.76 4.29
CA THR E 98 27.40 -24.70 3.37
C THR E 98 26.19 -23.97 2.79
N GLY E 99 25.34 -24.68 2.05
CA GLY E 99 24.36 -24.01 1.22
C GLY E 99 22.92 -23.97 1.73
N GLU E 100 22.70 -24.05 3.03
CA GLU E 100 21.35 -23.91 3.58
C GLU E 100 21.36 -22.99 4.80
N GLY E 101 20.25 -22.30 4.96
CA GLY E 101 19.97 -21.50 6.13
C GLY E 101 20.81 -20.24 6.25
N SER E 102 20.68 -19.66 7.43
CA SER E 102 21.41 -18.47 7.84
C SER E 102 22.70 -18.78 8.57
N GLY E 103 23.26 -19.98 8.38
CA GLY E 103 24.35 -20.38 9.23
C GLY E 103 25.54 -19.48 9.02
N GLU E 104 26.03 -18.86 10.10
CA GLU E 104 27.16 -17.95 10.03
C GLU E 104 28.47 -18.74 9.90
N LEU E 105 29.59 -18.05 10.15
CA LEU E 105 30.91 -18.65 10.22
C LEU E 105 31.47 -18.53 11.62
N PHE E 106 32.19 -19.57 12.05
CA PHE E 106 33.00 -19.55 13.27
C PHE E 106 34.46 -19.60 12.87
N PHE E 107 35.23 -18.60 13.32
CA PHE E 107 36.62 -18.48 12.93
C PHE E 107 37.56 -18.92 14.05
N GLY E 108 38.77 -19.39 13.65
CA GLY E 108 39.84 -19.60 14.58
C GLY E 108 40.64 -18.34 14.80
N GLU E 109 41.63 -18.44 15.70
CA GLU E 109 42.35 -17.27 16.20
C GLU E 109 43.31 -16.64 15.19
N GLY E 110 43.64 -17.33 14.10
CA GLY E 110 44.51 -16.77 13.07
C GLY E 110 45.89 -17.42 13.07
N SER E 111 46.64 -17.15 12.00
CA SER E 111 48.01 -17.67 11.84
C SER E 111 48.88 -16.64 11.11
N ARG E 112 49.74 -15.95 11.86
CA ARG E 112 50.64 -14.97 11.25
C ARG E 112 51.79 -15.72 10.59
N LEU E 113 51.73 -15.85 9.25
CA LEU E 113 52.67 -16.65 8.47
C LEU E 113 53.53 -15.71 7.64
N THR E 114 54.78 -15.54 8.03
CA THR E 114 55.74 -14.72 7.31
C THR E 114 56.72 -15.60 6.54
N VAL E 115 56.93 -15.33 5.26
CA VAL E 115 57.91 -16.04 4.45
C VAL E 115 58.94 -15.04 3.95
N LEU E 116 60.21 -15.40 4.09
CA LEU E 116 61.34 -14.55 3.74
C LEU E 116 62.25 -15.30 2.77
N GLU E 117 63.01 -14.54 1.97
CA GLU E 117 64.02 -15.15 1.10
C GLU E 117 65.14 -15.80 1.92
N ASP E 118 65.51 -15.18 3.04
CA ASP E 118 66.52 -15.72 3.93
C ASP E 118 66.18 -15.30 5.35
N LEU E 119 66.70 -16.03 6.33
CA LEU E 119 66.39 -15.74 7.71
C LEU E 119 67.42 -14.83 8.38
N LYS E 120 68.29 -14.17 7.60
CA LYS E 120 69.35 -13.37 8.19
C LYS E 120 68.83 -12.07 8.80
N ASN E 121 67.73 -11.54 8.27
CA ASN E 121 67.23 -10.28 8.77
C ASN E 121 66.27 -10.45 9.94
N VAL E 122 65.98 -11.67 10.38
CA VAL E 122 65.16 -11.83 11.57
C VAL E 122 65.95 -11.38 12.79
N PHE E 123 65.33 -10.56 13.63
CA PHE E 123 65.94 -10.00 14.83
C PHE E 123 64.88 -9.90 15.92
N PRO E 124 65.28 -10.04 17.18
CA PRO E 124 64.34 -9.75 18.26
C PRO E 124 64.32 -8.25 18.53
N PRO E 125 63.42 -7.75 19.37
CA PRO E 125 63.39 -6.31 19.66
C PRO E 125 64.25 -5.96 20.87
N GLU E 126 64.89 -4.80 20.82
CA GLU E 126 65.45 -4.25 22.05
C GLU E 126 64.31 -3.55 22.79
N VAL E 127 64.21 -3.79 24.10
CA VAL E 127 63.14 -3.17 24.87
C VAL E 127 63.75 -2.34 26.00
N ALA E 128 63.09 -1.23 26.33
CA ALA E 128 63.59 -0.30 27.35
C ALA E 128 62.48 0.64 27.79
N VAL E 129 62.40 0.89 29.09
CA VAL E 129 61.34 1.70 29.70
C VAL E 129 61.89 3.05 30.10
N PHE E 130 61.12 4.11 29.84
CA PHE E 130 61.52 5.49 30.14
C PHE E 130 60.69 6.00 31.31
N GLU E 131 61.38 6.46 32.35
CA GLU E 131 60.74 6.83 33.60
C GLU E 131 59.95 8.12 33.46
N PRO E 132 58.84 8.27 34.19
CA PRO E 132 57.92 9.38 33.96
C PRO E 132 58.56 10.74 34.20
N SER E 133 58.13 11.71 33.39
CA SER E 133 58.66 13.07 33.48
C SER E 133 58.28 13.71 34.81
N GLU E 134 59.23 14.42 35.42
CA GLU E 134 58.94 15.17 36.64
C GLU E 134 57.90 16.26 36.40
N ALA E 135 57.95 16.93 35.24
CA ALA E 135 56.94 17.95 34.91
C ALA E 135 55.54 17.36 34.87
N GLU E 136 55.38 16.14 34.34
CA GLU E 136 54.05 15.56 34.24
C GLU E 136 53.47 15.23 35.61
N ILE E 137 54.30 14.76 36.54
CA ILE E 137 53.78 14.49 37.88
C ILE E 137 53.37 15.79 38.54
N SER E 138 54.11 16.87 38.28
CA SER E 138 53.78 18.15 38.90
C SER E 138 52.54 18.76 38.26
N HIS E 139 52.44 18.67 36.94
CA HIS E 139 51.41 19.42 36.23
C HIS E 139 50.04 18.72 36.32
N THR E 140 50.01 17.42 36.07
CA THR E 140 48.76 16.68 36.03
C THR E 140 48.57 15.73 37.20
N GLN E 141 49.53 15.66 38.12
CA GLN E 141 49.53 14.67 39.21
C GLN E 141 49.32 13.26 38.66
N LYS E 142 49.97 12.98 37.54
CA LYS E 142 49.86 11.67 36.91
C LYS E 142 51.21 11.34 36.29
N ALA E 143 51.53 10.04 36.29
CA ALA E 143 52.79 9.53 35.77
C ALA E 143 52.54 8.65 34.56
N THR E 144 53.37 8.82 33.53
CA THR E 144 53.30 7.99 32.33
C THR E 144 54.67 7.37 32.04
N LEU E 145 54.72 6.04 32.00
CA LEU E 145 55.89 5.30 31.56
C LEU E 145 55.72 4.88 30.10
N VAL E 146 56.79 4.98 29.32
CA VAL E 146 56.76 4.65 27.90
C VAL E 146 57.76 3.54 27.66
N CYS E 147 57.33 2.49 26.96
CA CYS E 147 58.15 1.32 26.67
C CYS E 147 58.34 1.20 25.16
N LEU E 148 59.60 1.03 24.74
CA LEU E 148 59.94 1.00 23.32
C LEU E 148 60.52 -0.36 22.95
N ALA E 149 60.00 -0.93 21.86
CA ALA E 149 60.52 -2.16 21.29
C ALA E 149 60.99 -1.85 19.87
N THR E 150 62.30 -1.81 19.68
CA THR E 150 62.90 -1.25 18.48
C THR E 150 63.72 -2.29 17.72
N GLY E 151 63.67 -2.18 16.39
CA GLY E 151 64.58 -2.90 15.51
C GLY E 151 64.35 -4.38 15.36
N PHE E 152 63.10 -4.82 15.29
CA PHE E 152 62.79 -6.24 15.18
C PHE E 152 62.16 -6.55 13.84
N TYR E 153 61.97 -7.85 13.59
CA TYR E 153 61.59 -8.35 12.28
C TYR E 153 61.50 -9.87 12.31
N PRO E 154 60.38 -10.45 11.92
CA PRO E 154 59.23 -9.74 11.38
C PRO E 154 58.36 -9.10 12.44
N ASP E 155 57.25 -8.52 11.98
CA ASP E 155 56.28 -7.89 12.86
C ASP E 155 55.48 -8.98 13.59
N HIS E 156 56.14 -9.59 14.59
CA HIS E 156 55.59 -10.74 15.30
C HIS E 156 55.69 -10.53 16.81
N VAL E 157 55.12 -9.43 17.30
CA VAL E 157 55.28 -9.04 18.69
C VAL E 157 53.95 -9.16 19.42
N GLU E 158 54.02 -9.10 20.75
CA GLU E 158 52.85 -9.01 21.62
C GLU E 158 53.28 -8.32 22.91
N LEU E 159 52.88 -7.07 23.09
CA LEU E 159 53.33 -6.28 24.23
C LEU E 159 52.33 -6.40 25.39
N SER E 160 52.85 -6.18 26.59
CA SER E 160 52.02 -6.22 27.79
C SER E 160 52.78 -5.52 28.91
N TRP E 161 52.03 -5.10 29.92
CA TRP E 161 52.61 -4.41 31.06
C TRP E 161 52.40 -5.23 32.32
N TRP E 162 53.41 -5.19 33.20
CA TRP E 162 53.39 -5.94 34.45
C TRP E 162 53.87 -5.02 35.57
N VAL E 163 53.07 -4.91 36.64
CA VAL E 163 53.47 -4.21 37.86
C VAL E 163 53.39 -5.20 39.02
N ASN E 164 54.43 -5.22 39.85
CA ASN E 164 54.53 -6.09 41.03
C ASN E 164 54.25 -7.55 40.70
N GLY E 165 54.60 -7.98 39.49
CA GLY E 165 54.41 -9.36 39.08
C GLY E 165 53.03 -9.71 38.55
N LYS E 166 52.11 -8.77 38.42
CA LYS E 166 50.79 -9.06 37.89
C LYS E 166 50.49 -8.14 36.72
N GLU E 167 49.87 -8.69 35.68
CA GLU E 167 49.61 -7.96 34.45
C GLU E 167 48.43 -7.00 34.63
N VAL E 168 48.53 -5.83 34.01
CA VAL E 168 47.52 -4.77 34.14
C VAL E 168 46.88 -4.51 32.78
N HIS E 169 45.66 -3.97 32.83
CA HIS E 169 45.00 -3.44 31.65
C HIS E 169 44.49 -2.02 31.83
N SER E 170 44.49 -1.49 33.04
CA SER E 170 44.06 -0.13 33.26
C SER E 170 45.19 0.80 32.87
N GLY E 171 44.86 1.85 32.13
CA GLY E 171 45.80 2.91 31.89
C GLY E 171 46.86 2.59 30.88
N VAL E 172 46.67 1.54 30.09
CA VAL E 172 47.66 1.12 29.12
C VAL E 172 47.16 1.41 27.71
N CYS E 173 48.11 1.74 26.83
CA CYS E 173 47.83 1.89 25.41
C CYS E 173 49.04 1.41 24.61
N THR E 174 48.83 0.49 23.68
CA THR E 174 49.88 0.04 22.76
C THR E 174 49.41 0.26 21.33
N ASP E 175 50.27 0.92 20.52
CA ASP E 175 49.96 1.25 19.14
C ASP E 175 49.40 0.03 18.42
N PRO E 176 48.35 0.18 17.61
CA PRO E 176 47.74 -1.00 16.97
C PRO E 176 48.59 -1.64 15.87
N GLN E 177 49.58 -0.94 15.33
CA GLN E 177 50.41 -1.44 14.25
C GLN E 177 51.76 -0.74 14.40
N PRO E 178 52.87 -1.48 14.34
CA PRO E 178 54.20 -0.87 14.51
C PRO E 178 54.58 0.04 13.35
N LEU E 179 55.60 0.87 13.57
CA LEU E 179 56.09 1.76 12.51
C LEU E 179 57.43 1.26 11.96
N LYS E 180 57.63 1.48 10.67
CA LYS E 180 58.85 1.05 10.00
C LYS E 180 60.01 1.97 10.38
N GLU E 181 61.18 1.36 10.66
CA GLU E 181 62.36 2.14 11.00
C GLU E 181 63.12 2.59 9.77
N GLN E 182 63.04 1.82 8.69
CA GLN E 182 63.62 2.18 7.39
C GLN E 182 62.49 2.06 6.37
N PRO E 183 61.59 3.04 6.33
CA PRO E 183 60.38 2.88 5.49
C PRO E 183 60.64 2.82 4.01
N ALA E 184 61.81 3.25 3.54
CA ALA E 184 62.17 3.08 2.13
C ALA E 184 62.35 1.61 1.75
N LEU E 185 62.85 0.79 2.66
CA LEU E 185 63.21 -0.59 2.35
C LEU E 185 62.01 -1.50 2.47
N ASN E 186 62.03 -2.61 1.72
CA ASN E 186 60.93 -3.57 1.82
C ASN E 186 61.10 -4.45 3.05
N ASP E 187 62.33 -4.84 3.35
CA ASP E 187 62.60 -5.63 4.56
C ASP E 187 62.87 -4.75 5.76
N SER E 188 62.10 -3.68 5.96
CA SER E 188 62.37 -2.79 7.09
C SER E 188 62.06 -3.48 8.41
N ARG E 189 62.91 -3.24 9.41
CA ARG E 189 62.58 -3.64 10.77
C ARG E 189 61.50 -2.72 11.36
N TYR E 190 60.99 -3.11 12.52
CA TYR E 190 59.82 -2.46 13.09
C TYR E 190 60.15 -1.87 14.46
N ALA E 191 59.26 -1.00 14.92
CA ALA E 191 59.32 -0.41 16.25
C ALA E 191 57.90 -0.22 16.74
N LEU E 192 57.74 -0.29 18.07
CA LEU E 192 56.42 -0.31 18.68
C LEU E 192 56.53 0.20 20.10
N SER E 193 55.64 1.12 20.46
CA SER E 193 55.68 1.82 21.74
C SER E 193 54.42 1.56 22.53
N SER E 194 54.49 1.84 23.83
CA SER E 194 53.33 1.62 24.67
C SER E 194 53.43 2.56 25.87
N ARG E 195 52.26 2.87 26.42
CA ARG E 195 52.15 3.81 27.52
C ARG E 195 51.35 3.18 28.64
N LEU E 196 51.85 3.30 29.85
CA LEU E 196 51.11 2.92 31.05
C LEU E 196 51.06 4.14 31.94
N ARG E 197 49.85 4.65 32.19
CA ARG E 197 49.64 5.80 33.06
C ARG E 197 49.01 5.36 34.37
N VAL E 198 49.54 5.88 35.48
CA VAL E 198 49.02 5.63 36.83
C VAL E 198 49.03 6.95 37.60
N SER E 199 48.72 6.86 38.90
CA SER E 199 48.66 8.05 39.73
C SER E 199 50.05 8.49 40.17
N ALA E 200 50.20 9.79 40.38
CA ALA E 200 51.50 10.33 40.80
C ALA E 200 51.95 9.72 42.12
N THR E 201 51.02 9.50 43.04
CA THR E 201 51.40 8.87 44.31
C THR E 201 51.89 7.44 44.10
N PHE E 202 51.31 6.72 43.13
CA PHE E 202 51.68 5.33 42.87
C PHE E 202 53.10 5.22 42.35
N TRP E 203 53.52 6.15 41.48
CA TRP E 203 54.87 6.10 40.93
C TRP E 203 55.92 6.37 42.00
N GLN E 204 55.63 7.28 42.93
CA GLN E 204 56.61 7.65 43.96
C GLN E 204 56.87 6.53 44.97
N ASN E 205 56.03 5.51 44.99
CA ASN E 205 56.19 4.36 45.88
C ASN E 205 57.38 3.51 45.44
N PRO E 206 58.44 3.40 46.25
CA PRO E 206 59.58 2.55 45.84
C PRO E 206 59.30 1.07 45.96
N ARG E 207 58.21 0.67 46.59
CA ARG E 207 57.83 -0.74 46.69
C ARG E 207 57.04 -1.22 45.47
N ASN E 208 56.82 -0.36 44.48
CA ASN E 208 56.11 -0.73 43.26
C ASN E 208 57.10 -0.92 42.11
N HIS E 209 57.06 -2.10 41.50
CA HIS E 209 57.91 -2.48 40.37
C HIS E 209 57.13 -2.31 39.08
N PHE E 210 57.80 -1.79 38.05
CA PHE E 210 57.20 -1.58 36.73
C PHE E 210 58.05 -2.28 35.68
N ARG E 211 57.43 -3.20 34.92
CA ARG E 211 58.14 -3.98 33.92
C ARG E 211 57.32 -4.10 32.65
N CYS E 212 58.01 -3.98 31.52
CA CYS E 212 57.42 -4.06 30.19
C CYS E 212 57.88 -5.33 29.49
N GLN E 213 56.94 -6.02 28.86
CA GLN E 213 57.15 -7.37 28.37
C GLN E 213 56.75 -7.46 26.90
N VAL E 214 57.67 -7.96 26.08
CA VAL E 214 57.48 -8.08 24.65
C VAL E 214 57.73 -9.53 24.30
N GLN E 215 56.66 -10.30 24.09
CA GLN E 215 56.76 -11.64 23.49
C GLN E 215 57.06 -11.51 22.00
N PHE E 216 58.20 -12.04 21.57
CA PHE E 216 58.61 -12.02 20.18
C PHE E 216 58.60 -13.43 19.60
N TYR E 217 58.02 -13.60 18.43
CA TYR E 217 57.92 -14.90 17.79
C TYR E 217 58.82 -14.92 16.57
N GLY E 218 59.85 -15.78 16.59
CA GLY E 218 60.76 -15.88 15.46
C GLY E 218 61.09 -17.29 14.99
N LEU E 219 62.38 -17.65 15.03
CA LEU E 219 62.87 -18.94 14.57
C LEU E 219 62.73 -20.01 15.64
N SER E 220 62.55 -21.25 15.19
CA SER E 220 62.43 -22.40 16.07
C SER E 220 63.79 -23.07 16.21
N GLU E 221 63.87 -24.02 17.16
CA GLU E 221 65.06 -24.84 17.28
C GLU E 221 65.43 -25.44 15.93
N ASN E 222 64.43 -25.92 15.19
CA ASN E 222 64.65 -26.72 13.99
C ASN E 222 65.47 -25.95 12.95
N ASP E 223 65.14 -24.68 12.71
CA ASP E 223 65.83 -23.91 11.69
C ASP E 223 67.31 -23.75 12.06
N GLU E 224 68.17 -23.84 11.06
CA GLU E 224 69.61 -23.81 11.32
C GLU E 224 70.10 -22.38 11.34
N TRP E 225 71.03 -22.10 12.26
CA TRP E 225 71.60 -20.77 12.42
C TRP E 225 73.12 -20.89 12.39
N THR E 226 73.73 -20.38 11.32
CA THR E 226 75.17 -20.42 11.13
C THR E 226 75.85 -19.09 11.44
N GLN E 227 75.11 -18.05 11.79
CA GLN E 227 75.72 -16.75 12.04
C GLN E 227 76.31 -16.69 13.45
N ASP E 228 77.27 -15.77 13.63
CA ASP E 228 77.88 -15.58 14.93
C ASP E 228 76.98 -14.79 15.87
N ARG E 229 75.97 -14.13 15.33
CA ARG E 229 74.98 -13.44 16.15
C ARG E 229 74.04 -14.45 16.78
N ALA E 230 73.58 -14.12 17.98
CA ALA E 230 72.71 -15.01 18.73
C ALA E 230 71.45 -15.33 17.92
N LYS E 231 71.17 -16.63 17.78
CA LYS E 231 70.04 -17.15 17.03
C LYS E 231 68.73 -16.47 17.44
N PRO E 232 67.99 -15.86 16.51
CA PRO E 232 66.77 -15.07 16.84
C PRO E 232 65.53 -15.94 17.06
N VAL E 233 65.50 -16.61 18.19
CA VAL E 233 64.48 -17.59 18.51
C VAL E 233 63.34 -16.93 19.29
N THR E 234 62.14 -17.46 19.11
CA THR E 234 60.99 -17.04 19.91
C THR E 234 61.40 -16.81 21.35
N GLN E 235 61.46 -15.56 21.78
CA GLN E 235 61.92 -15.20 23.10
C GLN E 235 61.04 -14.09 23.65
N ILE E 236 61.21 -13.79 24.93
CA ILE E 236 60.63 -12.56 25.47
C ILE E 236 61.75 -11.69 26.00
N VAL E 237 61.57 -10.38 25.84
CA VAL E 237 62.49 -9.37 26.30
C VAL E 237 61.73 -8.43 27.21
N SER E 238 62.36 -8.02 28.30
CA SER E 238 61.71 -7.14 29.27
C SER E 238 62.60 -5.95 29.58
N ALA E 239 61.98 -4.93 30.18
CA ALA E 239 62.68 -3.82 30.80
C ALA E 239 61.88 -3.41 32.02
N GLU E 240 62.59 -2.88 33.01
CA GLU E 240 61.97 -2.60 34.29
C GLU E 240 62.46 -1.24 34.78
N ALA E 241 61.63 -0.62 35.62
CA ALA E 241 62.04 0.54 36.40
C ALA E 241 61.30 0.51 37.72
N TRP E 242 61.93 1.09 38.75
CA TRP E 242 61.37 1.22 40.08
C TRP E 242 60.92 2.65 40.31
N GLY E 243 60.08 2.84 41.34
CA GLY E 243 59.63 4.17 41.70
C GLY E 243 60.65 4.99 42.48
N ILE F 2 3.55 -47.05 3.99
CA ILE F 2 2.60 -47.52 2.98
C ILE F 2 3.32 -47.57 1.64
N GLN F 3 3.23 -48.71 0.96
CA GLN F 3 3.79 -48.89 -0.37
C GLN F 3 2.67 -49.18 -1.36
N ARG F 4 2.87 -48.77 -2.62
CA ARG F 4 1.80 -48.83 -3.62
C ARG F 4 2.29 -49.41 -4.94
N THR F 5 1.42 -50.19 -5.57
CA THR F 5 1.79 -51.02 -6.69
C THR F 5 1.78 -50.20 -7.96
N PRO F 6 2.71 -50.48 -8.90
CA PRO F 6 2.79 -49.67 -10.11
C PRO F 6 1.59 -49.88 -11.01
N LYS F 7 1.04 -48.76 -11.49
CA LYS F 7 0.08 -48.73 -12.57
C LYS F 7 0.83 -48.78 -13.90
N ILE F 8 0.42 -49.70 -14.78
CA ILE F 8 1.14 -49.98 -16.04
C ILE F 8 0.24 -49.65 -17.23
N GLN F 9 0.71 -48.78 -18.10
CA GLN F 9 -0.08 -48.35 -19.27
C GLN F 9 0.74 -48.57 -20.52
N VAL F 10 0.16 -49.29 -21.48
CA VAL F 10 0.82 -49.63 -22.73
C VAL F 10 0.00 -49.08 -23.88
N TYR F 11 0.58 -48.14 -24.63
CA TYR F 11 -0.10 -47.49 -25.75
C TYR F 11 0.90 -47.22 -26.86
N SER F 12 0.38 -46.94 -28.05
CA SER F 12 1.20 -46.53 -29.19
C SER F 12 1.37 -45.01 -29.23
N ARG F 13 2.50 -44.58 -29.76
CA ARG F 13 2.74 -43.15 -29.91
C ARG F 13 1.70 -42.49 -30.80
N HIS F 14 1.30 -43.15 -31.89
CA HIS F 14 0.27 -42.67 -32.79
C HIS F 14 -0.80 -43.73 -32.95
N PRO F 15 -2.01 -43.35 -33.41
CA PRO F 15 -3.02 -44.36 -33.78
C PRO F 15 -2.46 -45.53 -34.57
N ALA F 16 -2.63 -46.74 -34.04
CA ALA F 16 -1.99 -47.91 -34.61
C ALA F 16 -2.65 -48.34 -35.90
N GLU F 17 -1.84 -48.92 -36.78
CA GLU F 17 -2.28 -49.43 -38.06
C GLU F 17 -1.31 -50.54 -38.46
N ASN F 18 -1.85 -51.75 -38.65
CA ASN F 18 -1.00 -52.90 -38.95
C ASN F 18 -0.13 -52.64 -40.17
N GLY F 19 1.18 -52.73 -40.00
CA GLY F 19 2.11 -52.56 -41.09
C GLY F 19 2.77 -51.20 -41.18
N LYS F 20 2.32 -50.21 -40.40
CA LYS F 20 2.91 -48.88 -40.43
C LYS F 20 3.78 -48.66 -39.20
N SER F 21 5.00 -48.19 -39.44
CA SER F 21 5.98 -47.99 -38.38
C SER F 21 5.45 -47.06 -37.30
N ASN F 22 5.88 -47.33 -36.06
CA ASN F 22 5.29 -46.69 -34.89
C ASN F 22 6.25 -46.87 -33.71
N PHE F 23 5.77 -46.47 -32.52
CA PHE F 23 6.49 -46.59 -31.27
C PHE F 23 5.55 -47.10 -30.20
N LEU F 24 5.98 -48.09 -29.44
CA LEU F 24 5.17 -48.69 -28.40
C LEU F 24 5.73 -48.25 -27.06
N ASN F 25 4.90 -47.64 -26.23
CA ASN F 25 5.32 -47.14 -24.93
C ASN F 25 4.83 -48.07 -23.81
N CYS F 26 5.56 -48.07 -22.70
CA CYS F 26 5.05 -48.60 -21.45
C CYS F 26 5.27 -47.53 -20.40
N TYR F 27 4.16 -46.88 -20.00
CA TYR F 27 4.15 -45.85 -18.96
C TYR F 27 3.86 -46.52 -17.63
N VAL F 28 4.84 -46.46 -16.72
CA VAL F 28 4.76 -47.15 -15.45
C VAL F 28 4.81 -46.10 -14.34
N SER F 29 3.77 -46.04 -13.51
CA SER F 29 3.60 -44.88 -12.63
C SER F 29 2.88 -45.26 -11.36
N GLY F 30 2.88 -44.33 -10.40
CA GLY F 30 2.11 -44.45 -9.19
C GLY F 30 2.69 -45.31 -8.10
N PHE F 31 3.92 -45.81 -8.26
CA PHE F 31 4.44 -46.79 -7.33
C PHE F 31 5.38 -46.18 -6.31
N HIS F 32 5.44 -46.85 -5.16
CA HIS F 32 6.42 -46.57 -4.15
C HIS F 32 6.72 -47.91 -3.49
N PRO F 33 8.00 -48.26 -3.24
CA PRO F 33 9.23 -47.46 -3.38
C PRO F 33 9.83 -47.52 -4.78
N SER F 34 11.08 -47.08 -4.96
CA SER F 34 11.64 -46.77 -6.27
C SER F 34 12.30 -47.96 -6.98
N ASP F 35 12.46 -49.08 -6.30
CA ASP F 35 13.06 -50.23 -6.96
C ASP F 35 12.02 -50.86 -7.88
N ILE F 36 12.33 -50.94 -9.16
CA ILE F 36 11.42 -51.50 -10.14
C ILE F 36 12.24 -51.99 -11.33
N GLU F 37 11.67 -52.91 -12.09
CA GLU F 37 12.28 -53.47 -13.30
C GLU F 37 11.20 -53.63 -14.35
N VAL F 38 11.49 -53.18 -15.57
CA VAL F 38 10.51 -53.19 -16.65
C VAL F 38 11.22 -53.55 -17.94
N ASP F 39 10.56 -54.40 -18.75
CA ASP F 39 11.08 -54.85 -20.04
C ASP F 39 9.89 -55.03 -20.96
N LEU F 40 10.07 -54.70 -22.25
CA LEU F 40 9.06 -54.92 -23.27
C LEU F 40 9.24 -56.30 -23.89
N LEU F 41 8.13 -56.91 -24.31
CA LEU F 41 8.08 -58.30 -24.75
C LEU F 41 7.37 -58.40 -26.10
N LYS F 42 8.01 -59.08 -27.05
CA LYS F 42 7.43 -59.36 -28.36
C LYS F 42 7.19 -60.86 -28.50
N ASN F 43 5.93 -61.28 -28.38
CA ASN F 43 5.54 -62.70 -28.47
C ASN F 43 6.11 -63.51 -27.31
N GLY F 44 6.30 -62.87 -26.16
CA GLY F 44 6.95 -63.46 -25.01
C GLY F 44 8.43 -63.13 -24.88
N GLU F 45 9.13 -62.99 -26.00
CA GLU F 45 10.56 -62.72 -25.98
C GLU F 45 10.84 -61.26 -25.62
N ARG F 46 11.82 -61.04 -24.76
CA ARG F 46 12.17 -59.69 -24.35
C ARG F 46 12.81 -58.92 -25.49
N ILE F 47 12.47 -57.63 -25.62
CA ILE F 47 13.01 -56.78 -26.66
C ILE F 47 14.23 -56.04 -26.12
N GLU F 48 15.35 -56.12 -26.84
CA GLU F 48 16.56 -55.53 -26.28
C GLU F 48 16.74 -54.07 -26.66
N LYS F 49 16.40 -53.68 -27.89
CA LYS F 49 16.60 -52.30 -28.36
C LYS F 49 15.45 -51.40 -27.89
N VAL F 50 15.48 -51.08 -26.59
CA VAL F 50 14.42 -50.32 -25.92
C VAL F 50 15.04 -49.13 -25.18
N GLU F 51 14.38 -47.98 -25.30
CA GLU F 51 14.80 -46.76 -24.62
C GLU F 51 13.96 -46.57 -23.37
N HIS F 52 14.48 -45.79 -22.43
CA HIS F 52 13.75 -45.45 -21.22
C HIS F 52 14.22 -44.11 -20.67
N SER F 53 13.33 -43.49 -19.90
CA SER F 53 13.59 -42.29 -19.13
C SER F 53 14.32 -42.67 -17.84
N ASP F 54 14.90 -41.68 -17.17
CA ASP F 54 15.34 -41.91 -15.81
C ASP F 54 14.12 -41.99 -14.89
N LEU F 55 14.37 -42.28 -13.62
CA LEU F 55 13.29 -42.35 -12.65
C LEU F 55 12.77 -40.95 -12.34
N SER F 56 11.46 -40.75 -12.45
CA SER F 56 10.91 -39.43 -12.21
C SER F 56 10.11 -39.42 -10.91
N PHE F 57 9.81 -38.22 -10.43
CA PHE F 57 9.13 -38.01 -9.16
C PHE F 57 7.79 -37.32 -9.39
N SER F 58 6.83 -37.61 -8.53
CA SER F 58 5.53 -36.96 -8.63
C SER F 58 5.26 -36.14 -7.37
N LYS F 59 4.34 -35.19 -7.47
CA LYS F 59 4.05 -34.36 -6.32
C LYS F 59 3.49 -35.18 -5.16
N ASP F 60 2.92 -36.36 -5.44
CA ASP F 60 2.36 -37.22 -4.40
C ASP F 60 3.34 -38.30 -3.92
N TRP F 61 4.65 -38.12 -4.16
CA TRP F 61 5.76 -38.87 -3.62
C TRP F 61 6.00 -40.19 -4.35
N SER F 62 5.08 -40.61 -5.21
CA SER F 62 5.27 -41.82 -5.99
C SER F 62 6.36 -41.56 -7.03
N PHE F 63 6.59 -42.55 -7.88
CA PHE F 63 7.52 -42.40 -9.00
C PHE F 63 6.88 -42.86 -10.28
N TYR F 64 7.48 -42.47 -11.40
CA TYR F 64 6.95 -42.88 -12.69
C TYR F 64 8.12 -43.07 -13.64
N LEU F 65 7.88 -43.85 -14.70
CA LEU F 65 8.87 -44.20 -15.71
C LEU F 65 8.18 -44.45 -17.04
N LEU F 66 8.93 -44.27 -18.14
CA LEU F 66 8.44 -44.57 -19.50
C LEU F 66 9.51 -45.34 -20.28
N TYR F 67 9.15 -46.54 -20.72
CA TYR F 67 9.96 -47.36 -21.61
C TYR F 67 9.28 -47.40 -22.98
N TYR F 68 10.04 -47.22 -24.06
CA TYR F 68 9.46 -47.35 -25.38
C TYR F 68 10.43 -48.01 -26.34
N THR F 69 9.91 -48.39 -27.50
CA THR F 69 10.74 -48.90 -28.58
C THR F 69 9.99 -48.75 -29.90
N GLU F 70 10.79 -48.71 -30.97
CA GLU F 70 10.25 -48.65 -32.32
C GLU F 70 9.82 -50.03 -32.76
N PHE F 71 8.64 -50.11 -33.38
CA PHE F 71 8.08 -51.38 -33.80
C PHE F 71 7.15 -51.17 -35.00
N THR F 72 6.73 -52.27 -35.59
CA THR F 72 5.70 -52.25 -36.61
C THR F 72 4.64 -53.27 -36.24
N PRO F 73 3.47 -52.82 -35.78
CA PRO F 73 2.44 -53.77 -35.33
C PRO F 73 1.90 -54.59 -36.50
N THR F 74 1.74 -55.88 -36.26
CA THR F 74 1.07 -56.76 -37.20
C THR F 74 -0.10 -57.42 -36.49
N GLU F 75 -0.94 -58.08 -37.28
CA GLU F 75 -2.07 -58.80 -36.72
C GLU F 75 -1.61 -59.97 -35.86
N LYS F 76 -0.44 -60.53 -36.17
CA LYS F 76 0.03 -61.79 -35.58
C LYS F 76 0.89 -61.61 -34.33
N ASP F 77 1.59 -60.49 -34.19
CA ASP F 77 2.49 -60.29 -33.05
C ASP F 77 1.73 -59.67 -31.87
N GLU F 78 1.79 -60.34 -30.71
CA GLU F 78 1.25 -59.81 -29.47
C GLU F 78 2.36 -59.17 -28.66
N TYR F 79 2.13 -57.94 -28.20
CA TYR F 79 3.11 -57.20 -27.41
C TYR F 79 2.66 -57.09 -25.97
N ALA F 80 3.60 -56.77 -25.09
CA ALA F 80 3.26 -56.71 -23.69
C ALA F 80 4.35 -55.95 -22.96
N CYS F 81 4.06 -55.59 -21.72
CA CYS F 81 5.01 -54.97 -20.83
C CYS F 81 4.99 -55.75 -19.52
N ARG F 82 6.16 -56.27 -19.13
CA ARG F 82 6.31 -57.09 -17.94
C ARG F 82 7.04 -56.28 -16.87
N VAL F 83 6.47 -56.28 -15.65
CA VAL F 83 6.83 -55.30 -14.61
C VAL F 83 7.03 -56.06 -13.31
N ASN F 84 8.09 -55.74 -12.57
CA ASN F 84 8.24 -56.33 -11.25
C ASN F 84 8.51 -55.23 -10.21
N HIS F 85 7.89 -55.43 -9.06
CA HIS F 85 7.91 -54.50 -7.95
C HIS F 85 7.86 -55.31 -6.66
N VAL F 86 8.21 -54.66 -5.55
CA VAL F 86 8.20 -55.36 -4.28
C VAL F 86 6.78 -55.75 -3.89
N THR F 87 5.78 -54.98 -4.32
CA THR F 87 4.39 -55.31 -4.02
C THR F 87 3.83 -56.36 -4.99
N LEU F 88 4.69 -56.96 -5.80
CA LEU F 88 4.31 -57.97 -6.77
C LEU F 88 5.02 -59.28 -6.44
N SER F 89 4.25 -60.28 -6.01
CA SER F 89 4.82 -61.60 -5.74
C SER F 89 5.40 -62.24 -7.00
N GLN F 90 4.83 -61.97 -8.16
CA GLN F 90 5.27 -62.45 -9.46
C GLN F 90 5.35 -61.27 -10.41
N PRO F 91 6.23 -61.29 -11.41
CA PRO F 91 6.22 -60.25 -12.44
C PRO F 91 4.85 -60.14 -13.10
N LYS F 92 4.37 -58.92 -13.29
CA LYS F 92 3.10 -58.67 -13.96
C LYS F 92 3.34 -58.44 -15.45
N ILE F 93 2.64 -59.19 -16.29
CA ILE F 93 2.71 -59.04 -17.73
C ILE F 93 1.42 -58.38 -18.16
N VAL F 94 1.55 -57.20 -18.79
CA VAL F 94 0.42 -56.41 -19.28
C VAL F 94 0.51 -56.37 -20.80
N LYS F 95 -0.53 -56.85 -21.46
CA LYS F 95 -0.58 -56.96 -22.92
C LYS F 95 -1.11 -55.67 -23.55
N TRP F 96 -0.49 -55.27 -24.67
CA TRP F 96 -0.95 -54.11 -25.42
C TRP F 96 -2.36 -54.31 -25.95
N ASP F 97 -3.26 -53.37 -25.65
CA ASP F 97 -4.64 -53.48 -26.11
C ASP F 97 -4.78 -53.33 -27.62
N ARG F 98 -3.70 -53.02 -28.35
CA ARG F 98 -3.71 -52.85 -29.80
C ARG F 98 -4.51 -51.63 -30.26
N ASP F 99 -4.47 -50.56 -29.44
CA ASP F 99 -5.14 -49.27 -29.72
C ASP F 99 -6.64 -49.47 -29.95
N MET F 100 -7.24 -50.30 -29.10
CA MET F 100 -8.68 -50.54 -29.09
C MET F 100 -9.44 -49.36 -28.51
N GLN G 3 -30.52 19.94 13.44
CA GLN G 3 -31.00 19.05 12.39
C GLN G 3 -30.78 17.58 12.72
N ASN G 4 -31.68 16.74 12.22
CA ASN G 4 -31.73 15.38 12.70
C ASN G 4 -32.47 14.51 11.69
N ILE G 5 -31.83 13.43 11.25
CA ILE G 5 -32.50 12.47 10.38
C ILE G 5 -32.43 11.09 11.03
N ASP G 6 -33.47 10.31 10.82
CA ASP G 6 -33.64 9.01 11.42
C ASP G 6 -34.18 8.10 10.33
N GLN G 7 -33.52 6.96 10.14
CA GLN G 7 -34.03 5.85 9.37
C GLN G 7 -33.67 4.62 10.19
N PRO G 8 -34.34 3.50 9.99
CA PRO G 8 -34.08 2.35 10.86
C PRO G 8 -32.77 1.69 10.45
N THR G 9 -32.18 0.95 11.38
CA THR G 9 -30.83 0.48 11.17
C THR G 9 -30.77 -0.61 10.11
N GLU G 10 -31.63 -1.63 10.23
CA GLU G 10 -31.66 -2.72 9.26
C GLU G 10 -33.09 -3.24 9.14
N MET G 11 -33.40 -3.82 7.98
CA MET G 11 -34.71 -4.42 7.72
C MET G 11 -34.53 -5.74 7.00
N THR G 12 -35.30 -6.74 7.43
CA THR G 12 -35.27 -8.07 6.84
C THR G 12 -36.63 -8.35 6.21
N ALA G 13 -36.63 -8.76 4.95
CA ALA G 13 -37.85 -9.13 4.23
C ALA G 13 -37.55 -10.37 3.41
N THR G 14 -38.52 -10.85 2.65
CA THR G 14 -38.34 -12.09 1.91
C THR G 14 -38.39 -11.84 0.41
N GLU G 15 -37.59 -12.61 -0.33
CA GLU G 15 -37.45 -12.43 -1.78
C GLU G 15 -38.82 -12.45 -2.45
N GLY G 16 -39.03 -11.51 -3.39
CA GLY G 16 -40.26 -11.38 -4.13
C GLY G 16 -41.38 -10.67 -3.42
N ALA G 17 -41.14 -10.09 -2.25
CA ALA G 17 -42.14 -9.39 -1.45
C ALA G 17 -41.96 -7.88 -1.62
N ILE G 18 -42.55 -7.10 -0.71
CA ILE G 18 -42.49 -5.65 -0.74
C ILE G 18 -41.89 -5.17 0.57
N VAL G 19 -41.10 -4.09 0.51
CA VAL G 19 -40.51 -3.51 1.70
C VAL G 19 -40.55 -1.98 1.61
N GLN G 20 -40.74 -1.34 2.76
CA GLN G 20 -40.90 0.10 2.86
C GLN G 20 -39.91 0.66 3.87
N ILE G 21 -39.00 1.49 3.38
CA ILE G 21 -37.90 2.04 4.17
C ILE G 21 -38.26 3.46 4.56
N ASN G 22 -38.51 3.71 5.85
CA ASN G 22 -38.94 5.03 6.32
C ASN G 22 -37.77 5.94 6.61
N CYS G 23 -37.97 7.24 6.38
CA CYS G 23 -36.96 8.25 6.68
C CYS G 23 -37.68 9.51 7.16
N THR G 24 -37.70 9.73 8.48
CA THR G 24 -38.19 10.97 9.07
C THR G 24 -37.02 11.90 9.35
N TYR G 25 -37.31 13.19 9.37
CA TYR G 25 -36.29 14.23 9.50
C TYR G 25 -36.91 15.49 10.06
N GLN G 26 -36.14 16.20 10.89
CA GLN G 26 -36.48 17.55 11.30
C GLN G 26 -35.28 18.43 10.99
N THR G 27 -35.50 19.46 10.17
CA THR G 27 -34.43 20.24 9.55
C THR G 27 -34.76 21.73 9.57
N SER G 28 -33.71 22.53 9.38
CA SER G 28 -33.81 23.99 9.18
C SER G 28 -34.07 24.24 7.70
N GLY G 29 -35.35 24.38 7.34
CA GLY G 29 -35.75 24.46 5.95
C GLY G 29 -35.86 23.09 5.30
N PHE G 30 -35.98 23.10 3.97
CA PHE G 30 -36.13 21.87 3.21
C PHE G 30 -36.04 22.13 1.73
N ASN G 31 -35.04 21.55 1.05
CA ASN G 31 -34.87 21.80 -0.38
C ASN G 31 -34.89 20.54 -1.24
N GLY G 32 -35.38 19.42 -0.72
CA GLY G 32 -35.43 18.16 -1.47
C GLY G 32 -34.91 17.00 -0.64
N LEU G 33 -35.39 15.79 -0.98
CA LEU G 33 -35.03 14.54 -0.33
C LEU G 33 -34.43 13.60 -1.36
N PHE G 34 -33.30 12.99 -1.01
CA PHE G 34 -32.63 12.00 -1.84
C PHE G 34 -32.59 10.65 -1.15
N TRP G 35 -32.66 9.59 -1.97
CA TRP G 35 -32.26 8.25 -1.59
C TRP G 35 -31.00 7.83 -2.35
N TYR G 36 -30.05 7.24 -1.62
CA TYR G 36 -28.85 6.67 -2.20
C TYR G 36 -28.74 5.18 -1.88
N GLN G 37 -28.37 4.40 -2.90
CA GLN G 37 -28.08 2.96 -2.77
C GLN G 37 -26.58 2.79 -2.63
N GLN G 38 -26.15 1.97 -1.68
CA GLN G 38 -24.73 1.68 -1.50
C GLN G 38 -24.60 0.18 -1.25
N HIS G 39 -24.05 -0.54 -2.20
CA HIS G 39 -23.77 -1.93 -1.91
C HIS G 39 -22.59 -2.03 -0.97
N ALA G 40 -22.55 -3.13 -0.23
CA ALA G 40 -21.53 -3.30 0.79
C ALA G 40 -20.15 -3.25 0.11
N GLY G 41 -19.26 -2.46 0.68
CA GLY G 41 -17.95 -2.23 0.10
C GLY G 41 -17.92 -1.24 -1.04
N GLU G 42 -19.04 -0.92 -1.67
CA GLU G 42 -19.05 -0.09 -2.85
C GLU G 42 -19.48 1.33 -2.48
N ALA G 43 -19.59 2.21 -3.54
CA ALA G 43 -19.94 3.63 -3.50
C ALA G 43 -21.45 3.85 -3.64
N PRO G 44 -22.01 4.82 -2.94
CA PRO G 44 -23.44 5.11 -3.12
C PRO G 44 -23.72 5.72 -4.48
N THR G 45 -24.83 5.30 -5.06
CA THR G 45 -25.35 5.95 -6.25
C THR G 45 -26.73 6.54 -5.99
N PHE G 46 -27.12 7.49 -6.86
CA PHE G 46 -28.38 8.20 -6.69
C PHE G 46 -29.57 7.28 -6.99
N LEU G 47 -30.56 7.26 -6.09
CA LEU G 47 -31.77 6.51 -6.41
C LEU G 47 -32.90 7.45 -6.83
N SER G 48 -33.39 8.27 -5.89
CA SER G 48 -34.59 9.06 -6.10
C SER G 48 -34.46 10.45 -5.50
N TYR G 49 -35.39 11.33 -5.89
CA TYR G 49 -35.42 12.73 -5.47
C TYR G 49 -36.86 13.20 -5.36
N ASN G 50 -37.26 13.64 -4.16
CA ASN G 50 -38.63 14.11 -3.94
C ASN G 50 -38.61 15.50 -3.31
N VAL G 51 -39.51 16.36 -3.77
CA VAL G 51 -39.45 17.75 -3.30
C VAL G 51 -40.85 18.30 -3.06
N LEU G 52 -41.82 17.85 -3.85
CA LEU G 52 -43.23 18.11 -3.59
C LEU G 52 -43.90 16.84 -3.12
N ASP G 53 -45.06 16.98 -2.50
CA ASP G 53 -45.69 15.82 -1.88
C ASP G 53 -46.22 14.87 -2.95
N GLY G 54 -46.48 13.64 -2.55
CA GLY G 54 -46.96 12.61 -3.44
C GLY G 54 -45.94 11.50 -3.60
N LEU G 55 -46.20 10.65 -4.60
CA LEU G 55 -45.51 9.40 -4.83
C LEU G 55 -44.89 9.39 -6.22
N GLU G 56 -43.62 9.00 -6.33
CA GLU G 56 -42.89 8.99 -7.60
C GLU G 56 -42.43 7.56 -7.90
N GLU G 57 -42.99 6.96 -8.96
CA GLU G 57 -42.55 5.67 -9.47
C GLU G 57 -41.41 5.85 -10.47
N LYS G 58 -40.36 5.02 -10.32
CA LYS G 58 -39.22 4.95 -11.23
C LYS G 58 -38.88 3.46 -11.35
N GLY G 59 -39.53 2.78 -12.31
CA GLY G 59 -39.32 1.36 -12.47
C GLY G 59 -40.07 0.56 -11.43
N ARG G 60 -39.37 -0.37 -10.77
CA ARG G 60 -39.94 -1.15 -9.68
C ARG G 60 -39.57 -0.57 -8.32
N PHE G 61 -38.98 0.62 -8.30
CA PHE G 61 -38.79 1.43 -7.11
C PHE G 61 -39.74 2.62 -7.14
N SER G 62 -40.18 3.04 -5.96
CA SER G 62 -41.07 4.18 -5.76
C SER G 62 -40.66 4.94 -4.50
N SER G 63 -40.58 6.26 -4.60
CA SER G 63 -40.31 7.10 -3.44
C SER G 63 -41.47 8.06 -3.21
N PHE G 64 -41.76 8.33 -1.93
CA PHE G 64 -42.88 9.14 -1.48
C PHE G 64 -42.37 10.27 -0.57
N LEU G 65 -43.17 11.32 -0.43
CA LEU G 65 -42.82 12.44 0.47
C LEU G 65 -44.09 13.15 0.94
N SER G 66 -44.14 13.42 2.26
CA SER G 66 -45.09 14.31 2.92
C SER G 66 -44.23 15.32 3.68
N ARG G 67 -44.01 16.49 3.07
CA ARG G 67 -43.31 17.59 3.73
C ARG G 67 -43.97 17.98 5.04
N SER G 68 -45.31 17.97 5.07
CA SER G 68 -46.03 18.42 6.25
C SER G 68 -45.74 17.53 7.45
N LYS G 69 -45.72 16.21 7.23
CA LYS G 69 -45.35 15.27 8.27
C LYS G 69 -43.84 15.08 8.37
N GLY G 70 -43.09 15.66 7.41
CA GLY G 70 -41.63 15.61 7.35
C GLY G 70 -41.06 14.22 7.29
N TYR G 71 -41.42 13.47 6.25
CA TYR G 71 -41.14 12.04 6.23
C TYR G 71 -41.25 11.51 4.82
N SER G 72 -40.25 10.75 4.40
CA SER G 72 -40.24 10.05 3.13
C SER G 72 -40.08 8.56 3.38
N TYR G 73 -40.57 7.73 2.45
CA TYR G 73 -40.23 6.32 2.47
C TYR G 73 -39.87 5.85 1.07
N LEU G 74 -38.96 4.88 1.02
CA LEU G 74 -38.60 4.17 -0.21
C LEU G 74 -39.31 2.82 -0.24
N LEU G 75 -39.97 2.53 -1.37
CA LEU G 75 -40.78 1.32 -1.53
C LEU G 75 -40.20 0.46 -2.65
N LEU G 76 -39.80 -0.77 -2.30
CA LEU G 76 -39.21 -1.73 -3.24
C LEU G 76 -40.19 -2.88 -3.45
N LYS G 77 -40.60 -3.09 -4.71
CA LYS G 77 -41.59 -4.09 -5.07
C LYS G 77 -40.91 -5.27 -5.71
N GLU G 78 -41.45 -6.46 -5.44
CA GLU G 78 -40.93 -7.72 -5.96
C GLU G 78 -39.43 -7.82 -5.68
N LEU G 79 -39.12 -7.97 -4.38
CA LEU G 79 -37.74 -7.93 -3.94
C LEU G 79 -36.92 -9.03 -4.61
N GLN G 80 -35.71 -8.69 -5.00
CA GLN G 80 -34.71 -9.66 -5.45
C GLN G 80 -33.48 -9.58 -4.56
N MET G 81 -32.62 -10.59 -4.70
CA MET G 81 -31.44 -10.65 -3.88
C MET G 81 -30.52 -9.47 -4.13
N LYS G 82 -30.45 -8.97 -5.37
CA LYS G 82 -29.47 -7.93 -5.71
C LYS G 82 -29.78 -6.60 -5.06
N ASP G 83 -30.95 -6.47 -4.45
CA ASP G 83 -31.34 -5.30 -3.70
C ASP G 83 -30.83 -5.33 -2.26
N SER G 84 -30.03 -6.31 -1.89
CA SER G 84 -29.50 -6.36 -0.54
C SER G 84 -28.39 -5.33 -0.46
N ALA G 85 -28.70 -4.13 -0.02
CA ALA G 85 -27.65 -3.13 0.19
C ALA G 85 -28.00 -2.29 1.41
N SER G 86 -27.31 -1.16 1.55
CA SER G 86 -27.77 -0.08 2.41
C SER G 86 -28.45 1.00 1.56
N TYR G 87 -29.53 1.56 2.10
CA TYR G 87 -30.23 2.66 1.45
C TYR G 87 -30.13 3.84 2.39
N LEU G 88 -29.42 4.87 1.93
CA LEU G 88 -29.20 6.08 2.69
C LEU G 88 -30.19 7.16 2.25
N CYS G 89 -30.77 7.84 3.22
CA CYS G 89 -31.67 8.95 3.03
CA CYS G 89 -31.65 8.96 2.95
C CYS G 89 -30.91 10.25 3.28
N ALA G 90 -31.16 11.29 2.46
CA ALA G 90 -30.46 12.58 2.58
C ALA G 90 -31.39 13.78 2.33
N VAL G 91 -31.30 14.79 3.20
CA VAL G 91 -32.18 15.96 3.14
C VAL G 91 -31.35 17.22 2.96
N LYS G 92 -31.74 18.03 1.97
CA LYS G 92 -31.11 19.31 1.70
C LYS G 92 -31.81 20.41 2.49
N ASP G 93 -31.06 21.07 3.39
CA ASP G 93 -31.65 22.03 4.34
C ASP G 93 -31.80 23.40 3.68
N SER G 94 -32.10 24.43 4.48
CA SER G 94 -32.39 25.75 3.94
C SER G 94 -31.17 26.35 3.23
N ASN G 95 -29.98 26.04 3.71
CA ASN G 95 -28.76 26.55 3.12
C ASN G 95 -28.12 25.56 2.17
N TYR G 96 -28.87 24.55 1.74
CA TYR G 96 -28.40 23.54 0.78
C TYR G 96 -27.22 22.74 1.35
N GLN G 97 -27.35 22.34 2.61
CA GLN G 97 -26.44 21.39 3.25
C GLN G 97 -27.12 20.02 3.27
N LEU G 98 -26.44 19.00 2.77
CA LEU G 98 -26.99 17.65 2.85
C LEU G 98 -26.77 17.12 4.25
N ILE G 99 -27.84 16.71 4.90
CA ILE G 99 -27.76 16.01 6.17
C ILE G 99 -28.07 14.56 5.89
N TRP G 100 -27.22 13.66 6.38
CA TRP G 100 -27.28 12.26 6.04
C TRP G 100 -27.75 11.45 7.25
N GLY G 101 -28.71 10.56 7.01
CA GLY G 101 -29.01 9.53 7.97
C GLY G 101 -28.00 8.39 7.92
N ALA G 102 -28.15 7.48 8.89
CA ALA G 102 -27.18 6.42 9.11
C ALA G 102 -27.27 5.30 8.08
N GLY G 103 -28.36 5.21 7.33
CA GLY G 103 -28.53 4.16 6.36
C GLY G 103 -29.45 3.07 6.87
N THR G 104 -29.93 2.24 5.95
CA THR G 104 -30.71 1.08 6.33
C THR G 104 -30.21 -0.11 5.52
N LYS G 105 -29.71 -1.11 6.25
CA LYS G 105 -29.21 -2.36 5.69
C LYS G 105 -30.38 -3.25 5.33
N LEU G 106 -30.61 -3.41 4.03
CA LEU G 106 -31.72 -4.21 3.55
C LEU G 106 -31.18 -5.61 3.33
N ILE G 107 -31.85 -6.60 3.90
CA ILE G 107 -31.36 -7.97 3.95
C ILE G 107 -32.47 -8.88 3.43
N ILE G 108 -32.20 -9.58 2.33
CA ILE G 108 -33.21 -10.39 1.65
C ILE G 108 -33.00 -11.85 1.97
N LYS G 109 -34.04 -12.50 2.43
CA LYS G 109 -34.05 -13.94 2.50
C LYS G 109 -34.40 -14.53 1.13
N PRO G 110 -33.62 -15.48 0.61
CA PRO G 110 -33.95 -16.08 -0.68
C PRO G 110 -35.04 -17.11 -0.49
N ASP G 111 -35.84 -17.30 -1.53
CA ASP G 111 -36.91 -18.28 -1.48
C ASP G 111 -36.30 -19.65 -1.76
N ILE G 112 -36.08 -20.43 -0.69
CA ILE G 112 -35.53 -21.77 -0.86
C ILE G 112 -36.69 -22.69 -1.21
N GLN G 113 -36.62 -23.32 -2.39
CA GLN G 113 -37.71 -24.16 -2.89
C GLN G 113 -37.70 -25.53 -2.21
N ASN G 114 -36.56 -26.21 -2.18
CA ASN G 114 -36.49 -27.57 -1.65
C ASN G 114 -35.41 -27.67 -0.58
N PRO G 115 -35.74 -27.38 0.68
CA PRO G 115 -34.74 -27.41 1.75
C PRO G 115 -34.09 -28.79 1.88
N ASP G 116 -32.77 -28.80 2.10
CA ASP G 116 -32.00 -30.03 2.28
C ASP G 116 -30.92 -29.77 3.32
N PRO G 117 -31.30 -29.43 4.56
CA PRO G 117 -30.31 -29.03 5.58
C PRO G 117 -29.41 -30.19 5.98
N ALA G 118 -28.10 -29.92 5.98
CA ALA G 118 -27.08 -30.89 6.33
C ALA G 118 -25.86 -30.16 6.85
N VAL G 119 -24.97 -30.92 7.49
CA VAL G 119 -23.68 -30.43 8.01
C VAL G 119 -22.61 -31.37 7.47
N TYR G 120 -21.87 -30.94 6.47
CA TYR G 120 -20.86 -31.82 5.90
C TYR G 120 -19.49 -31.50 6.46
N GLN G 121 -18.69 -32.55 6.59
CA GLN G 121 -17.26 -32.43 6.90
C GLN G 121 -16.49 -32.26 5.60
N LEU G 122 -15.67 -31.22 5.52
CA LEU G 122 -14.90 -30.94 4.32
C LEU G 122 -13.49 -31.49 4.47
N ARG G 123 -12.94 -31.99 3.35
CA ARG G 123 -11.60 -32.57 3.34
C ARG G 123 -10.59 -31.64 3.99
N ASP G 124 -9.74 -32.21 4.83
CA ASP G 124 -8.65 -31.45 5.44
C ASP G 124 -7.68 -30.98 4.38
N SER G 125 -7.03 -29.84 4.66
CA SER G 125 -6.06 -29.24 3.77
C SER G 125 -4.69 -29.47 4.37
N LYS G 126 -3.81 -30.14 3.61
CA LYS G 126 -2.49 -30.51 4.13
C LYS G 126 -1.65 -29.30 4.51
N SER G 127 -2.11 -28.08 4.22
CA SER G 127 -1.35 -26.87 4.55
C SER G 127 -1.98 -26.07 5.68
N SER G 128 -2.90 -26.67 6.42
CA SER G 128 -3.59 -26.01 7.53
C SER G 128 -3.85 -27.07 8.60
N ASP G 129 -4.04 -26.61 9.84
CA ASP G 129 -4.33 -27.50 10.96
C ASP G 129 -5.79 -27.46 11.38
N LYS G 130 -6.65 -26.83 10.59
CA LYS G 130 -8.05 -26.61 10.92
C LYS G 130 -8.92 -27.69 10.30
N SER G 131 -10.01 -28.00 10.98
CA SER G 131 -11.10 -28.78 10.39
C SER G 131 -12.26 -27.83 10.11
N VAL G 132 -13.09 -28.18 9.13
CA VAL G 132 -14.05 -27.21 8.59
C VAL G 132 -15.39 -27.90 8.32
N CYS G 133 -16.42 -27.48 9.07
CA CYS G 133 -17.78 -27.93 8.85
C CYS G 133 -18.55 -26.90 8.05
N LEU G 134 -19.54 -27.38 7.30
CA LEU G 134 -20.30 -26.56 6.37
C LEU G 134 -21.78 -26.87 6.57
N PHE G 135 -22.48 -25.99 7.28
CA PHE G 135 -23.94 -26.04 7.33
C PHE G 135 -24.50 -25.46 6.03
N THR G 136 -25.33 -26.23 5.33
CA THR G 136 -25.76 -25.72 4.04
C THR G 136 -27.17 -26.18 3.74
N ASP G 137 -27.75 -25.51 2.75
CA ASP G 137 -28.99 -25.90 2.08
C ASP G 137 -30.20 -25.84 3.01
N PHE G 138 -30.15 -25.00 4.04
CA PHE G 138 -31.29 -24.83 4.93
C PHE G 138 -32.17 -23.67 4.47
N ASP G 139 -33.39 -23.66 4.99
CA ASP G 139 -34.38 -22.65 4.65
C ASP G 139 -34.04 -21.32 5.32
N SER G 140 -34.49 -20.24 4.70
CA SER G 140 -34.17 -18.90 5.17
C SER G 140 -34.73 -18.59 6.56
N GLN G 141 -35.65 -19.39 7.09
CA GLN G 141 -36.15 -19.13 8.44
C GLN G 141 -35.17 -19.54 9.54
N THR G 142 -34.03 -20.14 9.19
CA THR G 142 -33.06 -20.59 10.17
C THR G 142 -31.97 -19.53 10.37
N ASN G 143 -31.63 -19.26 11.63
CA ASN G 143 -30.55 -18.33 11.94
C ASN G 143 -29.34 -19.09 12.52
N VAL G 144 -28.15 -18.57 12.20
CA VAL G 144 -26.87 -19.17 12.55
C VAL G 144 -26.28 -18.40 13.73
N SER G 145 -26.05 -19.09 14.84
CA SER G 145 -25.60 -18.43 16.07
C SER G 145 -24.09 -18.36 16.15
N GLN G 146 -23.59 -17.25 16.71
CA GLN G 146 -22.17 -17.11 16.97
C GLN G 146 -21.70 -18.20 17.92
N SER G 147 -20.50 -18.71 17.70
CA SER G 147 -20.02 -19.80 18.54
C SER G 147 -19.89 -19.32 19.97
N LYS G 148 -20.01 -20.26 20.90
CA LYS G 148 -19.81 -19.95 22.31
C LYS G 148 -18.40 -20.25 22.78
N ASP G 149 -17.71 -21.22 22.15
CA ASP G 149 -16.34 -21.56 22.51
C ASP G 149 -15.36 -20.63 21.81
N SER G 150 -14.28 -20.29 22.51
CA SER G 150 -13.34 -19.26 22.09
C SER G 150 -12.38 -19.73 21.01
N ASP G 151 -12.24 -21.05 20.81
CA ASP G 151 -11.36 -21.57 19.77
C ASP G 151 -12.13 -22.20 18.61
N VAL G 152 -13.45 -22.06 18.58
CA VAL G 152 -14.23 -22.42 17.40
C VAL G 152 -14.80 -21.14 16.79
N TYR G 153 -14.96 -21.13 15.48
CA TYR G 153 -15.31 -19.92 14.74
C TYR G 153 -16.44 -20.25 13.78
N ILE G 154 -17.59 -19.60 13.97
CA ILE G 154 -18.74 -19.74 13.09
C ILE G 154 -18.99 -18.42 12.37
N THR G 155 -19.19 -18.48 11.07
CA THR G 155 -19.52 -17.28 10.34
C THR G 155 -21.04 -17.16 10.21
N ASP G 156 -21.49 -15.96 9.84
CA ASP G 156 -22.89 -15.73 9.58
C ASP G 156 -23.23 -16.21 8.19
N LYS G 157 -24.51 -16.55 8.01
CA LYS G 157 -24.92 -17.24 6.80
C LYS G 157 -24.67 -16.38 5.57
N CYS G 158 -24.66 -17.01 4.42
CA CYS G 158 -24.34 -16.36 3.16
C CYS G 158 -25.25 -16.98 2.11
N VAL G 159 -25.71 -16.18 1.16
CA VAL G 159 -26.64 -16.66 0.13
C VAL G 159 -25.86 -16.82 -1.17
N LEU G 160 -25.94 -18.01 -1.75
CA LEU G 160 -25.16 -18.38 -2.91
C LEU G 160 -26.10 -18.66 -4.08
N ASP G 161 -25.74 -18.17 -5.27
CA ASP G 161 -26.55 -18.35 -6.47
C ASP G 161 -25.66 -18.90 -7.58
N MET G 162 -25.94 -20.14 -8.01
CA MET G 162 -25.36 -20.73 -9.21
C MET G 162 -26.31 -20.41 -10.35
N ARG G 163 -26.04 -19.32 -11.10
CA ARG G 163 -26.99 -18.90 -12.13
C ARG G 163 -27.08 -19.92 -13.26
N SER G 164 -26.05 -20.74 -13.44
CA SER G 164 -26.08 -21.79 -14.46
C SER G 164 -27.15 -22.83 -14.18
N MET G 165 -27.57 -22.96 -12.92
CA MET G 165 -28.65 -23.86 -12.56
C MET G 165 -29.83 -23.12 -11.93
N ASP G 166 -29.85 -21.79 -11.97
CA ASP G 166 -30.88 -21.00 -11.30
C ASP G 166 -31.16 -21.61 -9.93
N PHE G 167 -30.20 -21.50 -9.03
CA PHE G 167 -30.25 -22.21 -7.76
C PHE G 167 -29.68 -21.32 -6.67
N LYS G 168 -30.33 -21.34 -5.51
CA LYS G 168 -29.96 -20.51 -4.38
C LYS G 168 -29.92 -21.37 -3.13
N SER G 169 -28.91 -21.16 -2.29
CA SER G 169 -28.81 -21.92 -1.05
C SER G 169 -28.12 -21.08 0.01
N ASN G 170 -28.49 -21.31 1.26
CA ASN G 170 -27.87 -20.65 2.40
C ASN G 170 -26.72 -21.53 2.90
N SER G 171 -25.75 -20.90 3.57
CA SER G 171 -24.61 -21.67 4.07
C SER G 171 -23.87 -20.89 5.14
N ALA G 172 -23.49 -21.60 6.20
CA ALA G 172 -22.61 -21.12 7.24
C ALA G 172 -21.40 -22.03 7.28
N VAL G 173 -20.31 -21.51 7.82
CA VAL G 173 -19.06 -22.27 7.90
C VAL G 173 -18.54 -22.18 9.34
N ALA G 174 -18.12 -23.32 9.89
CA ALA G 174 -17.49 -23.37 11.21
C ALA G 174 -16.18 -24.15 11.14
N TRP G 175 -15.13 -23.59 11.74
CA TRP G 175 -13.83 -24.26 11.79
C TRP G 175 -13.21 -24.17 13.18
N SER G 176 -12.19 -25.00 13.39
CA SER G 176 -11.34 -24.95 14.60
C SER G 176 -10.22 -25.96 14.46
N ASN G 177 -9.12 -25.70 15.17
CA ASN G 177 -8.00 -26.63 15.22
C ASN G 177 -7.93 -27.39 16.54
N LYS G 178 -8.78 -27.07 17.51
CA LYS G 178 -8.87 -27.86 18.72
C LYS G 178 -9.24 -29.30 18.39
N SER G 179 -8.69 -30.25 19.15
CA SER G 179 -8.85 -31.66 18.81
C SER G 179 -10.17 -32.26 19.25
N ASP G 180 -10.89 -31.58 20.14
CA ASP G 180 -12.24 -31.99 20.48
C ASP G 180 -13.24 -31.70 19.35
N PHE G 181 -12.92 -30.77 18.45
CA PHE G 181 -13.88 -30.25 17.47
C PHE G 181 -14.35 -31.35 16.51
N ALA G 182 -15.65 -31.30 16.18
CA ALA G 182 -16.31 -32.25 15.28
C ALA G 182 -17.43 -31.54 14.56
N CYS G 183 -17.84 -32.12 13.42
CA CYS G 183 -18.97 -31.53 12.71
C CYS G 183 -20.28 -31.76 13.44
N ALA G 184 -20.44 -32.92 14.08
CA ALA G 184 -21.66 -33.23 14.80
C ALA G 184 -21.94 -32.23 15.91
N ASN G 185 -20.94 -31.49 16.37
CA ASN G 185 -21.06 -30.62 17.52
C ASN G 185 -20.83 -29.16 17.20
N ALA G 186 -20.56 -28.85 15.93
CA ALA G 186 -20.10 -27.51 15.58
C ALA G 186 -21.18 -26.47 15.78
N PHE G 187 -22.42 -26.80 15.43
CA PHE G 187 -23.50 -25.82 15.40
C PHE G 187 -24.56 -26.06 16.49
N ASN G 188 -24.15 -26.57 17.66
CA ASN G 188 -25.11 -26.89 18.71
C ASN G 188 -25.66 -25.62 19.37
N ASN G 189 -24.84 -24.58 19.44
CA ASN G 189 -25.26 -23.30 19.99
C ASN G 189 -26.34 -22.64 19.12
N SER G 190 -26.59 -23.17 17.92
CA SER G 190 -27.55 -22.66 16.96
C SER G 190 -28.78 -23.57 16.95
N ILE G 191 -29.91 -23.04 16.51
CA ILE G 191 -31.15 -23.84 16.44
C ILE G 191 -31.33 -24.32 15.00
N ILE G 192 -31.05 -25.61 14.79
CA ILE G 192 -30.90 -26.23 13.48
C ILE G 192 -32.21 -26.94 13.16
N PRO G 193 -32.57 -27.14 11.88
CA PRO G 193 -33.77 -27.93 11.57
C PRO G 193 -33.71 -29.31 12.18
N GLU G 194 -34.90 -29.86 12.50
CA GLU G 194 -34.95 -31.22 13.00
C GLU G 194 -34.41 -32.22 11.97
N ASP G 195 -34.77 -32.05 10.69
CA ASP G 195 -34.42 -33.00 9.66
C ASP G 195 -33.03 -32.78 9.08
N THR G 196 -32.13 -32.14 9.81
CA THR G 196 -30.80 -31.90 9.28
C THR G 196 -30.07 -33.21 9.09
N PHE G 197 -29.36 -33.33 7.96
CA PHE G 197 -28.64 -34.53 7.59
C PHE G 197 -27.21 -34.47 8.12
N PHE G 198 -26.88 -35.37 9.03
CA PHE G 198 -25.50 -35.51 9.48
C PHE G 198 -24.96 -36.80 8.90
N PRO G 199 -23.98 -36.75 7.99
CA PRO G 199 -23.47 -37.98 7.41
C PRO G 199 -22.43 -38.62 8.31
N SER G 200 -22.46 -39.95 8.35
CA SER G 200 -21.61 -40.71 9.26
C SER G 200 -20.14 -40.36 9.00
N PRO G 201 -19.33 -40.23 10.07
CA PRO G 201 -17.89 -39.94 9.89
C PRO G 201 -17.11 -41.13 9.37
N GLU G 202 -15.84 -40.96 9.06
CA GLU G 202 -14.99 -42.06 8.56
C GLU G 202 -14.10 -42.65 9.67
N ASN H 2 -15.52 8.28 -20.08
CA ASN H 2 -16.51 8.22 -19.01
C ASN H 2 -16.02 7.47 -17.77
N ALA H 3 -15.02 8.03 -17.09
CA ALA H 3 -14.44 7.38 -15.90
C ALA H 3 -15.23 7.67 -14.64
N GLY H 4 -15.78 8.88 -14.54
CA GLY H 4 -16.53 9.27 -13.36
C GLY H 4 -15.63 9.92 -12.33
N VAL H 5 -15.74 9.47 -11.10
CA VAL H 5 -14.94 9.98 -9.99
C VAL H 5 -13.87 8.94 -9.67
N THR H 6 -12.61 9.34 -9.79
CA THR H 6 -11.46 8.46 -9.57
C THR H 6 -10.68 8.97 -8.37
N GLN H 7 -10.68 8.19 -7.29
CA GLN H 7 -9.92 8.51 -6.09
C GLN H 7 -8.95 7.39 -5.79
N THR H 8 -7.82 7.74 -5.19
CA THR H 8 -6.78 6.81 -4.82
C THR H 8 -6.19 7.29 -3.49
N PRO H 9 -5.62 6.39 -2.70
CA PRO H 9 -5.51 4.93 -2.91
C PRO H 9 -6.77 4.21 -2.50
N LYS H 10 -7.02 2.99 -2.96
CA LYS H 10 -8.17 2.26 -2.44
C LYS H 10 -7.95 1.85 -0.98
N PHE H 11 -6.70 1.60 -0.56
CA PHE H 11 -6.37 1.16 0.80
C PHE H 11 -5.08 1.80 1.29
N GLN H 12 -5.03 2.12 2.58
CA GLN H 12 -3.80 2.64 3.18
C GLN H 12 -3.76 2.28 4.67
N VAL H 13 -2.55 1.98 5.16
CA VAL H 13 -2.27 1.78 6.58
C VAL H 13 -1.31 2.88 6.99
N LEU H 14 -1.52 3.47 8.18
CA LEU H 14 -0.74 4.64 8.61
C LEU H 14 -0.35 4.54 10.07
N LYS H 15 0.82 5.10 10.36
CA LYS H 15 1.37 5.17 11.71
C LYS H 15 1.13 6.56 12.26
N THR H 16 0.74 6.61 13.55
CA THR H 16 0.37 7.87 14.19
C THR H 16 1.39 8.96 13.92
N GLY H 17 0.94 10.05 13.31
CA GLY H 17 1.78 11.20 13.04
C GLY H 17 2.23 11.33 11.61
N GLN H 18 1.92 10.38 10.75
CA GLN H 18 2.34 10.43 9.36
C GLN H 18 1.53 11.46 8.57
N SER H 19 2.14 12.00 7.51
CA SER H 19 1.44 12.77 6.51
C SER H 19 0.85 11.85 5.45
N MET H 20 -0.19 12.35 4.78
CA MET H 20 -0.94 11.52 3.84
C MET H 20 -1.79 12.45 3.00
N THR H 21 -1.83 12.18 1.70
CA THR H 21 -2.60 12.99 0.77
C THR H 21 -3.36 12.06 -0.17
N LEU H 22 -4.67 12.16 -0.15
CA LEU H 22 -5.54 11.38 -1.01
C LEU H 22 -5.89 12.19 -2.25
N GLN H 23 -6.07 11.50 -3.38
CA GLN H 23 -6.29 12.15 -4.65
C GLN H 23 -7.73 11.92 -5.11
N CYS H 24 -8.26 12.88 -5.84
CA CYS H 24 -9.60 12.73 -6.42
C CYS H 24 -9.67 13.50 -7.73
N ALA H 25 -10.19 12.84 -8.77
CA ALA H 25 -10.41 13.49 -10.06
C ALA H 25 -11.80 13.14 -10.56
N GLN H 26 -12.40 14.09 -11.28
CA GLN H 26 -13.66 13.85 -11.99
C GLN H 26 -13.49 14.28 -13.43
N ASP H 27 -13.86 13.40 -14.36
CA ASP H 27 -13.79 13.68 -15.80
C ASP H 27 -15.13 14.19 -16.35
N MET H 28 -16.07 14.54 -15.47
CA MET H 28 -17.42 14.92 -15.86
C MET H 28 -17.61 16.42 -16.02
N ASN H 29 -16.55 17.20 -15.87
CA ASN H 29 -16.60 18.65 -16.03
C ASN H 29 -17.62 19.28 -15.07
N HIS H 30 -17.75 18.68 -13.89
CA HIS H 30 -18.52 19.24 -12.78
C HIS H 30 -17.78 20.42 -12.18
N ASN H 31 -18.46 21.08 -11.25
CA ASN H 31 -17.85 22.23 -10.61
C ASN H 31 -17.73 22.06 -9.11
N SER H 32 -18.62 21.31 -8.46
CA SER H 32 -18.62 21.15 -7.01
C SER H 32 -18.05 19.78 -6.62
N MET H 33 -17.05 19.79 -5.75
CA MET H 33 -16.42 18.56 -5.27
C MET H 33 -16.36 18.56 -3.75
N TYR H 34 -16.39 17.34 -3.18
CA TYR H 34 -16.57 17.12 -1.75
C TYR H 34 -15.66 15.99 -1.27
N TRP H 35 -15.46 15.95 0.05
CA TRP H 35 -14.77 14.87 0.74
C TRP H 35 -15.60 14.49 1.96
N TYR H 36 -16.13 13.27 1.95
CA TYR H 36 -16.93 12.73 3.03
C TYR H 36 -16.14 11.66 3.78
N ARG H 37 -16.56 11.36 4.99
CA ARG H 37 -16.04 10.21 5.70
C ARG H 37 -17.19 9.40 6.28
N GLN H 38 -17.12 8.09 6.08
CA GLN H 38 -18.17 7.16 6.50
C GLN H 38 -17.67 6.36 7.68
N ASP H 39 -18.45 6.36 8.76
CA ASP H 39 -18.16 5.65 10.00
C ASP H 39 -19.33 4.78 10.38
N PRO H 40 -19.09 3.71 11.13
CA PRO H 40 -20.20 2.88 11.62
C PRO H 40 -21.16 3.68 12.47
N GLY H 41 -22.46 3.53 12.17
CA GLY H 41 -23.53 4.14 12.94
C GLY H 41 -23.85 5.57 12.57
N MET H 42 -22.95 6.27 11.88
CA MET H 42 -23.14 7.67 11.55
C MET H 42 -23.53 7.79 10.09
N GLY H 43 -24.32 8.82 9.79
CA GLY H 43 -24.43 9.25 8.42
C GLY H 43 -23.16 9.92 7.96
N LEU H 44 -22.89 9.79 6.65
CA LEU H 44 -21.81 10.49 5.96
C LEU H 44 -21.56 11.86 6.57
N ARG H 45 -20.32 12.32 6.61
CA ARG H 45 -20.03 13.63 7.16
C ARG H 45 -19.05 14.35 6.26
N LEU H 46 -19.38 15.58 5.87
CA LEU H 46 -18.48 16.36 5.04
C LEU H 46 -17.21 16.74 5.79
N ILE H 47 -16.06 16.68 5.09
CA ILE H 47 -14.78 17.13 5.64
C ILE H 47 -14.50 18.55 5.17
N TYR H 48 -14.37 18.71 3.86
CA TYR H 48 -14.20 19.99 3.21
C TYR H 48 -14.99 19.95 1.89
N TYR H 49 -15.28 21.12 1.33
CA TYR H 49 -15.87 21.13 0.01
C TYR H 49 -15.31 22.28 -0.81
N SER H 50 -15.57 22.20 -2.11
CA SER H 50 -15.06 23.16 -3.10
C SER H 50 -16.18 23.46 -4.10
N ALA H 51 -16.95 24.51 -3.82
CA ALA H 51 -18.16 24.82 -4.59
C ALA H 51 -17.87 25.07 -6.06
N SER H 52 -16.68 25.58 -6.36
CA SER H 52 -16.34 25.98 -7.72
C SER H 52 -14.82 26.08 -7.77
N GLU H 53 -14.25 25.86 -8.95
CA GLU H 53 -12.81 25.95 -9.08
C GLU H 53 -12.31 27.34 -8.71
N GLY H 54 -11.89 27.50 -7.46
CA GLY H 54 -11.39 28.79 -7.07
C GLY H 54 -11.81 29.10 -5.65
N THR H 55 -12.53 28.18 -5.03
CA THR H 55 -12.96 28.37 -3.64
C THR H 55 -12.91 27.03 -2.93
N THR H 56 -12.75 27.09 -1.60
CA THR H 56 -12.88 25.92 -0.73
C THR H 56 -13.50 26.40 0.56
N ASP H 57 -13.97 25.46 1.38
CA ASP H 57 -14.48 25.84 2.69
C ASP H 57 -14.65 24.58 3.53
N LYS H 58 -14.63 24.78 4.85
CA LYS H 58 -14.74 23.67 5.80
C LYS H 58 -16.15 23.09 5.82
N GLY H 59 -16.24 21.82 6.15
CA GLY H 59 -17.50 21.13 6.37
C GLY H 59 -17.80 20.93 7.86
N GLU H 60 -18.38 19.77 8.17
CA GLU H 60 -18.84 19.51 9.54
C GLU H 60 -17.71 19.10 10.46
N VAL H 61 -16.68 18.43 9.94
CA VAL H 61 -15.64 17.87 10.78
C VAL H 61 -14.29 18.09 10.11
N PRO H 62 -13.78 19.32 10.10
CA PRO H 62 -12.55 19.61 9.36
C PRO H 62 -11.26 19.53 10.16
N ASN H 63 -11.35 19.32 11.47
CA ASN H 63 -10.18 19.44 12.35
C ASN H 63 -9.18 18.32 12.09
N GLY H 64 -7.93 18.71 11.84
CA GLY H 64 -6.93 17.74 11.45
C GLY H 64 -6.95 17.36 10.00
N TYR H 65 -7.59 18.14 9.14
CA TYR H 65 -7.51 17.95 7.69
C TYR H 65 -7.25 19.28 7.01
N ASN H 66 -7.02 19.20 5.71
CA ASN H 66 -6.96 20.38 4.85
C ASN H 66 -7.03 19.88 3.42
N VAL H 67 -7.38 20.77 2.50
CA VAL H 67 -7.59 20.41 1.11
C VAL H 67 -6.93 21.47 0.21
N SER H 68 -7.01 21.21 -1.09
CA SER H 68 -6.52 22.16 -2.08
C SER H 68 -7.18 21.85 -3.41
N ARG H 69 -7.89 22.84 -3.95
CA ARG H 69 -8.54 22.70 -5.26
C ARG H 69 -7.46 22.93 -6.30
N LEU H 70 -6.82 21.84 -6.74
CA LEU H 70 -5.72 22.00 -7.70
C LEU H 70 -6.20 22.60 -9.01
N ASN H 71 -7.37 22.20 -9.50
CA ASN H 71 -7.89 22.70 -10.77
C ASN H 71 -9.39 22.41 -10.84
N LYS H 72 -9.95 22.39 -12.05
CA LYS H 72 -11.36 22.07 -12.17
C LYS H 72 -11.66 20.58 -12.00
N ARG H 73 -10.69 19.70 -12.13
CA ARG H 73 -10.99 18.29 -12.02
C ARG H 73 -10.46 17.63 -10.75
N GLU H 74 -9.53 18.26 -10.04
CA GLU H 74 -8.80 17.59 -8.97
C GLU H 74 -8.97 18.30 -7.63
N PHE H 75 -9.29 17.52 -6.59
CA PHE H 75 -9.63 18.00 -5.26
C PHE H 75 -9.01 16.99 -4.30
N SER H 76 -8.04 17.43 -3.52
CA SER H 76 -7.19 16.51 -2.77
C SER H 76 -7.29 16.75 -1.26
N LEU H 77 -7.33 15.65 -0.51
CA LEU H 77 -7.44 15.70 0.95
C LEU H 77 -6.08 15.37 1.56
N ARG H 78 -5.66 16.17 2.54
CA ARG H 78 -4.41 15.93 3.25
C ARG H 78 -4.67 15.74 4.74
N LEU H 79 -3.93 14.81 5.36
CA LEU H 79 -3.93 14.57 6.79
C LEU H 79 -2.60 15.04 7.35
N GLU H 80 -2.62 16.10 8.15
CA GLU H 80 -1.38 16.68 8.64
C GLU H 80 -0.68 15.74 9.62
N SER H 81 -1.36 15.31 10.67
CA SER H 81 -0.79 14.40 11.67
C SER H 81 -1.82 13.31 11.93
N ALA H 82 -1.61 12.16 11.31
CA ALA H 82 -2.60 11.09 11.38
C ALA H 82 -2.86 10.71 12.84
N ALA H 83 -4.08 10.28 13.10
CA ALA H 83 -4.56 9.98 14.44
C ALA H 83 -5.54 8.82 14.42
N PRO H 84 -5.44 7.92 15.40
CA PRO H 84 -6.36 6.77 15.47
C PRO H 84 -7.83 7.13 15.28
N SER H 85 -8.25 8.33 15.65
CA SER H 85 -9.64 8.74 15.41
C SER H 85 -9.92 8.99 13.93
N GLN H 86 -8.89 9.21 13.10
CA GLN H 86 -9.07 9.46 11.67
C GLN H 86 -9.19 8.18 10.85
N THR H 87 -9.18 7.02 11.49
CA THR H 87 -9.46 5.77 10.80
C THR H 87 -10.88 5.80 10.28
N SER H 88 -11.05 5.85 8.96
CA SER H 88 -12.38 5.69 8.36
C SER H 88 -12.26 5.41 6.88
N VAL H 89 -13.41 5.25 6.24
CA VAL H 89 -13.51 5.19 4.79
C VAL H 89 -13.86 6.59 4.32
N TYR H 90 -13.11 7.09 3.34
CA TYR H 90 -13.29 8.45 2.87
C TYR H 90 -13.74 8.42 1.42
N PHE H 91 -14.89 9.02 1.13
CA PHE H 91 -15.38 9.07 -0.23
C PHE H 91 -15.20 10.47 -0.78
N CYS H 92 -14.77 10.54 -2.03
CA CYS H 92 -14.80 11.74 -2.83
C CYS H 92 -16.15 11.81 -3.54
N ALA H 93 -16.60 13.02 -3.86
CA ALA H 93 -17.88 13.16 -4.54
C ALA H 93 -17.86 14.39 -5.44
N SER H 94 -18.77 14.40 -6.41
CA SER H 94 -18.84 15.48 -7.38
C SER H 94 -20.26 15.71 -7.87
N SER H 95 -20.60 16.98 -8.07
CA SER H 95 -21.89 17.38 -8.62
C SER H 95 -21.68 18.60 -9.50
N VAL H 96 -22.62 18.79 -10.43
CA VAL H 96 -22.44 19.83 -11.45
C VAL H 96 -22.34 21.20 -10.82
N TRP H 97 -23.21 21.48 -9.83
CA TRP H 97 -23.25 22.74 -9.08
C TRP H 97 -23.67 22.46 -7.64
N THR H 98 -23.24 23.31 -6.72
CA THR H 98 -23.80 23.41 -5.38
C THR H 98 -24.87 24.49 -5.37
N GLY H 99 -25.89 24.31 -4.54
CA GLY H 99 -27.03 25.18 -4.52
C GLY H 99 -28.18 24.72 -5.40
N GLU H 100 -27.89 24.04 -6.53
CA GLU H 100 -28.92 23.37 -7.31
C GLU H 100 -29.58 22.29 -6.46
N GLY H 101 -30.92 22.30 -6.47
CA GLY H 101 -31.70 21.50 -5.56
C GLY H 101 -31.83 20.03 -5.88
N SER H 102 -31.88 19.66 -7.17
CA SER H 102 -31.96 18.28 -7.60
C SER H 102 -30.64 17.71 -8.09
N GLY H 103 -29.59 18.54 -8.19
CA GLY H 103 -28.27 18.06 -8.53
C GLY H 103 -27.78 17.03 -7.53
N GLU H 104 -27.62 15.79 -7.97
CA GLU H 104 -27.20 14.71 -7.10
C GLU H 104 -25.67 14.62 -7.02
N LEU H 105 -25.19 13.70 -6.18
CA LEU H 105 -23.77 13.49 -5.93
C LEU H 105 -23.31 12.20 -6.61
N PHE H 106 -22.27 12.30 -7.43
CA PHE H 106 -21.61 11.14 -8.01
C PHE H 106 -20.41 10.81 -7.14
N PHE H 107 -20.33 9.56 -6.67
CA PHE H 107 -19.31 9.19 -5.70
C PHE H 107 -18.19 8.36 -6.36
N GLY H 108 -17.01 8.42 -5.74
CA GLY H 108 -15.89 7.61 -6.13
C GLY H 108 -15.82 6.29 -5.38
N GLU H 109 -14.83 5.47 -5.78
CA GLU H 109 -14.73 4.10 -5.28
C GLU H 109 -14.59 4.03 -3.76
N GLY H 110 -13.84 4.96 -3.15
CA GLY H 110 -13.56 4.88 -1.73
C GLY H 110 -12.10 4.74 -1.34
N SER H 111 -11.76 5.18 -0.12
CA SER H 111 -10.44 4.98 0.46
C SER H 111 -10.61 4.50 1.89
N ARG H 112 -10.02 3.35 2.20
CA ARG H 112 -10.15 2.75 3.51
C ARG H 112 -8.83 3.00 4.22
N LEU H 113 -8.88 3.86 5.22
CA LEU H 113 -7.70 4.30 5.95
C LEU H 113 -7.74 3.77 7.37
N THR H 114 -6.56 3.50 7.91
CA THR H 114 -6.46 2.90 9.22
C THR H 114 -5.20 3.45 9.86
N VAL H 115 -5.37 4.35 10.83
CA VAL H 115 -4.24 4.86 11.59
C VAL H 115 -4.08 4.00 12.83
N LEU H 116 -2.86 3.48 13.03
CA LEU H 116 -2.53 2.56 14.10
C LEU H 116 -1.42 3.11 14.97
N GLU H 117 -1.33 2.58 16.20
CA GLU H 117 -0.35 3.08 17.14
C GLU H 117 1.07 2.65 16.77
N ASP H 118 1.23 1.41 16.30
CA ASP H 118 2.52 0.75 16.40
C ASP H 118 3.03 0.13 15.10
N LEU H 119 2.13 -0.35 14.24
CA LEU H 119 2.41 -1.20 13.08
C LEU H 119 2.71 -2.65 13.42
N LYS H 120 3.29 -2.93 14.60
CA LYS H 120 3.54 -4.31 15.09
C LYS H 120 2.23 -5.14 15.27
N ASN H 121 1.06 -4.64 14.89
CA ASN H 121 -0.17 -5.43 14.90
C ASN H 121 -0.63 -5.81 13.50
N VAL H 122 0.07 -5.36 12.47
CA VAL H 122 -0.30 -5.68 11.10
C VAL H 122 0.02 -7.13 10.79
N PHE H 123 -0.91 -7.79 10.09
CA PHE H 123 -0.75 -9.20 9.71
C PHE H 123 -1.32 -9.53 8.34
N PRO H 124 -0.61 -10.25 7.50
CA PRO H 124 -1.23 -10.74 6.27
C PRO H 124 -2.13 -11.91 6.58
N PRO H 125 -2.98 -12.31 5.63
CA PRO H 125 -3.89 -13.42 5.89
C PRO H 125 -3.22 -14.77 5.72
N GLU H 126 -3.81 -15.77 6.36
CA GLU H 126 -3.42 -17.15 6.19
C GLU H 126 -4.54 -17.83 5.41
N VAL H 127 -4.28 -18.09 4.15
CA VAL H 127 -5.26 -18.63 3.21
C VAL H 127 -5.15 -20.15 3.17
N ALA H 128 -6.27 -20.84 2.91
CA ALA H 128 -6.27 -22.30 2.84
C ALA H 128 -7.55 -22.86 2.20
N VAL H 129 -7.44 -23.67 1.16
CA VAL H 129 -8.62 -24.24 0.48
C VAL H 129 -8.91 -25.63 1.01
N PHE H 130 -10.19 -25.97 1.10
CA PHE H 130 -10.68 -27.22 1.70
C PHE H 130 -11.66 -27.86 0.73
N GLU H 131 -11.40 -29.10 0.32
CA GLU H 131 -12.11 -29.66 -0.81
C GLU H 131 -13.50 -30.18 -0.43
N PRO H 132 -14.42 -30.30 -1.41
CA PRO H 132 -15.79 -30.75 -1.15
C PRO H 132 -15.88 -32.06 -0.39
N SER H 133 -17.01 -32.19 0.32
CA SER H 133 -17.36 -33.42 1.00
C SER H 133 -17.81 -34.47 0.00
N GLU H 134 -17.47 -35.74 0.29
CA GLU H 134 -18.01 -36.82 -0.52
C GLU H 134 -19.48 -37.04 -0.20
N ALA H 135 -19.82 -36.97 1.10
CA ALA H 135 -21.23 -37.03 1.50
C ALA H 135 -22.04 -36.03 0.70
N GLU H 136 -21.52 -34.80 0.51
CA GLU H 136 -22.28 -33.75 -0.14
C GLU H 136 -22.62 -34.14 -1.58
N ILE H 137 -21.61 -34.41 -2.39
CA ILE H 137 -21.79 -34.80 -3.79
C ILE H 137 -22.79 -35.94 -3.94
N SER H 138 -22.78 -36.90 -3.01
CA SER H 138 -23.71 -38.02 -3.12
C SER H 138 -25.15 -37.56 -2.94
N HIS H 139 -25.35 -36.62 -2.02
CA HIS H 139 -26.68 -36.25 -1.56
C HIS H 139 -27.28 -35.10 -2.37
N THR H 140 -26.44 -34.23 -2.95
CA THR H 140 -26.90 -33.07 -3.69
C THR H 140 -26.46 -33.04 -5.13
N GLN H 141 -25.52 -33.89 -5.53
CA GLN H 141 -24.92 -33.88 -6.87
C GLN H 141 -24.33 -32.52 -7.23
N LYS H 142 -23.69 -31.85 -6.27
CA LYS H 142 -22.88 -30.68 -6.54
C LYS H 142 -21.86 -30.53 -5.44
N ALA H 143 -20.90 -29.63 -5.65
CA ALA H 143 -19.65 -29.64 -4.90
C ALA H 143 -19.36 -28.25 -4.35
N THR H 144 -19.14 -28.15 -3.05
CA THR H 144 -18.83 -26.87 -2.41
C THR H 144 -17.42 -26.94 -1.84
N LEU H 145 -16.50 -26.13 -2.39
CA LEU H 145 -15.23 -25.78 -1.78
C LEU H 145 -15.39 -24.58 -0.87
N VAL H 146 -14.37 -24.32 -0.05
CA VAL H 146 -14.41 -23.29 0.98
C VAL H 146 -13.02 -22.69 1.11
N CYS H 147 -12.94 -21.38 1.31
CA CYS H 147 -11.64 -20.71 1.46
C CYS H 147 -11.59 -19.88 2.73
N LEU H 148 -10.65 -20.19 3.61
CA LEU H 148 -10.54 -19.52 4.91
C LEU H 148 -9.30 -18.64 4.96
N ALA H 149 -9.52 -17.33 4.89
CA ALA H 149 -8.44 -16.37 5.12
C ALA H 149 -8.48 -15.93 6.57
N THR H 150 -7.44 -16.22 7.32
CA THR H 150 -7.48 -16.06 8.76
C THR H 150 -6.25 -15.33 9.29
N GLY H 151 -6.46 -14.66 10.42
CA GLY H 151 -5.40 -14.01 11.17
C GLY H 151 -4.89 -12.70 10.63
N PHE H 152 -5.71 -11.94 9.90
CA PHE H 152 -5.20 -10.73 9.27
C PHE H 152 -5.66 -9.49 10.02
N TYR H 153 -4.93 -8.39 9.78
CA TYR H 153 -5.12 -7.09 10.43
C TYR H 153 -4.36 -6.03 9.65
N PRO H 154 -5.00 -4.94 9.19
CA PRO H 154 -6.40 -4.50 9.19
C PRO H 154 -7.28 -5.23 8.19
N ASP H 155 -8.53 -4.78 8.07
CA ASP H 155 -9.50 -5.40 7.18
C ASP H 155 -9.31 -4.87 5.74
N HIS H 156 -8.13 -5.15 5.21
CA HIS H 156 -7.71 -4.65 3.90
C HIS H 156 -7.50 -5.82 2.94
N VAL H 157 -8.59 -6.51 2.59
CA VAL H 157 -8.49 -7.79 1.90
C VAL H 157 -9.52 -7.88 0.77
N GLU H 158 -9.11 -8.48 -0.36
CA GLU H 158 -9.98 -8.74 -1.51
C GLU H 158 -9.81 -10.18 -1.94
N LEU H 159 -10.83 -10.99 -1.69
CA LEU H 159 -10.79 -12.42 -1.98
C LEU H 159 -11.52 -12.70 -3.29
N SER H 160 -10.90 -13.53 -4.13
CA SER H 160 -11.34 -13.82 -5.48
C SER H 160 -11.03 -15.28 -5.82
N TRP H 161 -12.00 -15.97 -6.45
CA TRP H 161 -11.83 -17.33 -6.95
C TRP H 161 -11.38 -17.35 -8.41
N TRP H 162 -10.57 -18.36 -8.75
CA TRP H 162 -9.89 -18.39 -10.05
C TRP H 162 -9.89 -19.81 -10.61
N VAL H 163 -11.02 -20.28 -11.15
CA VAL H 163 -11.03 -21.62 -11.73
C VAL H 163 -10.51 -21.56 -13.15
N ASN H 164 -9.69 -22.56 -13.50
CA ASN H 164 -9.04 -22.65 -14.80
C ASN H 164 -8.44 -21.32 -15.20
N GLY H 165 -7.88 -20.62 -14.21
CA GLY H 165 -7.06 -19.46 -14.45
C GLY H 165 -7.80 -18.17 -14.67
N LYS H 166 -9.08 -18.21 -15.05
CA LYS H 166 -9.91 -17.03 -15.22
C LYS H 166 -10.74 -16.81 -13.95
N GLU H 167 -10.98 -15.55 -13.61
CA GLU H 167 -11.74 -15.26 -12.40
C GLU H 167 -13.20 -15.62 -12.61
N VAL H 168 -13.88 -15.96 -11.52
CA VAL H 168 -15.28 -16.34 -11.53
C VAL H 168 -15.96 -15.76 -10.31
N HIS H 169 -17.24 -15.41 -10.50
CA HIS H 169 -18.09 -14.87 -9.45
C HIS H 169 -19.39 -15.65 -9.27
N SER H 170 -19.84 -16.42 -10.28
CA SER H 170 -21.04 -17.24 -10.15
C SER H 170 -20.80 -18.43 -9.24
N GLY H 171 -21.72 -18.66 -8.32
CA GLY H 171 -21.58 -19.71 -7.36
C GLY H 171 -20.72 -19.35 -6.17
N VAL H 172 -20.30 -18.10 -6.05
CA VAL H 172 -19.43 -17.65 -4.96
C VAL H 172 -20.26 -16.99 -3.88
N CYS H 173 -19.88 -17.16 -2.61
CA CYS H 173 -20.42 -16.31 -1.55
C CYS H 173 -19.30 -16.00 -0.56
N THR H 174 -18.82 -14.76 -0.58
CA THR H 174 -17.85 -14.35 0.41
C THR H 174 -18.55 -13.48 1.45
N ASP H 175 -18.16 -13.67 2.72
CA ASP H 175 -18.80 -12.96 3.80
C ASP H 175 -18.72 -11.46 3.54
N PRO H 176 -19.78 -10.72 3.83
CA PRO H 176 -19.78 -9.28 3.54
C PRO H 176 -19.05 -8.49 4.59
N GLN H 177 -18.78 -9.06 5.76
CA GLN H 177 -17.98 -8.44 6.80
C GLN H 177 -17.09 -9.48 7.46
N PRO H 178 -15.91 -9.08 7.94
CA PRO H 178 -15.01 -10.04 8.56
C PRO H 178 -15.46 -10.47 9.96
N LEU H 179 -14.91 -11.57 10.40
CA LEU H 179 -15.16 -12.11 11.73
C LEU H 179 -13.97 -11.77 12.61
N LYS H 180 -14.22 -11.10 13.73
CA LYS H 180 -13.16 -10.92 14.72
C LYS H 180 -12.82 -12.25 15.37
N GLU H 181 -11.54 -12.61 15.37
CA GLU H 181 -11.17 -13.89 15.95
C GLU H 181 -11.22 -13.86 17.46
N GLN H 182 -10.96 -12.70 18.07
CA GLN H 182 -11.04 -12.49 19.51
C GLN H 182 -12.00 -11.35 19.78
N PRO H 183 -13.30 -11.61 19.95
CA PRO H 183 -14.28 -10.51 19.99
C PRO H 183 -14.05 -9.53 21.13
N ALA H 184 -13.32 -9.93 22.17
CA ALA H 184 -13.06 -9.05 23.30
C ALA H 184 -12.00 -8.00 22.99
N LEU H 185 -10.89 -8.40 22.37
CA LEU H 185 -9.76 -7.50 22.15
C LEU H 185 -10.11 -6.35 21.20
N ASN H 186 -9.65 -5.14 21.55
CA ASN H 186 -9.91 -3.97 20.73
C ASN H 186 -9.18 -4.06 19.40
N ASP H 187 -8.02 -4.70 19.39
CA ASP H 187 -7.20 -4.83 18.19
C ASP H 187 -7.10 -6.30 17.75
N SER H 188 -8.24 -6.91 17.48
CA SER H 188 -8.26 -8.32 17.08
C SER H 188 -7.89 -8.47 15.61
N ARG H 189 -7.48 -9.68 15.26
CA ARG H 189 -7.29 -10.08 13.87
C ARG H 189 -8.60 -10.68 13.36
N TYR H 190 -8.77 -10.64 12.04
CA TYR H 190 -10.03 -10.99 11.43
C TYR H 190 -9.89 -12.32 10.71
N ALA H 191 -11.03 -12.93 10.40
CA ALA H 191 -11.06 -14.12 9.58
C ALA H 191 -12.23 -13.99 8.62
N LEU H 192 -11.98 -14.29 7.36
CA LEU H 192 -12.96 -14.15 6.29
C LEU H 192 -13.16 -15.51 5.65
N SER H 193 -14.41 -15.95 5.50
CA SER H 193 -14.70 -17.21 4.83
C SER H 193 -15.32 -16.96 3.46
N SER H 194 -15.29 -17.99 2.62
CA SER H 194 -15.80 -17.87 1.25
C SER H 194 -16.18 -19.25 0.73
N ARG H 195 -17.20 -19.29 -0.12
CA ARG H 195 -17.62 -20.54 -0.73
C ARG H 195 -17.62 -20.41 -2.25
N LEU H 196 -17.26 -21.52 -2.90
CA LEU H 196 -17.49 -21.70 -4.32
C LEU H 196 -18.21 -23.03 -4.42
N ARG H 197 -19.29 -23.06 -5.19
CA ARG H 197 -20.10 -24.26 -5.27
C ARG H 197 -20.31 -24.59 -6.74
N VAL H 198 -19.70 -25.68 -7.18
CA VAL H 198 -19.77 -26.09 -8.56
C VAL H 198 -20.65 -27.31 -8.64
N SER H 199 -20.99 -27.69 -9.88
CA SER H 199 -21.71 -28.94 -10.08
C SER H 199 -20.80 -30.12 -9.82
N ALA H 200 -21.41 -31.24 -9.43
CA ALA H 200 -20.61 -32.40 -9.12
C ALA H 200 -19.86 -32.90 -10.34
N THR H 201 -20.40 -32.68 -11.54
CA THR H 201 -19.67 -33.08 -12.74
C THR H 201 -18.45 -32.20 -12.94
N PHE H 202 -18.57 -30.91 -12.66
CA PHE H 202 -17.44 -30.00 -12.87
C PHE H 202 -16.28 -30.33 -11.94
N TRP H 203 -16.58 -30.73 -10.71
CA TRP H 203 -15.52 -31.00 -9.76
C TRP H 203 -14.80 -32.29 -10.12
N GLN H 204 -15.55 -33.26 -10.61
CA GLN H 204 -15.00 -34.59 -10.84
C GLN H 204 -14.15 -34.68 -12.11
N ASN H 205 -13.99 -33.58 -12.85
CA ASN H 205 -12.98 -33.53 -13.89
C ASN H 205 -11.64 -33.26 -13.23
N PRO H 206 -10.72 -34.21 -13.29
CA PRO H 206 -9.42 -34.02 -12.65
C PRO H 206 -8.60 -32.91 -13.29
N ARG H 207 -8.99 -32.43 -14.48
CA ARG H 207 -8.22 -31.43 -15.21
C ARG H 207 -8.74 -30.00 -14.98
N ASN H 208 -9.71 -29.82 -14.08
CA ASN H 208 -10.12 -28.49 -13.64
C ASN H 208 -9.34 -28.11 -12.39
N HIS H 209 -8.85 -26.86 -12.36
CA HIS H 209 -8.00 -26.37 -11.29
C HIS H 209 -8.63 -25.12 -10.66
N PHE H 210 -8.86 -25.16 -9.35
CA PHE H 210 -9.44 -24.07 -8.59
C PHE H 210 -8.35 -23.37 -7.77
N ARG H 211 -8.44 -22.04 -7.67
CA ARG H 211 -7.49 -21.30 -6.83
C ARG H 211 -8.22 -20.16 -6.12
N CYS H 212 -8.09 -20.13 -4.80
CA CYS H 212 -8.63 -19.05 -3.97
C CYS H 212 -7.50 -18.09 -3.60
N GLN H 213 -7.50 -16.89 -4.18
CA GLN H 213 -6.46 -15.89 -3.97
C GLN H 213 -7.01 -14.73 -3.17
N VAL H 214 -6.16 -14.14 -2.34
CA VAL H 214 -6.57 -13.06 -1.45
C VAL H 214 -5.57 -11.92 -1.57
N GLN H 215 -6.03 -10.76 -1.99
CA GLN H 215 -5.16 -9.60 -2.08
C GLN H 215 -5.23 -8.80 -0.80
N PHE H 216 -4.10 -8.67 -0.11
CA PHE H 216 -3.99 -7.93 1.15
C PHE H 216 -3.24 -6.63 0.90
N TYR H 217 -3.64 -5.56 1.60
CA TYR H 217 -3.00 -4.26 1.50
C TYR H 217 -2.35 -3.95 2.85
N GLY H 218 -1.04 -3.81 2.86
CA GLY H 218 -0.33 -3.66 4.11
C GLY H 218 0.70 -2.56 4.01
N LEU H 219 1.96 -2.87 4.30
CA LEU H 219 3.01 -1.88 4.34
C LEU H 219 3.65 -1.68 2.97
N SER H 220 4.43 -0.59 2.86
CA SER H 220 5.28 -0.28 1.73
C SER H 220 6.75 -0.20 2.19
N GLU H 221 7.65 0.02 1.22
CA GLU H 221 9.08 0.02 1.49
C GLU H 221 9.47 1.06 2.54
N ASN H 222 8.72 2.15 2.63
CA ASN H 222 9.10 3.22 3.56
C ASN H 222 8.81 2.88 5.01
N ASP H 223 7.85 1.98 5.27
CA ASP H 223 7.39 1.72 6.62
C ASP H 223 8.46 1.00 7.42
N GLU H 224 9.01 1.68 8.41
CA GLU H 224 10.02 1.06 9.26
C GLU H 224 9.44 -0.16 9.96
N TRP H 225 10.19 -1.25 9.94
CA TRP H 225 9.80 -2.52 10.53
C TRP H 225 10.92 -2.98 11.45
N THR H 226 10.59 -3.29 12.72
CA THR H 226 11.59 -3.76 13.68
C THR H 226 11.27 -5.11 14.31
N GLN H 227 10.27 -5.82 13.80
CA GLN H 227 9.84 -7.07 14.45
C GLN H 227 10.63 -8.28 13.94
N ASP H 228 10.46 -9.39 14.64
CA ASP H 228 11.15 -10.62 14.26
C ASP H 228 10.53 -11.24 13.01
N ARG H 229 9.21 -11.20 12.90
CA ARG H 229 8.58 -11.90 11.79
C ARG H 229 8.75 -11.12 10.49
N ALA H 230 8.29 -11.71 9.40
CA ALA H 230 8.44 -11.08 8.09
C ALA H 230 7.58 -9.82 8.01
N LYS H 231 8.15 -8.75 7.47
CA LYS H 231 7.43 -7.50 7.36
C LYS H 231 6.18 -7.72 6.49
N PRO H 232 4.99 -7.24 6.93
CA PRO H 232 3.72 -7.52 6.24
C PRO H 232 3.41 -6.50 5.16
N VAL H 233 4.11 -6.62 4.03
CA VAL H 233 3.92 -5.70 2.93
C VAL H 233 2.65 -6.06 2.17
N THR H 234 2.24 -5.25 1.21
CA THR H 234 1.18 -5.66 0.32
C THR H 234 1.59 -6.95 -0.35
N GLN H 235 0.64 -7.87 -0.51
CA GLN H 235 0.95 -9.19 -1.05
C GLN H 235 -0.32 -9.90 -1.48
N ILE H 236 -0.13 -10.94 -2.29
CA ILE H 236 -1.17 -11.88 -2.68
C ILE H 236 -0.78 -13.26 -2.16
N VAL H 237 -1.69 -13.92 -1.46
CA VAL H 237 -1.41 -15.20 -0.82
C VAL H 237 -2.49 -16.18 -1.23
N SER H 238 -2.14 -17.12 -2.11
CA SER H 238 -3.12 -18.01 -2.73
C SER H 238 -3.26 -19.32 -1.94
N ALA H 239 -4.13 -20.18 -2.45
CA ALA H 239 -4.14 -21.61 -2.16
C ALA H 239 -4.88 -22.28 -3.31
N GLU H 240 -4.47 -23.47 -3.72
CA GLU H 240 -5.15 -24.08 -4.85
C GLU H 240 -5.72 -25.46 -4.49
N ALA H 241 -6.54 -25.98 -5.40
CA ALA H 241 -7.02 -27.35 -5.31
C ALA H 241 -7.34 -27.84 -6.71
N TRP H 242 -7.22 -29.15 -6.91
CA TRP H 242 -7.44 -29.74 -8.21
C TRP H 242 -8.67 -30.64 -8.16
N GLY H 243 -9.25 -30.87 -9.34
CA GLY H 243 -10.38 -31.76 -9.43
C GLY H 243 -9.98 -33.15 -8.98
N ARG H 244 -10.91 -33.81 -8.30
CA ARG H 244 -10.72 -35.21 -7.92
C ARG H 244 -11.76 -36.04 -8.66
N ALA H 245 -11.28 -37.00 -9.47
CA ALA H 245 -12.16 -37.88 -10.22
C ALA H 245 -12.78 -38.94 -9.32
N ASP H 246 -11.97 -39.62 -8.52
CA ASP H 246 -12.41 -40.70 -7.65
C ASP H 246 -13.31 -40.18 -6.53
N XIE I . -30.95 32.84 -0.74
N XIE I . -29.86 34.19 -3.66
C XIE I . -28.41 35.58 -0.49
C XIE I . -28.63 35.26 -0.27
C1 XIE I . -29.36 34.61 -1.06
C1 XIE I . -28.79 35.16 -1.72
C2 XIE I . -29.48 34.46 -2.44
C2 XIE I . -28.10 36.02 -2.56
C3 XIE I . -30.32 33.49 -2.95
C3 XIE I . -28.29 35.97 -3.91
C4 XIE I . -31.02 32.70 -2.07
C4 XIE I . -29.18 35.06 -4.42
C5 XIE I . -30.13 33.78 -0.26
C5 XIE I . -29.66 34.25 -2.33
C ACT J . -42.87 45.63 -2.03
O ACT J . -42.35 44.76 -2.79
OXT ACT J . -42.37 46.73 -1.62
CH3 ACT J . -44.34 45.33 -1.52
C ACT K . -37.09 46.61 -5.12
O ACT K . -37.66 45.57 -5.63
OXT ACT K . -37.68 47.65 -4.60
CH3 ACT K . -35.57 46.65 -5.11
N XIE L . 18.86 -26.37 -6.05
N XIE L . 19.47 -29.55 -6.30
C XIE L . 20.64 -27.41 -9.19
C XIE L . 21.05 -27.30 -8.86
C1 XIE L . 19.99 -27.48 -7.88
C1 XIE L . 20.28 -27.75 -7.69
C2 XIE L . 19.81 -28.71 -7.23
C2 XIE L . 19.51 -26.85 -6.95
C3 XIE L . 19.17 -28.75 -6.01
C3 XIE L . 18.74 -27.31 -5.91
C4 XIE L . 18.71 -27.58 -5.47
C4 XIE L . 18.74 -28.66 -5.63
C5 XIE L . 19.49 -26.36 -7.23
C5 XIE L . 20.23 -29.08 -7.30
C1 GOL M . 17.18 -26.32 -2.48
O1 GOL M . 18.11 -27.34 -2.70
C2 GOL M . 17.87 -25.29 -1.59
O2 GOL M . 18.78 -24.48 -2.28
C3 GOL M . 16.74 -24.49 -0.98
O3 GOL M . 17.33 -23.81 0.07
C ACT N . 1.69 -31.42 -34.23
O ACT N . 2.04 -32.55 -33.79
OXT ACT N . 2.41 -30.55 -34.78
CH3 ACT N . 0.16 -31.00 -34.07
C1 GOL O . -5.64 -45.86 -24.33
O1 GOL O . -5.11 -45.16 -25.44
C2 GOL O . -4.47 -46.52 -23.49
O2 GOL O . -4.81 -47.75 -22.92
C3 GOL O . -4.07 -45.46 -22.42
O3 GOL O . -5.25 -44.95 -21.87
C1 GOL P . -2.29 -53.11 -14.80
O1 GOL P . -2.47 -52.11 -15.78
C2 GOL P . -1.77 -52.46 -13.50
O2 GOL P . -1.93 -53.28 -12.39
C3 GOL P . -2.59 -51.17 -13.36
O3 GOL P . -2.33 -50.48 -14.53
C1 GOL Q . -4.52 -52.07 -21.35
O1 GOL Q . -4.53 -51.97 -19.93
C2 GOL Q . -3.03 -52.17 -21.80
O2 GOL Q . -2.80 -51.68 -23.09
C3 GOL Q . -2.26 -51.37 -20.76
O3 GOL Q . -2.28 -50.05 -21.16
C1 GOL R . -24.85 19.13 -3.28
O1 GOL R . -25.51 18.00 -3.80
C2 GOL R . -25.14 20.37 -4.21
O2 GOL R . -25.65 20.03 -5.49
C3 GOL R . -26.10 21.27 -3.42
O3 GOL R . -25.52 21.44 -2.16
NA NA S . -8.54 21.45 9.45
#